data_7MBN
#
_entry.id   7MBN
#
_cell.length_a   1.00
_cell.length_b   1.00
_cell.length_c   1.00
_cell.angle_alpha   90.00
_cell.angle_beta   90.00
_cell.angle_gamma   90.00
#
_symmetry.space_group_name_H-M   'P 1'
#
loop_
_entity.id
_entity.type
_entity.pdbx_description
1 polymer 'Retinoblastoma-binding protein 5'
2 polymer 'WD repeat-containing protein 5'
3 polymer 'Histone-lysine N-methyltransferase 2A'
4 polymer 'Set1/Ash2 histone methyltransferase complex subunit ASH2'
5 polymer 'Histone H3'
6 polymer 'Histone H4'
7 polymer 'Histone H2A'
8 polymer 'Histone H2B 1.1'
9 polymer 'DNA (146-MER)'
10 polymer 'DNA (146-MER)'
#
loop_
_entity_poly.entity_id
_entity_poly.type
_entity_poly.pdbx_seq_one_letter_code
_entity_poly.pdbx_strand_id
1 'polypeptide(L)'
;SNLELLESFGQNYPEEADGTLDCISMALTCTFNRWGTLLAVGCNDGRIVIWDFLTRGIAKIISAHIHPVCSLCWSRDGHK
LVSASTDNIVSQWDVLSGDCDQRFRFPSPILKVQYHPRDQNKVLVCPMKSAPVMLTLSDSKHVVLPVDDDSDLNVVASFD
RRGEYIYTGNAKGKILVLKTDSQDLVASFRVTTGTSNTTAIKSIEFARKGSCFLINTADRIIRVYDGREILTCGRDGEPE
PMQKLQDLVNRTPWKKCCFSGDGEYIVAGSARQHALYIWEKSIGNLVKILHGTRGELLLDVAWHPVRPIIASISSGVVSI
WAQNQVENWSAFAPDFKELDENVEYEERESEFDIEDEDKSEPEQTGADAAEDEEVDVTSVDPIAAFCSSDEELEDSKALL
YLPIAPEVEDPEENPYGPPPDAVQTSLMDEGASSEKKRQSSADGSQPPKKKPKTTNIELQGVPNDEVHPLLGVKGDGKSK
KKQAGRPKGSKGKEKDSPFKPKLYKGDRGLPLEGSAKGKVQAELSQPLTAGGAISELL
;
A
2 'polypeptide(L)'
;SATQSKPTPVKPNYALKFTLAGHTKAVSSVKFSPNGEWLASSSADKLIKIWGAYDGKFEKTISGHKLGISDVAWSSDSNL
LVSASDDKTLKIWDVSSGKCLKTLKGHSNYVFCCNFNPQSNLIVSGSFDESVRIWDVKTGKCLKTLPAHSDPVSAVHFNR
DGSLIVSSSYDGLCRIWDTASGQCLKTLIDDDNPPVSFVKFSPNGKYILAATLDNTLKLWDYSKGKCLKTYTGHKNEKYC
IFANFSVTGGKWIVSGSEDNLVYIWNLQTKEIVQKLQGHTDVVISTACHPTENIIASAALENDKTIKLWKSDC
;
B
3 'polypeptide(L)'
;SGSARAEVHLRKSAFDMFNFLASKHRQPPEYNPNDEEEEEVQLKSARRATSMDLPMPMRFRHLKKTSKEAVGVYRSPIHG
RGLFCKRNIDAGEMVIEYAGIVIRSILTDKREKYYDSKGIGCYMFRIDDSEVVDATMHGNAARFINHSCEPNCYSRVINI
DGQKHIVIFAMRKIYRGEELTYDYKFPIEDASNKLPCNCGAKKCRKFLN
;
C
4 'polypeptide(L)'
;SDTQAGSVDEENGRQLGEVELQCGICTKWFTADTFGIDTSSCLPFMTNYSFHCNVCHHSGNTYFLRKQANLKEMCLSALA
NLTWQSRTQDEHPKTMFSKDKDIIPFIDKYWECMTTRQRPGKMTWPNNIVKTMSKERDVFLVKEHPDPGSKDPEEDYPKF
GLLDQDLSNIGPAYDNQKQSSAVSTSGNLNGGIAAGSSGKGRGAKRKQQDGGTTGTTKKARSDPLFSAQRLPPHGYPLEH
PFNKDGYRYILAEPDPHAPDPEKLELDCWAGKPIPGDLYRACLYERVLLALHDRAPQLKISDDRLTVVGEKGYSMVRASH
GVRKGAWYFEITVDEMPPDTAARLGWSQPLGNLQAPLGYDKFSYSWRSKKGTKFHQSIGKHYSSGYGQGDVLGFYINLPE
DTETAKSLPDTYKDKALIKFKSYLYFEEKDFVDKAEKSLKQTPHSEIIFYKNGVNQGVAYKDIFEGVYFPAISLYKSCTV
SINFGPCFKYPPKDLTYRPMSDMGWGAVVEHTLADVLYHVETEVDGRRSPPWEP
;
D
5 'polypeptide(L)'
;MARTMQTARKSTGGKAPRKQLATKAARKSAPATGGVKKPHRYRPGTVALREIRRYQKSTELLIRKLPFQRLVREIAQDFK
TDLRFQSSAVMALQEASEAYLVALFEDTNLCAIHAKRVTIMPKDIQLARRIRGERA
;
G,K
6 'polypeptide(L)'
;MSGRGKGGKGLGKGGAKRHRKVLRDNIQGITKPAIRRLARRGGVKRISGLIYEETRGVLKVFLENVIRDAVTYTEHAKRK
TVTAMDVVYALKRQGRTLYGFGG
;
H,L
7 'polypeptide(L)'
;SGRGKQGGKTRAKAKTRSSRAGLQFPVGRVHRLLRKGNYAERVGAGAPVYLAAVLEYLTAEILELAGNAARDNKKTRIIP
RHLQLAVRNDEELNKLLGRVTIAQGGVLPNIQSVLLPKKTESSKSAKSK
;
I,M
8 'polypeptide(L)'
;MAKSAPAPKKGSKKAVTKTQKKDGKKRRKTRKESYAIYVYKVLKQVHPDTGISSKAMSIMNSFVNDVFERIAGEASRLAH
YNKRSTITSREIQTAVRLLLPGELAKHAVSEGTKAVTKYTSAK
;
J,N
9 'polydeoxyribonucleotide'
;(DA)(DT)(DC)(DG)(DA)(DG)(DA)(DA)(DT)(DC)(DC)(DC)(DG)(DG)(DT)(DG)(DC)(DC)(DG)(DA)
(DG)(DG)(DC)(DC)(DG)(DC)(DT)(DC)(DA)(DA)(DT)(DT)(DG)(DG)(DT)(DC)(DG)(DT)(DA)(DG)
(DA)(DC)(DA)(DG)(DC)(DT)(DC)(DT)(DA)(DG)(DC)(DA)(DC)(DC)(DG)(DC)(DT)(DT)(DA)(DA)
(DA)(DC)(DG)(DC)(DA)(DC)(DG)(DT)(DA)(DC)(DG)(DC)(DG)(DC)(DT)(DG)(DT)(DC)(DC)(DC)
(DC)(DC)(DG)(DC)(DG)(DT)(DT)(DT)(DT)(DA)(DA)(DC)(DC)(DG)(DC)(DC)(DA)(DA)(DG)(DG)
(DG)(DG)(DA)(DT)(DT)(DA)(DC)(DT)(DC)(DC)(DC)(DT)(DA)(DG)(DT)(DC)(DT)(DC)(DC)(DA)
(DG)(DG)(DC)(DA)(DC)(DG)(DT)(DG)(DT)(DC)(DA)(DG)(DA)(DT)(DA)(DT)(DA)(DT)(DA)(DC)
(DA)(DT)(DC)(DC)(DG)(DA)(DT)
;
O
10 'polydeoxyribonucleotide'
;(DA)(DT)(DC)(DG)(DG)(DA)(DT)(DG)(DT)(DA)(DT)(DA)(DT)(DA)(DT)(DC)(DT)(DG)(DA)(DC)
(DA)(DC)(DG)(DT)(DG)(DC)(DC)(DT)(DG)(DG)(DA)(DG)(DA)(DC)(DT)(DA)(DG)(DG)(DG)(DA)
(DG)(DT)(DA)(DA)(DT)(DC)(DC)(DC)(DC)(DT)(DT)(DG)(DG)(DC)(DG)(DG)(DT)(DT)(DA)(DA)
(DA)(DA)(DC)(DG)(DC)(DG)(DG)(DG)(DG)(DG)(DA)(DC)(DA)(DG)(DC)(DG)(DC)(DG)(DT)(DA)
(DC)(DG)(DT)(DG)(DC)(DG)(DT)(DT)(DT)(DA)(DA)(DG)(DC)(DG)(DG)(DT)(DG)(DC)(DT)(DA)
(DG)(DA)(DG)(DC)(DT)(DG)(DT)(DC)(DT)(DA)(DC)(DG)(DA)(DC)(DC)(DA)(DA)(DT)(DT)(DG)
(DA)(DG)(DC)(DG)(DG)(DC)(DC)(DT)(DC)(DG)(DG)(DC)(DA)(DC)(DC)(DG)(DG)(DG)(DA)(DT)
(DT)(DC)(DT)(DC)(DG)(DA)(DT)
;
P
#
loop_
_chem_comp.id
_chem_comp.type
_chem_comp.name
_chem_comp.formula
DA DNA linking 2'-DEOXYADENOSINE-5'-MONOPHOSPHATE 'C10 H14 N5 O6 P'
DC DNA linking 2'-DEOXYCYTIDINE-5'-MONOPHOSPHATE 'C9 H14 N3 O7 P'
DG DNA linking 2'-DEOXYGUANOSINE-5'-MONOPHOSPHATE 'C10 H14 N5 O7 P'
DT DNA linking THYMIDINE-5'-MONOPHOSPHATE 'C10 H15 N2 O8 P'
#
# COMPACT_ATOMS: atom_id res chain seq x y z
N ASP A 18 -19.59 -0.40 -22.75
CA ASP A 18 -18.44 0.20 -23.42
C ASP A 18 -18.60 0.07 -24.93
N GLY A 19 -19.85 -0.04 -25.38
CA GLY A 19 -20.15 -0.20 -26.78
C GLY A 19 -20.84 -1.51 -27.10
N THR A 20 -22.09 -1.43 -27.53
CA THR A 20 -22.89 -2.60 -27.88
C THR A 20 -23.31 -2.52 -29.35
N LEU A 21 -24.01 -3.55 -29.80
CA LEU A 21 -24.47 -3.67 -31.18
C LEU A 21 -25.96 -3.95 -31.18
N ASP A 22 -26.73 -3.06 -31.82
CA ASP A 22 -28.17 -3.23 -31.92
C ASP A 22 -28.59 -4.16 -33.05
N CYS A 23 -27.70 -4.42 -34.01
CA CYS A 23 -28.05 -5.11 -35.23
C CYS A 23 -28.19 -6.62 -35.06
N ILE A 24 -27.77 -7.17 -33.92
CA ILE A 24 -27.89 -8.60 -33.66
C ILE A 24 -28.78 -8.79 -32.44
N SER A 25 -29.59 -9.84 -32.46
CA SER A 25 -30.47 -10.18 -31.36
C SER A 25 -30.26 -11.63 -30.98
N MET A 26 -30.66 -11.96 -29.75
CA MET A 26 -30.60 -13.33 -29.22
C MET A 26 -29.17 -13.84 -29.18
N ALA A 27 -28.20 -12.95 -28.94
CA ALA A 27 -26.81 -13.38 -28.84
C ALA A 27 -26.67 -14.44 -27.77
N LEU A 28 -26.11 -15.59 -28.15
CA LEU A 28 -25.95 -16.70 -27.23
C LEU A 28 -24.50 -17.15 -27.10
N THR A 29 -23.77 -17.24 -28.20
CA THR A 29 -22.38 -17.64 -28.17
C THR A 29 -21.67 -16.99 -29.35
N CYS A 30 -20.43 -16.56 -29.12
CA CYS A 30 -19.65 -15.87 -30.13
C CYS A 30 -18.26 -16.50 -30.20
N THR A 31 -17.56 -16.21 -31.29
CA THR A 31 -16.24 -16.75 -31.49
C THR A 31 -15.46 -15.88 -32.46
N PHE A 32 -14.28 -15.44 -32.05
CA PHE A 32 -13.43 -14.64 -32.92
C PHE A 32 -12.83 -15.50 -34.01
N ASN A 33 -12.59 -14.90 -35.17
CA ASN A 33 -11.86 -15.57 -36.23
C ASN A 33 -10.38 -15.66 -35.83
N ARG A 34 -9.55 -16.13 -36.74
CA ARG A 34 -8.14 -16.32 -36.41
C ARG A 34 -7.44 -15.00 -36.16
N TRP A 35 -7.85 -13.93 -36.86
CA TRP A 35 -7.18 -12.65 -36.74
C TRP A 35 -8.02 -11.60 -36.03
N GLY A 36 -9.13 -12.00 -35.41
CA GLY A 36 -9.95 -11.01 -34.72
C GLY A 36 -10.51 -9.96 -35.64
N THR A 37 -11.01 -10.36 -36.79
CA THR A 37 -11.66 -9.45 -37.73
C THR A 37 -13.16 -9.67 -37.82
N LEU A 38 -13.62 -10.90 -37.62
CA LEU A 38 -15.03 -11.25 -37.68
C LEU A 38 -15.44 -11.95 -36.40
N LEU A 39 -16.75 -11.93 -36.14
CA LEU A 39 -17.32 -12.53 -34.93
C LEU A 39 -18.59 -13.26 -35.33
N ALA A 40 -18.57 -14.59 -35.23
CA ALA A 40 -19.77 -15.40 -35.48
C ALA A 40 -20.51 -15.60 -34.17
N VAL A 41 -21.71 -15.05 -34.08
CA VAL A 41 -22.54 -15.17 -32.88
C VAL A 41 -23.76 -16.01 -33.20
N GLY A 42 -24.08 -16.94 -32.31
CA GLY A 42 -25.30 -17.72 -32.45
C GLY A 42 -26.49 -16.99 -31.88
N CYS A 43 -27.66 -17.26 -32.46
CA CYS A 43 -28.89 -16.65 -31.99
C CYS A 43 -29.92 -17.71 -31.62
N ASN A 44 -30.91 -17.30 -30.83
CA ASN A 44 -31.91 -18.24 -30.34
C ASN A 44 -32.71 -18.86 -31.48
N ASP A 45 -32.93 -18.09 -32.55
CA ASP A 45 -33.56 -18.69 -33.73
C ASP A 45 -32.72 -19.80 -34.34
N GLY A 46 -31.48 -19.95 -33.91
CA GLY A 46 -30.58 -20.90 -34.53
C GLY A 46 -29.83 -20.36 -35.73
N ARG A 47 -29.64 -19.04 -35.80
CA ARG A 47 -28.95 -18.41 -36.91
C ARG A 47 -27.54 -17.99 -36.50
N ILE A 48 -26.64 -18.04 -37.46
CA ILE A 48 -25.29 -17.50 -37.31
C ILE A 48 -25.30 -16.07 -37.85
N VAL A 49 -24.89 -15.13 -37.02
CA VAL A 49 -24.68 -13.76 -37.44
C VAL A 49 -23.17 -13.51 -37.39
N ILE A 50 -22.54 -13.44 -38.56
CA ILE A 50 -21.13 -13.10 -38.65
C ILE A 50 -21.04 -11.60 -38.83
N TRP A 51 -20.55 -10.93 -37.80
CA TRP A 51 -20.50 -9.47 -37.71
C TRP A 51 -19.05 -9.03 -37.80
N ASP A 52 -18.80 -7.94 -38.51
CA ASP A 52 -17.44 -7.48 -38.71
C ASP A 52 -17.08 -6.33 -37.78
N PHE A 53 -15.83 -6.33 -37.34
CA PHE A 53 -15.36 -5.33 -36.39
C PHE A 53 -15.05 -4.01 -37.07
N LEU A 54 -14.36 -4.06 -38.20
CA LEU A 54 -13.90 -2.84 -38.85
C LEU A 54 -15.08 -2.06 -39.41
N THR A 55 -15.83 -2.66 -40.33
CA THR A 55 -17.03 -2.01 -40.84
C THR A 55 -18.09 -1.87 -39.75
N ARG A 56 -17.91 -2.57 -38.63
CA ARG A 56 -18.86 -2.52 -37.53
C ARG A 56 -20.26 -2.88 -38.00
N GLY A 57 -20.35 -3.93 -38.82
CA GLY A 57 -21.62 -4.40 -39.33
C GLY A 57 -21.62 -5.89 -39.52
N ILE A 58 -22.81 -6.44 -39.74
CA ILE A 58 -22.96 -7.87 -39.97
C ILE A 58 -22.42 -8.22 -41.34
N ALA A 59 -21.58 -9.25 -41.40
CA ALA A 59 -21.02 -9.70 -42.67
C ALA A 59 -21.79 -10.83 -43.31
N LYS A 60 -22.50 -11.64 -42.52
CA LYS A 60 -23.18 -12.81 -43.05
C LYS A 60 -24.27 -13.26 -42.11
N ILE A 61 -25.30 -13.87 -42.67
CA ILE A 61 -26.37 -14.51 -41.90
C ILE A 61 -26.56 -15.92 -42.45
N ILE A 62 -26.43 -16.92 -41.60
CA ILE A 62 -26.54 -18.32 -41.99
C ILE A 62 -27.70 -18.95 -41.23
N SER A 63 -28.59 -19.60 -41.97
CA SER A 63 -29.67 -20.39 -41.36
C SER A 63 -29.06 -21.72 -40.91
N ALA A 64 -28.52 -21.72 -39.70
CA ALA A 64 -27.83 -22.90 -39.21
C ALA A 64 -28.81 -23.98 -38.75
N HIS A 65 -29.61 -23.67 -37.73
CA HIS A 65 -30.55 -24.62 -37.16
C HIS A 65 -31.83 -23.90 -36.79
N ILE A 66 -32.88 -24.68 -36.57
CA ILE A 66 -34.08 -24.12 -35.95
C ILE A 66 -33.84 -23.95 -34.46
N HIS A 67 -32.96 -24.76 -33.89
CA HIS A 67 -32.47 -24.84 -32.52
C HIS A 67 -31.35 -23.84 -32.31
N PRO A 68 -31.33 -23.15 -31.17
CA PRO A 68 -30.23 -22.21 -30.90
C PRO A 68 -28.88 -22.91 -30.93
N VAL A 69 -27.85 -22.14 -31.25
CA VAL A 69 -26.49 -22.65 -31.35
C VAL A 69 -25.75 -22.32 -30.07
N CYS A 70 -25.13 -23.33 -29.46
CA CYS A 70 -24.44 -23.16 -28.20
C CYS A 70 -22.93 -23.39 -28.29
N SER A 71 -22.41 -23.72 -29.48
CA SER A 71 -20.98 -23.95 -29.64
C SER A 71 -20.59 -23.59 -31.06
N LEU A 72 -19.56 -22.74 -31.19
CA LEU A 72 -19.16 -22.19 -32.47
C LEU A 72 -17.65 -22.06 -32.51
N CYS A 73 -17.03 -22.53 -33.60
CA CYS A 73 -15.59 -22.41 -33.75
C CYS A 73 -15.21 -22.14 -35.19
N TRP A 74 -14.24 -21.25 -35.36
CA TRP A 74 -13.69 -20.90 -36.67
C TRP A 74 -12.65 -21.91 -37.10
N SER A 75 -12.44 -22.00 -38.41
CA SER A 75 -11.33 -22.78 -38.93
C SER A 75 -10.07 -21.91 -38.96
N ARG A 76 -8.92 -22.57 -39.06
CA ARG A 76 -7.65 -21.85 -39.09
C ARG A 76 -7.60 -20.91 -40.28
N ASP A 77 -7.90 -21.43 -41.47
CA ASP A 77 -8.04 -20.55 -42.63
C ASP A 77 -9.24 -19.62 -42.50
N GLY A 78 -10.11 -19.86 -41.53
CA GLY A 78 -11.28 -19.05 -41.33
C GLY A 78 -12.43 -19.33 -42.29
N HIS A 79 -12.24 -20.25 -43.24
CA HIS A 79 -13.27 -20.52 -44.23
C HIS A 79 -14.30 -21.54 -43.76
N LYS A 80 -14.09 -22.15 -42.59
CA LYS A 80 -15.02 -23.12 -42.04
C LYS A 80 -15.37 -22.76 -40.61
N LEU A 81 -16.64 -22.96 -40.27
CA LEU A 81 -17.14 -22.78 -38.91
C LEU A 81 -17.93 -24.01 -38.51
N VAL A 82 -17.58 -24.59 -37.38
CA VAL A 82 -18.34 -25.69 -36.80
C VAL A 82 -19.34 -25.11 -35.82
N SER A 83 -20.59 -25.55 -35.94
CA SER A 83 -21.68 -25.07 -35.10
C SER A 83 -22.41 -26.25 -34.49
N ALA A 84 -22.89 -26.08 -33.27
CA ALA A 84 -23.64 -27.12 -32.57
C ALA A 84 -24.99 -26.56 -32.17
N SER A 85 -26.06 -27.20 -32.63
CA SER A 85 -27.39 -26.82 -32.21
C SER A 85 -27.71 -27.45 -30.87
N THR A 86 -28.81 -26.98 -30.27
CA THR A 86 -29.34 -27.68 -29.10
C THR A 86 -30.10 -28.94 -29.49
N ASP A 87 -30.31 -29.18 -30.79
CA ASP A 87 -30.91 -30.41 -31.27
C ASP A 87 -29.89 -31.53 -31.43
N ASN A 88 -28.75 -31.42 -30.76
CA ASN A 88 -27.65 -32.37 -30.90
C ASN A 88 -27.19 -32.46 -32.35
N ILE A 89 -27.34 -31.37 -33.09
CA ILE A 89 -27.01 -31.33 -34.51
C ILE A 89 -25.78 -30.46 -34.67
N VAL A 90 -24.68 -31.07 -35.10
CA VAL A 90 -23.46 -30.35 -35.42
C VAL A 90 -23.36 -30.22 -36.92
N SER A 91 -22.86 -29.08 -37.38
CA SER A 91 -22.79 -28.82 -38.81
C SER A 91 -21.63 -27.89 -39.11
N GLN A 92 -20.93 -28.19 -40.20
CA GLN A 92 -19.84 -27.34 -40.70
C GLN A 92 -20.36 -26.46 -41.82
N TRP A 93 -19.95 -25.20 -41.81
CA TRP A 93 -20.43 -24.22 -42.76
C TRP A 93 -19.27 -23.43 -43.34
N ASP A 94 -19.27 -23.26 -44.65
CA ASP A 94 -18.31 -22.37 -45.29
C ASP A 94 -18.72 -20.92 -45.03
N VAL A 95 -17.76 -20.11 -44.58
CA VAL A 95 -18.09 -18.75 -44.18
C VAL A 95 -18.44 -17.90 -45.39
N LEU A 96 -17.90 -18.22 -46.56
CA LEU A 96 -18.23 -17.44 -47.74
C LEU A 96 -19.64 -17.74 -48.23
N SER A 97 -20.02 -19.01 -48.25
CA SER A 97 -21.31 -19.43 -48.79
C SER A 97 -22.38 -19.62 -47.74
N GLY A 98 -22.02 -20.14 -46.56
CA GLY A 98 -23.02 -20.47 -45.56
C GLY A 98 -23.68 -21.81 -45.74
N ASP A 99 -23.13 -22.69 -46.58
CA ASP A 99 -23.70 -24.01 -46.79
C ASP A 99 -23.32 -24.95 -45.65
N CYS A 100 -24.19 -25.91 -45.37
CA CYS A 100 -23.90 -26.94 -44.38
C CYS A 100 -22.97 -27.96 -45.04
N ASP A 101 -21.67 -27.79 -44.82
CA ASP A 101 -20.70 -28.69 -45.44
C ASP A 101 -20.94 -30.13 -44.99
N GLN A 102 -21.01 -30.35 -43.69
CA GLN A 102 -21.33 -31.66 -43.14
C GLN A 102 -22.28 -31.48 -41.96
N ARG A 103 -23.00 -32.55 -41.64
CA ARG A 103 -23.95 -32.51 -40.55
C ARG A 103 -24.02 -33.87 -39.88
N PHE A 104 -23.95 -33.87 -38.55
CA PHE A 104 -23.98 -35.10 -37.75
C PHE A 104 -24.88 -34.88 -36.55
N ARG A 105 -25.32 -35.99 -35.96
CA ARG A 105 -26.16 -35.97 -34.78
C ARG A 105 -25.76 -37.10 -33.85
N PHE A 106 -25.93 -36.88 -32.55
CA PHE A 106 -25.46 -37.82 -31.54
C PHE A 106 -26.48 -37.97 -30.42
N PRO A 107 -26.27 -38.90 -29.48
CA PRO A 107 -26.99 -38.84 -28.21
C PRO A 107 -26.21 -38.00 -27.21
N SER A 108 -26.84 -37.76 -26.05
CA SER A 108 -26.22 -37.00 -24.97
C SER A 108 -25.81 -35.62 -25.47
N PRO A 109 -26.78 -34.69 -25.63
CA PRO A 109 -26.56 -33.48 -26.43
C PRO A 109 -25.20 -32.81 -26.28
N ILE A 110 -24.69 -32.28 -27.38
CA ILE A 110 -23.32 -31.82 -27.43
C ILE A 110 -23.14 -30.59 -26.53
N LEU A 111 -22.11 -30.63 -25.70
CA LEU A 111 -21.77 -29.47 -24.89
C LEU A 111 -20.85 -28.50 -25.63
N LYS A 112 -19.96 -29.03 -26.47
CA LYS A 112 -18.96 -28.18 -27.11
C LYS A 112 -18.42 -28.86 -28.35
N VAL A 113 -17.99 -28.04 -29.30
CA VAL A 113 -17.20 -28.47 -30.44
C VAL A 113 -15.90 -27.71 -30.43
N GLN A 114 -14.90 -28.23 -31.15
CA GLN A 114 -13.60 -27.57 -31.22
C GLN A 114 -12.85 -28.11 -32.43
N TYR A 115 -12.67 -27.27 -33.44
CA TYR A 115 -11.78 -27.62 -34.55
C TYR A 115 -10.40 -27.96 -34.01
N HIS A 116 -9.71 -28.86 -34.70
CA HIS A 116 -8.31 -29.06 -34.36
C HIS A 116 -7.49 -27.90 -34.90
N PRO A 117 -6.66 -27.25 -34.07
CA PRO A 117 -6.02 -26.01 -34.51
C PRO A 117 -5.07 -26.19 -35.67
N ARG A 118 -4.46 -27.36 -35.82
CA ARG A 118 -3.51 -27.60 -36.90
C ARG A 118 -4.04 -28.60 -37.92
N ASP A 119 -5.30 -29.03 -37.79
CA ASP A 119 -5.92 -29.87 -38.81
C ASP A 119 -7.42 -29.62 -38.75
N GLN A 120 -7.91 -28.75 -39.62
CA GLN A 120 -9.33 -28.41 -39.62
C GLN A 120 -10.21 -29.57 -40.05
N ASN A 121 -9.64 -30.60 -40.68
CA ASN A 121 -10.42 -31.79 -40.97
C ASN A 121 -10.91 -32.46 -39.69
N LYS A 122 -10.10 -32.40 -38.63
CA LYS A 122 -10.44 -33.01 -37.37
C LYS A 122 -11.13 -32.00 -36.44
N VAL A 123 -12.05 -32.50 -35.65
CA VAL A 123 -12.80 -31.69 -34.69
C VAL A 123 -13.18 -32.56 -33.51
N LEU A 124 -12.90 -32.09 -32.31
CA LEU A 124 -13.31 -32.76 -31.10
C LEU A 124 -14.69 -32.25 -30.68
N VAL A 125 -15.44 -33.12 -30.03
CA VAL A 125 -16.79 -32.82 -29.59
C VAL A 125 -16.97 -33.33 -28.17
N CYS A 126 -17.35 -32.44 -27.27
CA CYS A 126 -17.69 -32.80 -25.89
C CYS A 126 -19.20 -32.90 -25.79
N PRO A 127 -19.77 -34.08 -25.66
CA PRO A 127 -21.22 -34.20 -25.47
C PRO A 127 -21.58 -34.04 -24.00
N MET A 128 -22.89 -34.10 -23.73
CA MET A 128 -23.36 -33.91 -22.36
C MET A 128 -22.98 -35.09 -21.48
N LYS A 129 -23.51 -36.27 -21.79
CA LYS A 129 -23.36 -37.42 -20.92
C LYS A 129 -22.31 -38.41 -21.39
N SER A 130 -21.93 -38.37 -22.65
CA SER A 130 -20.96 -39.31 -23.20
C SER A 130 -19.58 -38.69 -23.26
N ALA A 131 -18.60 -39.53 -23.54
CA ALA A 131 -17.22 -39.08 -23.62
C ALA A 131 -17.02 -38.21 -24.86
N PRO A 132 -16.07 -37.27 -24.81
CA PRO A 132 -15.74 -36.50 -26.02
C PRO A 132 -15.21 -37.41 -27.11
N VAL A 133 -15.61 -37.13 -28.34
CA VAL A 133 -15.23 -37.92 -29.50
C VAL A 133 -14.61 -36.99 -30.55
N MET A 134 -13.53 -37.45 -31.17
CA MET A 134 -12.85 -36.67 -32.20
C MET A 134 -13.19 -37.25 -33.56
N LEU A 135 -13.84 -36.43 -34.40
CA LEU A 135 -14.25 -36.83 -35.73
C LEU A 135 -13.39 -36.14 -36.78
N THR A 136 -13.49 -36.62 -38.00
CA THR A 136 -12.90 -35.96 -39.16
C THR A 136 -13.98 -35.61 -40.15
N LEU A 137 -13.71 -34.58 -40.96
CA LEU A 137 -14.67 -34.18 -41.98
C LEU A 137 -14.48 -34.94 -43.27
N SER A 138 -13.23 -35.20 -43.66
CA SER A 138 -12.97 -36.00 -44.84
C SER A 138 -13.70 -37.33 -44.78
N ASP A 139 -13.42 -38.11 -43.74
CA ASP A 139 -14.12 -39.36 -43.47
C ASP A 139 -14.99 -39.18 -42.23
N SER A 140 -16.25 -39.60 -42.32
CA SER A 140 -17.18 -39.46 -41.22
C SER A 140 -16.94 -40.54 -40.16
N LYS A 141 -15.69 -40.59 -39.70
CA LYS A 141 -15.28 -41.49 -38.64
C LYS A 141 -15.24 -40.74 -37.32
N HIS A 142 -15.01 -41.50 -36.25
CA HIS A 142 -14.98 -40.90 -34.92
C HIS A 142 -14.15 -41.78 -33.99
N VAL A 143 -13.37 -41.14 -33.14
CA VAL A 143 -12.53 -41.82 -32.15
C VAL A 143 -13.01 -41.38 -30.78
N VAL A 144 -13.52 -42.32 -30.00
CA VAL A 144 -14.00 -42.04 -28.65
C VAL A 144 -12.79 -41.95 -27.73
N LEU A 145 -12.62 -40.81 -27.10
CA LEU A 145 -11.50 -40.63 -26.19
C LEU A 145 -11.76 -41.37 -24.88
N PRO A 146 -10.71 -41.90 -24.25
CA PRO A 146 -10.89 -42.68 -23.03
C PRO A 146 -11.36 -41.82 -21.87
N VAL A 147 -11.94 -42.49 -20.87
CA VAL A 147 -12.41 -41.86 -19.64
C VAL A 147 -11.77 -42.59 -18.47
N ASP A 148 -11.18 -41.83 -17.54
CA ASP A 148 -10.45 -42.44 -16.44
C ASP A 148 -11.38 -43.22 -15.53
N ASP A 149 -12.37 -42.55 -14.95
CA ASP A 149 -13.19 -43.14 -13.89
C ASP A 149 -14.39 -43.91 -14.42
N ASP A 150 -14.66 -43.82 -15.72
CA ASP A 150 -15.71 -44.59 -16.37
C ASP A 150 -17.10 -44.20 -15.90
N SER A 151 -17.19 -43.20 -15.01
CA SER A 151 -18.47 -42.78 -14.47
C SER A 151 -18.57 -41.27 -14.32
N ASP A 152 -17.77 -40.51 -15.06
CA ASP A 152 -17.81 -39.06 -14.94
C ASP A 152 -19.11 -38.50 -15.51
N LEU A 153 -19.44 -38.90 -16.74
CA LEU A 153 -20.65 -38.48 -17.44
C LEU A 153 -20.60 -37.00 -17.79
N ASN A 154 -19.57 -36.30 -17.32
CA ASN A 154 -19.40 -34.89 -17.62
C ASN A 154 -17.89 -34.61 -17.65
N VAL A 155 -17.32 -34.66 -18.85
CA VAL A 155 -15.90 -34.41 -19.04
C VAL A 155 -15.76 -33.35 -20.12
N VAL A 156 -15.14 -32.25 -19.78
CA VAL A 156 -14.79 -31.24 -20.77
C VAL A 156 -13.46 -31.63 -21.37
N ALA A 157 -13.22 -31.24 -22.62
CA ALA A 157 -11.99 -31.59 -23.30
C ALA A 157 -11.59 -30.48 -24.24
N SER A 158 -10.28 -30.38 -24.52
CA SER A 158 -9.78 -29.30 -25.35
C SER A 158 -8.44 -29.70 -25.96
N PHE A 159 -8.21 -29.24 -27.19
CA PHE A 159 -6.88 -29.31 -27.76
C PHE A 159 -5.97 -28.30 -27.07
N ASP A 160 -4.66 -28.56 -27.14
CA ASP A 160 -3.69 -27.58 -26.68
C ASP A 160 -3.51 -26.53 -27.78
N ARG A 161 -2.50 -25.67 -27.63
CA ARG A 161 -2.32 -24.56 -28.56
C ARG A 161 -2.01 -25.05 -29.97
N ARG A 162 -1.27 -26.15 -30.08
CA ARG A 162 -0.88 -26.70 -31.37
C ARG A 162 -1.72 -27.91 -31.78
N GLY A 163 -2.65 -28.36 -30.95
CA GLY A 163 -3.40 -29.54 -31.28
C GLY A 163 -2.63 -30.83 -31.16
N GLU A 164 -1.59 -30.86 -30.34
CA GLU A 164 -0.78 -32.06 -30.15
C GLU A 164 -1.25 -32.94 -29.01
N TYR A 165 -1.95 -32.36 -28.03
CA TYR A 165 -2.46 -33.11 -26.90
C TYR A 165 -3.90 -32.71 -26.62
N ILE A 166 -4.60 -33.59 -25.92
CA ILE A 166 -5.99 -33.41 -25.56
C ILE A 166 -6.08 -33.41 -24.04
N TYR A 167 -6.63 -32.34 -23.48
CA TYR A 167 -6.78 -32.20 -22.04
C TYR A 167 -8.24 -32.42 -21.70
N THR A 168 -8.50 -33.43 -20.87
CA THR A 168 -9.85 -33.81 -20.50
C THR A 168 -9.99 -33.74 -18.99
N GLY A 169 -10.96 -32.97 -18.52
CA GLY A 169 -11.22 -32.82 -17.11
C GLY A 169 -12.62 -33.28 -16.74
N ASN A 170 -12.73 -34.10 -15.71
CA ASN A 170 -14.00 -34.70 -15.33
C ASN A 170 -14.68 -33.90 -14.24
N ALA A 171 -15.93 -34.27 -13.95
CA ALA A 171 -16.62 -33.70 -12.82
C ALA A 171 -15.97 -34.05 -11.48
N LYS A 172 -15.05 -35.01 -11.47
CA LYS A 172 -14.38 -35.43 -10.25
C LYS A 172 -12.93 -34.95 -10.20
N GLY A 173 -12.66 -33.77 -10.78
CA GLY A 173 -11.36 -33.16 -10.70
C GLY A 173 -10.22 -33.90 -11.36
N LYS A 174 -10.48 -35.04 -11.98
CA LYS A 174 -9.41 -35.79 -12.64
C LYS A 174 -9.13 -35.19 -14.00
N ILE A 175 -7.84 -35.12 -14.34
CA ILE A 175 -7.34 -34.43 -15.51
C ILE A 175 -6.44 -35.41 -16.25
N LEU A 176 -6.82 -35.73 -17.48
CA LEU A 176 -6.06 -36.63 -18.34
C LEU A 176 -5.51 -35.84 -19.51
N VAL A 177 -4.24 -36.03 -19.81
CA VAL A 177 -3.59 -35.45 -20.96
C VAL A 177 -3.26 -36.61 -21.88
N LEU A 178 -3.95 -36.68 -23.00
CA LEU A 178 -3.75 -37.70 -24.01
C LEU A 178 -3.02 -37.09 -25.20
N LYS A 179 -2.45 -37.95 -26.04
CA LYS A 179 -1.91 -37.48 -27.31
C LYS A 179 -3.00 -37.54 -28.37
N THR A 180 -3.09 -36.48 -29.17
CA THR A 180 -4.23 -36.30 -30.05
C THR A 180 -4.34 -37.41 -31.08
N ASP A 181 -3.22 -38.06 -31.43
CA ASP A 181 -3.24 -39.06 -32.48
C ASP A 181 -3.54 -40.45 -31.94
N SER A 182 -2.95 -40.82 -30.82
CA SER A 182 -3.08 -42.17 -30.27
C SER A 182 -4.07 -42.24 -29.12
N GLN A 183 -4.52 -41.12 -28.59
CA GLN A 183 -5.37 -41.06 -27.41
C GLN A 183 -4.72 -41.76 -26.22
N ASP A 184 -3.39 -41.89 -26.25
CA ASP A 184 -2.67 -42.54 -25.17
C ASP A 184 -2.45 -41.56 -24.03
N LEU A 185 -2.54 -42.07 -22.81
CA LEU A 185 -2.44 -41.24 -21.61
C LEU A 185 -1.01 -40.76 -21.45
N VAL A 186 -0.75 -39.51 -21.80
CA VAL A 186 0.60 -38.97 -21.67
C VAL A 186 0.83 -38.25 -20.35
N ALA A 187 -0.24 -37.88 -19.65
CA ALA A 187 -0.11 -37.27 -18.33
C ALA A 187 -1.44 -37.40 -17.61
N SER A 188 -1.40 -37.26 -16.28
CA SER A 188 -2.61 -37.35 -15.49
C SER A 188 -2.37 -36.76 -14.11
N PHE A 189 -3.43 -36.18 -13.56
CA PHE A 189 -3.44 -35.70 -12.17
C PHE A 189 -4.84 -35.24 -11.83
N ARG A 190 -5.19 -35.34 -10.56
CA ARG A 190 -6.48 -34.85 -10.08
C ARG A 190 -6.27 -33.55 -9.32
N VAL A 191 -7.06 -32.54 -9.64
CA VAL A 191 -7.01 -31.28 -8.91
C VAL A 191 -7.72 -31.43 -7.59
N THR A 192 -7.34 -30.62 -6.61
CA THR A 192 -7.88 -30.70 -5.26
C THR A 192 -8.64 -29.43 -4.91
N THR A 193 -9.61 -29.57 -4.02
CA THR A 193 -10.26 -28.44 -3.37
C THR A 193 -9.48 -27.94 -2.18
N GLY A 194 -8.19 -28.24 -2.14
CA GLY A 194 -7.36 -27.90 -1.00
C GLY A 194 -7.25 -29.04 -0.01
N THR A 195 -8.34 -29.33 0.69
CA THR A 195 -8.27 -30.32 1.76
C THR A 195 -8.02 -31.74 1.26
N SER A 196 -9.05 -32.38 0.70
CA SER A 196 -8.91 -33.67 0.05
C SER A 196 -9.90 -33.91 -1.08
N ASN A 197 -10.76 -32.95 -1.41
CA ASN A 197 -11.93 -33.23 -2.24
C ASN A 197 -11.70 -32.84 -3.69
N THR A 198 -12.52 -33.42 -4.56
CA THR A 198 -12.52 -33.08 -5.97
C THR A 198 -13.50 -31.95 -6.24
N THR A 199 -13.44 -31.44 -7.47
CA THR A 199 -14.33 -30.38 -7.90
C THR A 199 -14.65 -30.58 -9.37
N ALA A 200 -15.88 -30.22 -9.76
CA ALA A 200 -16.30 -30.39 -11.14
C ALA A 200 -15.50 -29.46 -12.04
N ILE A 201 -14.78 -30.04 -12.99
CA ILE A 201 -14.01 -29.23 -13.93
C ILE A 201 -14.99 -28.52 -14.84
N LYS A 202 -15.17 -27.21 -14.63
CA LYS A 202 -16.13 -26.48 -15.44
C LYS A 202 -15.65 -26.33 -16.87
N SER A 203 -14.37 -26.03 -17.06
CA SER A 203 -13.87 -25.78 -18.41
C SER A 203 -12.34 -25.78 -18.40
N ILE A 204 -11.78 -26.07 -19.58
CA ILE A 204 -10.34 -26.02 -19.82
C ILE A 204 -10.09 -25.04 -20.97
N GLU A 205 -9.24 -24.05 -20.73
CA GLU A 205 -8.88 -23.11 -21.77
C GLU A 205 -7.36 -23.10 -21.92
N PHE A 206 -6.91 -22.76 -23.11
CA PHE A 206 -5.50 -22.69 -23.43
C PHE A 206 -5.16 -21.31 -23.98
N ALA A 207 -3.87 -21.02 -24.05
CA ALA A 207 -3.38 -19.78 -24.62
C ALA A 207 -3.02 -19.97 -26.09
N ARG A 208 -3.49 -19.06 -26.94
CA ARG A 208 -3.12 -19.08 -28.34
C ARG A 208 -1.64 -18.76 -28.55
N LYS A 209 -0.94 -18.33 -27.51
CA LYS A 209 0.48 -18.06 -27.57
C LYS A 209 1.14 -18.67 -26.35
N GLY A 210 2.19 -19.46 -26.57
CA GLY A 210 2.91 -20.07 -25.47
C GLY A 210 2.37 -21.42 -25.06
N SER A 211 2.39 -21.71 -23.76
CA SER A 211 1.90 -22.99 -23.27
C SER A 211 1.08 -22.89 -22.00
N CYS A 212 0.86 -21.70 -21.46
CA CYS A 212 0.06 -21.56 -20.25
C CYS A 212 -1.40 -21.80 -20.56
N PHE A 213 -2.08 -22.53 -19.68
CA PHE A 213 -3.49 -22.81 -19.84
C PHE A 213 -4.17 -22.64 -18.48
N LEU A 214 -5.50 -22.59 -18.52
CA LEU A 214 -6.30 -22.34 -17.32
C LEU A 214 -7.39 -23.38 -17.20
N ILE A 215 -7.85 -23.58 -15.97
CA ILE A 215 -8.97 -24.45 -15.68
C ILE A 215 -9.96 -23.68 -14.81
N ASN A 216 -11.21 -23.63 -15.26
CA ASN A 216 -12.32 -23.19 -14.43
C ASN A 216 -12.96 -24.41 -13.80
N THR A 217 -13.15 -24.35 -12.48
CA THR A 217 -13.65 -25.47 -11.71
C THR A 217 -14.86 -25.04 -10.90
N ALA A 218 -15.52 -26.03 -10.30
CA ALA A 218 -16.71 -25.75 -9.49
C ALA A 218 -16.37 -25.01 -8.21
N ASP A 219 -15.11 -25.03 -7.78
CA ASP A 219 -14.76 -24.30 -6.57
C ASP A 219 -14.71 -22.80 -6.77
N ARG A 220 -15.12 -22.32 -7.94
CA ARG A 220 -15.01 -20.91 -8.31
C ARG A 220 -13.58 -20.42 -8.30
N ILE A 221 -12.61 -21.32 -8.39
CA ILE A 221 -11.19 -20.97 -8.36
C ILE A 221 -10.58 -21.38 -9.68
N ILE A 222 -10.06 -20.42 -10.41
CA ILE A 222 -9.38 -20.68 -11.67
C ILE A 222 -7.95 -21.08 -11.36
N ARG A 223 -7.48 -22.14 -12.00
CA ARG A 223 -6.15 -22.68 -11.78
C ARG A 223 -5.36 -22.60 -13.07
N VAL A 224 -4.28 -21.83 -13.05
CA VAL A 224 -3.45 -21.62 -14.22
C VAL A 224 -2.22 -22.50 -14.11
N TYR A 225 -1.94 -23.27 -15.16
CA TYR A 225 -0.81 -24.17 -15.21
C TYR A 225 -0.02 -23.91 -16.49
N ASP A 226 1.14 -24.56 -16.58
CA ASP A 226 1.93 -24.61 -17.79
C ASP A 226 2.03 -26.07 -18.23
N GLY A 227 1.52 -26.36 -19.43
CA GLY A 227 1.37 -27.75 -19.86
C GLY A 227 2.65 -28.54 -19.86
N ARG A 228 3.78 -27.88 -20.09
CA ARG A 228 5.06 -28.58 -20.02
C ARG A 228 5.28 -29.17 -18.64
N GLU A 229 4.84 -28.47 -17.61
CA GLU A 229 5.00 -28.96 -16.25
C GLU A 229 4.11 -30.17 -16.00
N ILE A 230 2.95 -30.23 -16.65
CA ILE A 230 2.12 -31.42 -16.54
C ILE A 230 2.74 -32.58 -17.30
N LEU A 231 3.31 -32.29 -18.48
CA LEU A 231 3.95 -33.35 -19.25
C LEU A 231 5.14 -33.93 -18.50
N THR A 232 5.95 -33.09 -17.87
CA THR A 232 7.06 -33.57 -17.06
C THR A 232 6.62 -34.11 -15.71
N CYS A 233 5.42 -33.76 -15.27
CA CYS A 233 4.86 -34.33 -14.05
C CYS A 233 4.46 -35.78 -14.24
N GLY A 234 4.20 -36.19 -15.48
CA GLY A 234 3.84 -37.56 -15.75
C GLY A 234 2.43 -37.90 -15.31
N ARG A 235 2.13 -39.19 -15.38
CA ARG A 235 0.82 -39.67 -14.99
C ARG A 235 0.70 -39.73 -13.46
N ASP A 236 -0.46 -39.31 -12.96
CA ASP A 236 -0.78 -39.39 -11.53
C ASP A 236 0.28 -38.67 -10.69
N GLY A 237 0.47 -37.39 -11.01
CA GLY A 237 1.41 -36.59 -10.25
C GLY A 237 0.74 -35.45 -9.52
N GLU A 238 1.54 -34.58 -8.91
CA GLU A 238 1.04 -33.44 -8.14
C GLU A 238 1.61 -32.16 -8.76
N PRO A 239 1.06 -31.72 -9.90
CA PRO A 239 1.56 -30.48 -10.52
C PRO A 239 0.89 -29.27 -9.87
N GLU A 240 1.70 -28.33 -9.47
CA GLU A 240 1.07 -27.16 -8.89
C GLU A 240 0.66 -26.18 -9.98
N PRO A 241 -0.33 -25.34 -9.71
CA PRO A 241 -0.74 -24.35 -10.71
C PRO A 241 0.28 -23.23 -10.82
N MET A 242 0.38 -22.67 -12.03
CA MET A 242 1.09 -21.41 -12.19
C MET A 242 0.47 -20.33 -11.33
N GLN A 243 -0.86 -20.34 -11.21
CA GLN A 243 -1.55 -19.31 -10.47
C GLN A 243 -2.89 -19.84 -9.96
N LYS A 244 -3.38 -19.23 -8.89
CA LYS A 244 -4.71 -19.49 -8.35
C LYS A 244 -5.45 -18.17 -8.31
N LEU A 245 -6.65 -18.13 -8.90
CA LEU A 245 -7.34 -16.88 -9.13
C LEU A 245 -8.79 -17.01 -8.69
N GLN A 246 -9.27 -16.05 -7.92
CA GLN A 246 -10.63 -16.11 -7.42
C GLN A 246 -11.04 -14.74 -6.92
N ASP A 247 -12.34 -14.60 -6.66
CA ASP A 247 -12.90 -13.42 -6.02
C ASP A 247 -12.95 -13.71 -4.53
N LEU A 248 -11.83 -13.47 -3.85
CA LEU A 248 -11.78 -13.64 -2.40
C LEU A 248 -12.79 -12.78 -1.67
N VAL A 249 -13.37 -11.78 -2.34
CA VAL A 249 -14.31 -10.87 -1.69
C VAL A 249 -15.73 -11.40 -1.78
N ASN A 250 -16.16 -11.80 -2.98
CA ASN A 250 -17.53 -12.23 -3.19
C ASN A 250 -17.70 -13.73 -3.36
N ARG A 251 -16.62 -14.45 -3.64
CA ARG A 251 -16.69 -15.90 -3.89
C ARG A 251 -17.72 -16.21 -4.98
N THR A 252 -17.47 -15.64 -6.14
CA THR A 252 -18.37 -15.67 -7.28
C THR A 252 -17.99 -16.77 -8.25
N PRO A 253 -18.97 -17.51 -8.75
CA PRO A 253 -18.70 -18.48 -9.82
C PRO A 253 -18.33 -17.77 -11.10
N TRP A 254 -17.82 -18.57 -12.04
CA TRP A 254 -17.33 -18.07 -13.33
C TRP A 254 -18.02 -18.84 -14.43
N LYS A 255 -18.94 -18.18 -15.13
CA LYS A 255 -19.64 -18.84 -16.22
C LYS A 255 -18.71 -19.09 -17.40
N LYS A 256 -17.79 -18.16 -17.67
CA LYS A 256 -16.88 -18.29 -18.79
C LYS A 256 -15.67 -17.40 -18.55
N CYS A 257 -14.50 -17.91 -18.88
CA CYS A 257 -13.24 -17.19 -18.71
C CYS A 257 -12.41 -17.35 -19.97
N CYS A 258 -11.44 -16.46 -20.14
CA CYS A 258 -10.53 -16.61 -21.26
C CYS A 258 -9.25 -15.80 -21.04
N PHE A 259 -8.18 -16.25 -21.68
CA PHE A 259 -6.91 -15.53 -21.64
C PHE A 259 -7.01 -14.25 -22.45
N SER A 260 -5.93 -13.47 -22.42
CA SER A 260 -5.74 -12.42 -23.40
C SER A 260 -5.14 -13.01 -24.67
N GLY A 261 -5.12 -12.20 -25.72
CA GLY A 261 -4.53 -12.66 -26.97
C GLY A 261 -3.06 -13.04 -26.81
N ASP A 262 -2.31 -12.21 -26.09
CA ASP A 262 -0.91 -12.55 -25.82
C ASP A 262 -0.81 -13.70 -24.84
N GLY A 263 -1.71 -13.77 -23.88
CA GLY A 263 -1.64 -14.76 -22.83
C GLY A 263 -1.08 -14.25 -21.51
N GLU A 264 -1.06 -12.94 -21.28
CA GLU A 264 -0.59 -12.39 -20.01
C GLU A 264 -1.71 -11.74 -19.22
N TYR A 265 -2.94 -11.79 -19.69
CA TYR A 265 -4.09 -11.27 -18.97
C TYR A 265 -5.22 -12.27 -19.06
N ILE A 266 -5.93 -12.44 -17.95
CA ILE A 266 -6.98 -13.45 -17.83
C ILE A 266 -8.25 -12.77 -17.35
N VAL A 267 -9.37 -13.09 -17.97
CA VAL A 267 -10.65 -12.50 -17.60
C VAL A 267 -11.62 -13.60 -17.23
N ALA A 268 -12.47 -13.29 -16.26
CA ALA A 268 -13.51 -14.18 -15.76
C ALA A 268 -14.83 -13.43 -15.77
N GLY A 269 -15.91 -14.14 -16.12
CA GLY A 269 -17.21 -13.54 -16.15
C GLY A 269 -18.08 -13.96 -14.99
N SER A 270 -18.29 -13.02 -14.06
CA SER A 270 -19.18 -13.23 -12.92
C SER A 270 -20.61 -13.09 -13.41
N ALA A 271 -21.22 -14.21 -13.79
CA ALA A 271 -22.63 -14.19 -14.13
C ALA A 271 -23.51 -13.99 -12.91
N ARG A 272 -22.98 -14.23 -11.71
CA ARG A 272 -23.74 -13.98 -10.50
C ARG A 272 -24.09 -12.51 -10.36
N GLN A 273 -23.13 -11.62 -10.64
CA GLN A 273 -23.37 -10.19 -10.60
C GLN A 273 -23.06 -9.49 -11.91
N HIS A 274 -22.88 -10.26 -12.99
CA HIS A 274 -22.67 -9.71 -14.33
C HIS A 274 -21.51 -8.71 -14.33
N ALA A 275 -20.34 -9.21 -13.94
CA ALA A 275 -19.13 -8.41 -13.91
C ALA A 275 -18.03 -9.18 -14.61
N LEU A 276 -16.90 -8.50 -14.80
CA LEU A 276 -15.75 -9.09 -15.48
C LEU A 276 -14.50 -8.78 -14.68
N TYR A 277 -13.82 -9.82 -14.22
CA TYR A 277 -12.59 -9.68 -13.48
C TYR A 277 -11.41 -9.90 -14.41
N ILE A 278 -10.37 -9.10 -14.24
CA ILE A 278 -9.21 -9.15 -15.11
C ILE A 278 -7.98 -9.21 -14.22
N TRP A 279 -7.28 -10.34 -14.25
CA TRP A 279 -6.02 -10.57 -13.56
C TRP A 279 -4.89 -10.64 -14.57
N GLU A 280 -3.67 -10.66 -14.06
CA GLU A 280 -2.49 -10.93 -14.88
C GLU A 280 -2.12 -12.41 -14.80
N LYS A 281 -1.11 -12.78 -15.58
CA LYS A 281 -0.64 -14.16 -15.57
C LYS A 281 0.55 -14.36 -14.63
N SER A 282 1.63 -13.60 -14.85
CA SER A 282 2.83 -13.80 -14.05
C SER A 282 2.58 -13.46 -12.59
N ILE A 283 2.23 -12.21 -12.30
CA ILE A 283 1.91 -11.82 -10.94
C ILE A 283 0.57 -12.43 -10.53
N GLY A 284 -0.43 -12.30 -11.40
CA GLY A 284 -1.76 -12.76 -11.09
C GLY A 284 -2.62 -11.74 -10.38
N ASN A 285 -2.11 -10.52 -10.16
CA ASN A 285 -2.91 -9.50 -9.52
C ASN A 285 -4.03 -9.06 -10.44
N LEU A 286 -5.16 -8.67 -9.85
CA LEU A 286 -6.32 -8.26 -10.63
C LEU A 286 -6.00 -6.96 -11.37
N VAL A 287 -6.00 -7.03 -12.70
CA VAL A 287 -5.87 -5.82 -13.50
C VAL A 287 -7.01 -4.87 -13.17
N LYS A 288 -8.24 -5.34 -13.32
CA LYS A 288 -9.38 -4.42 -13.21
C LYS A 288 -10.68 -5.22 -13.14
N ILE A 289 -11.78 -4.48 -13.11
CA ILE A 289 -13.13 -5.02 -13.10
C ILE A 289 -14.00 -4.16 -14.01
N LEU A 290 -14.83 -4.81 -14.81
CA LEU A 290 -15.82 -4.14 -15.64
C LEU A 290 -17.22 -4.54 -15.19
N HIS A 291 -18.07 -3.56 -14.96
CA HIS A 291 -19.43 -3.78 -14.46
C HIS A 291 -20.41 -3.60 -15.60
N GLY A 292 -21.28 -4.60 -15.81
CA GLY A 292 -22.34 -4.52 -16.79
C GLY A 292 -23.67 -4.13 -16.16
N THR A 293 -24.71 -4.24 -16.97
CA THR A 293 -26.05 -3.92 -16.48
C THR A 293 -26.43 -4.90 -15.38
N ARG A 294 -26.72 -4.36 -14.19
CA ARG A 294 -27.05 -5.20 -13.05
C ARG A 294 -28.22 -6.13 -13.35
N GLY A 295 -29.08 -5.76 -14.29
CA GLY A 295 -30.19 -6.60 -14.68
C GLY A 295 -29.89 -7.62 -15.75
N GLU A 296 -28.70 -7.57 -16.36
CA GLU A 296 -28.34 -8.50 -17.42
C GLU A 296 -27.71 -9.77 -16.85
N LEU A 297 -28.09 -10.91 -17.42
CA LEU A 297 -27.53 -12.20 -17.04
C LEU A 297 -26.37 -12.51 -17.97
N LEU A 298 -25.16 -12.54 -17.43
CA LEU A 298 -23.98 -12.78 -18.23
C LEU A 298 -23.95 -14.23 -18.72
N LEU A 299 -23.69 -14.40 -20.02
CA LEU A 299 -23.70 -15.71 -20.64
C LEU A 299 -22.37 -16.11 -21.25
N ASP A 300 -21.80 -15.26 -22.10
CA ASP A 300 -20.64 -15.63 -22.92
C ASP A 300 -19.58 -14.54 -22.83
N VAL A 301 -18.32 -14.96 -22.94
CA VAL A 301 -17.16 -14.09 -22.78
C VAL A 301 -16.10 -14.48 -23.79
N ALA A 302 -15.49 -13.49 -24.45
CA ALA A 302 -14.39 -13.76 -25.37
C ALA A 302 -13.48 -12.54 -25.43
N TRP A 303 -12.24 -12.76 -25.78
CA TRP A 303 -11.25 -11.71 -25.93
C TRP A 303 -10.81 -11.60 -27.39
N HIS A 304 -10.63 -10.37 -27.85
CA HIS A 304 -10.05 -10.17 -29.16
C HIS A 304 -8.65 -10.77 -29.20
N PRO A 305 -8.33 -11.60 -30.20
CA PRO A 305 -7.04 -12.32 -30.17
C PRO A 305 -5.84 -11.42 -30.34
N VAL A 306 -6.00 -10.24 -30.95
CA VAL A 306 -4.85 -9.37 -31.19
C VAL A 306 -5.17 -7.94 -30.77
N ARG A 307 -6.22 -7.77 -29.97
CA ARG A 307 -6.62 -6.45 -29.50
C ARG A 307 -7.02 -6.52 -28.03
N PRO A 308 -6.88 -5.41 -27.30
CA PRO A 308 -7.44 -5.31 -25.94
C PRO A 308 -8.95 -5.10 -25.98
N ILE A 309 -9.62 -5.88 -26.82
CA ILE A 309 -11.06 -5.80 -27.03
C ILE A 309 -11.69 -7.08 -26.51
N ILE A 310 -12.81 -6.94 -25.83
CA ILE A 310 -13.45 -8.05 -25.16
C ILE A 310 -14.93 -8.03 -25.50
N ALA A 311 -15.42 -9.15 -26.01
CA ALA A 311 -16.82 -9.31 -26.37
C ALA A 311 -17.56 -10.04 -25.27
N SER A 312 -18.74 -9.53 -24.92
CA SER A 312 -19.56 -10.11 -23.87
C SER A 312 -20.96 -10.33 -24.42
N ILE A 313 -21.56 -11.47 -24.06
CA ILE A 313 -22.92 -11.80 -24.45
C ILE A 313 -23.71 -11.98 -23.17
N SER A 314 -24.75 -11.17 -23.00
CA SER A 314 -25.55 -11.17 -21.80
C SER A 314 -26.98 -10.79 -22.16
N SER A 315 -27.93 -11.65 -21.77
CA SER A 315 -29.35 -11.45 -22.05
C SER A 315 -29.60 -11.24 -23.54
N GLY A 316 -28.84 -11.96 -24.36
CA GLY A 316 -28.96 -11.88 -25.81
C GLY A 316 -28.34 -10.66 -26.43
N VAL A 317 -27.65 -9.83 -25.67
CA VAL A 317 -27.07 -8.59 -26.17
C VAL A 317 -25.57 -8.66 -26.02
N VAL A 318 -24.85 -8.20 -27.04
CA VAL A 318 -23.40 -8.20 -27.05
C VAL A 318 -22.88 -6.81 -26.71
N SER A 319 -21.83 -6.78 -25.90
CA SER A 319 -21.14 -5.54 -25.55
C SER A 319 -19.65 -5.70 -25.86
N ILE A 320 -19.02 -4.57 -26.15
CA ILE A 320 -17.62 -4.53 -26.56
C ILE A 320 -16.86 -3.67 -25.55
N TRP A 321 -15.68 -4.14 -25.17
CA TRP A 321 -14.85 -3.46 -24.18
C TRP A 321 -13.44 -3.32 -24.74
N ALA A 322 -13.11 -2.13 -25.20
CA ALA A 322 -11.79 -1.85 -25.74
C ALA A 322 -10.92 -1.19 -24.68
N GLN A 323 -9.67 -0.93 -25.04
CA GLN A 323 -8.73 -0.28 -24.14
C GLN A 323 -7.79 0.56 -24.99
N ASN A 324 -7.84 1.88 -24.81
CA ASN A 324 -7.06 2.81 -25.62
C ASN A 324 -5.85 3.33 -24.87
N GLN A 325 -4.92 3.92 -25.62
CA GLN A 325 -3.67 4.44 -25.09
C GLN A 325 -3.87 5.86 -24.57
N VAL A 326 -2.77 6.56 -24.27
CA VAL A 326 -2.85 7.92 -23.73
C VAL A 326 -3.28 8.91 -24.81
N GLU A 327 -2.97 8.62 -26.06
CA GLU A 327 -3.27 9.53 -27.16
C GLU A 327 -4.73 9.44 -27.56
N ASN A 328 -5.03 9.90 -28.77
CA ASN A 328 -6.32 10.20 -29.37
C ASN A 328 -6.85 11.56 -28.91
N TRP A 329 -6.26 12.18 -27.89
CA TRP A 329 -6.24 13.64 -27.81
C TRP A 329 -4.95 14.21 -27.24
N SER A 330 -4.10 13.41 -26.59
CA SER A 330 -2.96 13.91 -25.85
C SER A 330 -1.69 13.99 -26.69
N ALA A 331 -1.82 13.93 -28.01
CA ALA A 331 -0.65 14.04 -28.89
C ALA A 331 -0.85 15.14 -29.93
N PHE A 336 3.18 20.52 -29.07
CA PHE A 336 4.18 20.42 -28.02
C PHE A 336 4.52 18.97 -27.72
N LYS A 337 5.29 18.77 -26.65
CA LYS A 337 5.63 17.44 -26.16
C LYS A 337 4.92 17.26 -24.81
N GLU A 338 3.95 16.35 -24.79
CA GLU A 338 3.13 16.16 -23.60
C GLU A 338 3.96 15.57 -22.46
N LEU A 339 3.89 16.19 -21.29
CA LEU A 339 4.46 15.64 -20.07
C LEU A 339 3.38 15.50 -19.01
N ASP A 340 3.69 14.71 -17.99
CA ASP A 340 2.77 14.45 -16.89
C ASP A 340 3.05 15.27 -15.64
N GLU A 341 4.31 15.41 -15.25
CA GLU A 341 4.69 16.08 -14.02
C GLU A 341 5.68 17.19 -14.35
N ASN A 342 5.71 18.20 -13.48
CA ASN A 342 6.56 19.36 -13.72
C ASN A 342 8.03 18.97 -13.81
N VAL A 343 8.76 19.70 -14.66
CA VAL A 343 10.14 19.37 -14.97
C VAL A 343 11.02 20.56 -14.61
N GLU A 344 11.92 20.35 -13.65
CA GLU A 344 12.88 21.39 -13.30
C GLU A 344 13.88 21.56 -14.43
N TYR A 345 13.99 22.77 -14.98
CA TYR A 345 14.91 23.01 -16.07
C TYR A 345 16.35 22.87 -15.58
N GLU A 346 17.14 22.12 -16.33
CA GLU A 346 18.55 21.91 -16.01
C GLU A 346 19.35 23.03 -16.65
N GLU A 347 19.78 23.99 -15.83
CA GLU A 347 20.57 25.11 -16.35
C GLU A 347 21.99 24.68 -16.64
N ARG A 348 22.56 25.25 -17.70
CA ARG A 348 23.89 24.87 -18.17
C ARG A 348 24.95 25.83 -17.66
N GLU A 349 26.21 25.50 -17.97
CA GLU A 349 27.32 26.38 -17.64
C GLU A 349 27.23 27.68 -18.46
N SER A 350 27.08 27.55 -19.78
CA SER A 350 26.90 28.70 -20.66
C SER A 350 25.44 29.11 -20.78
N GLU A 351 24.62 28.77 -19.79
CA GLU A 351 23.19 29.06 -19.87
C GLU A 351 22.92 30.56 -19.97
N PHE A 352 23.75 31.38 -19.32
CA PHE A 352 23.64 32.83 -19.44
C PHE A 352 24.70 33.42 -20.35
N ASP A 353 25.64 32.62 -20.83
CA ASP A 353 26.69 33.12 -21.70
C ASP A 353 26.11 33.51 -23.06
N ILE A 354 26.86 34.33 -23.78
CA ILE A 354 26.49 34.71 -25.14
C ILE A 354 26.69 33.53 -26.07
N LYS B 11 19.11 8.65 -66.06
CA LYS B 11 18.15 9.75 -66.13
C LYS B 11 17.08 9.48 -67.17
N PRO B 12 15.85 9.87 -66.88
CA PRO B 12 14.75 9.60 -67.81
C PRO B 12 14.80 10.47 -69.04
N ASN B 13 14.13 10.00 -70.08
CA ASN B 13 14.02 10.68 -71.36
C ASN B 13 12.58 10.71 -71.81
N TYR B 14 11.69 11.12 -70.91
CA TYR B 14 10.26 11.15 -71.18
C TYR B 14 9.94 12.07 -72.34
N ALA B 15 9.28 11.52 -73.35
CA ALA B 15 8.86 12.28 -74.52
C ALA B 15 7.35 12.25 -74.63
N LEU B 16 6.79 13.34 -75.13
CA LEU B 16 5.34 13.42 -75.30
C LEU B 16 4.87 12.43 -76.36
N LYS B 17 3.89 11.62 -76.00
CA LYS B 17 3.31 10.60 -76.87
C LYS B 17 1.84 10.84 -77.17
N PHE B 18 1.07 11.33 -76.20
CA PHE B 18 -0.35 11.58 -76.39
C PHE B 18 -0.76 12.79 -75.58
N THR B 19 -1.51 13.69 -76.22
CA THR B 19 -2.07 14.86 -75.55
C THR B 19 -3.57 14.68 -75.44
N LEU B 20 -4.10 14.87 -74.24
CA LEU B 20 -5.48 14.59 -73.91
C LEU B 20 -6.13 15.86 -73.40
N ALA B 21 -7.39 16.07 -73.80
CA ALA B 21 -8.09 17.29 -73.41
C ALA B 21 -9.58 17.07 -73.61
N GLY B 22 -10.37 17.99 -73.06
CA GLY B 22 -11.81 17.88 -73.16
C GLY B 22 -12.57 18.40 -71.96
N HIS B 23 -11.89 18.56 -70.83
CA HIS B 23 -12.53 19.12 -69.64
C HIS B 23 -12.79 20.60 -69.88
N THR B 24 -14.07 21.00 -69.80
CA THR B 24 -14.44 22.38 -70.07
C THR B 24 -13.91 23.34 -69.03
N LYS B 25 -13.42 22.85 -67.90
CA LYS B 25 -12.93 23.72 -66.84
C LYS B 25 -11.58 23.25 -66.34
N ALA B 26 -11.10 23.85 -65.25
CA ALA B 26 -9.76 23.55 -64.75
C ALA B 26 -9.70 22.12 -64.22
N VAL B 27 -8.74 21.35 -64.75
CA VAL B 27 -8.52 20.00 -64.26
C VAL B 27 -7.97 20.06 -62.84
N SER B 28 -8.46 19.17 -61.98
CA SER B 28 -8.04 19.13 -60.59
C SER B 28 -7.28 17.87 -60.22
N SER B 29 -7.43 16.78 -60.97
CA SER B 29 -6.73 15.55 -60.66
C SER B 29 -6.76 14.60 -61.85
N VAL B 30 -5.65 13.90 -62.06
CA VAL B 30 -5.57 12.81 -63.03
C VAL B 30 -4.88 11.65 -62.36
N LYS B 31 -5.44 10.44 -62.51
CA LYS B 31 -4.93 9.27 -61.82
C LYS B 31 -4.91 8.08 -62.77
N PHE B 32 -3.80 7.34 -62.76
CA PHE B 32 -3.71 6.10 -63.51
C PHE B 32 -4.43 4.99 -62.80
N SER B 33 -5.16 4.18 -63.55
CA SER B 33 -5.77 3.00 -62.96
C SER B 33 -4.67 2.05 -62.49
N PRO B 34 -4.88 1.35 -61.37
CA PRO B 34 -3.83 0.46 -60.85
C PRO B 34 -3.40 -0.60 -61.84
N ASN B 35 -4.30 -1.06 -62.71
CA ASN B 35 -3.89 -1.94 -63.80
C ASN B 35 -3.23 -1.19 -64.93
N GLY B 36 -3.20 0.15 -64.87
CA GLY B 36 -2.66 0.94 -65.96
C GLY B 36 -3.49 0.93 -67.21
N GLU B 37 -4.77 0.57 -67.11
CA GLU B 37 -5.64 0.49 -68.28
C GLU B 37 -6.32 1.81 -68.62
N TRP B 38 -6.64 2.61 -67.61
CA TRP B 38 -7.36 3.85 -67.83
C TRP B 38 -6.69 5.00 -67.11
N LEU B 39 -7.11 6.21 -67.49
CA LEU B 39 -6.70 7.43 -66.82
C LEU B 39 -7.95 8.21 -66.49
N ALA B 40 -8.17 8.44 -65.19
CA ALA B 40 -9.32 9.19 -64.72
C ALA B 40 -8.90 10.63 -64.49
N SER B 41 -9.65 11.56 -65.06
CA SER B 41 -9.35 12.98 -64.96
C SER B 41 -10.57 13.69 -64.40
N SER B 42 -10.40 14.34 -63.26
CA SER B 42 -11.45 15.12 -62.65
C SER B 42 -11.19 16.60 -62.88
N SER B 43 -12.26 17.39 -62.89
CA SER B 43 -12.13 18.83 -63.10
C SER B 43 -13.29 19.53 -62.39
N ALA B 44 -13.19 20.85 -62.35
CA ALA B 44 -14.24 21.67 -61.73
C ALA B 44 -15.50 21.73 -62.58
N ASP B 45 -15.55 21.05 -63.72
CA ASP B 45 -16.70 21.06 -64.59
C ASP B 45 -17.76 20.02 -64.23
N LYS B 46 -17.69 19.47 -63.01
CA LYS B 46 -18.62 18.44 -62.53
C LYS B 46 -18.54 17.17 -63.37
N LEU B 47 -17.49 17.02 -64.17
CA LEU B 47 -17.33 15.88 -65.05
C LEU B 47 -16.05 15.12 -64.71
N ILE B 48 -16.11 13.82 -64.86
CA ILE B 48 -14.93 12.97 -64.81
C ILE B 48 -14.74 12.39 -66.21
N LYS B 49 -13.50 12.15 -66.60
CA LYS B 49 -13.22 11.60 -67.91
C LYS B 49 -12.29 10.41 -67.78
N ILE B 50 -12.77 9.25 -68.20
CA ILE B 50 -11.94 8.06 -68.33
C ILE B 50 -11.37 8.06 -69.73
N TRP B 51 -10.06 7.84 -69.84
CA TRP B 51 -9.36 7.79 -71.11
C TRP B 51 -8.53 6.53 -71.17
N GLY B 52 -8.19 6.12 -72.39
CA GLY B 52 -7.26 5.01 -72.56
C GLY B 52 -5.88 5.40 -72.07
N ALA B 53 -5.26 4.53 -71.28
CA ALA B 53 -4.00 4.86 -70.64
C ALA B 53 -2.79 4.68 -71.54
N TYR B 54 -2.93 4.01 -72.69
CA TYR B 54 -1.81 3.76 -73.58
C TYR B 54 -1.92 4.46 -74.93
N ASP B 55 -3.11 4.81 -75.37
CA ASP B 55 -3.30 5.46 -76.65
C ASP B 55 -3.91 6.85 -76.55
N GLY B 56 -4.22 7.31 -75.35
CA GLY B 56 -4.93 8.58 -75.22
C GLY B 56 -6.35 8.54 -75.74
N LYS B 57 -6.95 7.35 -75.83
CA LYS B 57 -8.31 7.22 -76.34
C LYS B 57 -9.30 7.57 -75.24
N PHE B 58 -10.12 8.58 -75.49
CA PHE B 58 -11.15 9.01 -74.54
C PHE B 58 -12.17 7.89 -74.35
N GLU B 59 -12.17 7.28 -73.16
CA GLU B 59 -13.10 6.19 -72.90
C GLU B 59 -14.53 6.71 -72.75
N LYS B 60 -14.76 7.57 -71.77
CA LYS B 60 -16.09 8.11 -71.54
C LYS B 60 -16.02 9.27 -70.55
N THR B 61 -17.16 9.92 -70.37
CA THR B 61 -17.34 10.95 -69.35
C THR B 61 -18.41 10.51 -68.37
N ILE B 62 -18.12 10.63 -67.09
CA ILE B 62 -19.03 10.29 -66.02
C ILE B 62 -19.40 11.58 -65.30
N SER B 63 -20.67 11.95 -65.36
CA SER B 63 -21.19 13.10 -64.64
C SER B 63 -22.16 12.64 -63.57
N GLY B 64 -22.65 13.61 -62.79
CA GLY B 64 -23.56 13.31 -61.70
C GLY B 64 -23.27 14.16 -60.49
N HIS B 65 -22.02 14.61 -60.35
CA HIS B 65 -21.67 15.52 -59.29
C HIS B 65 -22.25 16.91 -59.58
N LYS B 66 -22.64 17.59 -58.51
CA LYS B 66 -23.38 18.85 -58.62
C LYS B 66 -22.48 20.08 -58.67
N LEU B 67 -21.24 19.97 -58.21
CA LEU B 67 -20.32 21.09 -58.21
C LEU B 67 -18.96 20.61 -58.72
N GLY B 68 -17.97 21.51 -58.68
CA GLY B 68 -16.65 21.16 -59.17
C GLY B 68 -16.06 19.99 -58.40
N ILE B 69 -15.21 19.24 -59.07
CA ILE B 69 -14.59 18.05 -58.51
C ILE B 69 -13.15 18.39 -58.15
N SER B 70 -12.77 18.14 -56.90
CA SER B 70 -11.44 18.49 -56.43
C SER B 70 -10.50 17.29 -56.36
N ASP B 71 -11.03 16.06 -56.37
CA ASP B 71 -10.20 14.88 -56.33
C ASP B 71 -10.99 13.67 -56.81
N VAL B 72 -10.27 12.68 -57.31
CA VAL B 72 -10.83 11.39 -57.69
C VAL B 72 -9.78 10.32 -57.44
N ALA B 73 -10.22 9.14 -57.01
CA ALA B 73 -9.28 8.08 -56.68
C ALA B 73 -9.82 6.73 -57.14
N TRP B 74 -8.92 5.91 -57.67
CA TRP B 74 -9.25 4.60 -58.20
C TRP B 74 -9.45 3.58 -57.09
N SER B 75 -10.14 2.50 -57.43
CA SER B 75 -10.15 1.32 -56.59
C SER B 75 -8.95 0.44 -56.92
N SER B 76 -8.56 -0.39 -55.94
CA SER B 76 -7.39 -1.25 -56.13
C SER B 76 -7.62 -2.29 -57.23
N ASP B 77 -8.84 -2.80 -57.35
CA ASP B 77 -9.18 -3.76 -58.39
C ASP B 77 -9.50 -3.09 -59.71
N SER B 78 -9.26 -1.78 -59.82
CA SER B 78 -9.58 -1.01 -61.02
C SER B 78 -11.04 -1.15 -61.40
N ASN B 79 -11.92 -1.27 -60.39
CA ASN B 79 -13.34 -1.41 -60.65
C ASN B 79 -14.18 -0.27 -60.11
N LEU B 80 -13.67 0.53 -59.18
CA LEU B 80 -14.43 1.63 -58.58
C LEU B 80 -13.59 2.90 -58.60
N LEU B 81 -14.30 4.02 -58.56
CA LEU B 81 -13.67 5.33 -58.52
C LEU B 81 -14.44 6.22 -57.56
N VAL B 82 -13.75 6.77 -56.57
CA VAL B 82 -14.34 7.71 -55.64
C VAL B 82 -14.05 9.11 -56.16
N SER B 83 -15.09 9.96 -56.16
CA SER B 83 -15.00 11.32 -56.67
C SER B 83 -15.40 12.26 -55.56
N ALA B 84 -14.45 13.09 -55.10
CA ALA B 84 -14.70 14.10 -54.08
C ALA B 84 -14.93 15.42 -54.77
N SER B 85 -16.14 15.97 -54.63
CA SER B 85 -16.47 17.17 -55.37
C SER B 85 -16.71 18.33 -54.41
N ASP B 86 -16.72 19.53 -54.99
CA ASP B 86 -17.01 20.74 -54.24
C ASP B 86 -18.46 20.83 -53.81
N ASP B 87 -19.29 19.87 -54.19
CA ASP B 87 -20.68 19.81 -53.74
C ASP B 87 -20.81 19.23 -52.34
N LYS B 88 -19.70 19.17 -51.59
CA LYS B 88 -19.62 18.58 -50.25
C LYS B 88 -19.90 17.08 -50.27
N THR B 89 -19.89 16.45 -51.44
CA THR B 89 -20.23 15.05 -51.55
C THR B 89 -19.08 14.27 -52.16
N LEU B 90 -18.98 13.02 -51.73
CA LEU B 90 -18.23 12.01 -52.45
C LEU B 90 -19.20 11.23 -53.31
N LYS B 91 -18.66 10.49 -54.27
CA LYS B 91 -19.50 9.63 -55.11
C LYS B 91 -18.65 8.45 -55.57
N ILE B 92 -19.08 7.26 -55.21
CA ILE B 92 -18.42 6.02 -55.60
C ILE B 92 -19.10 5.50 -56.85
N TRP B 93 -18.30 5.27 -57.89
CA TRP B 93 -18.77 4.87 -59.20
C TRP B 93 -18.16 3.54 -59.58
N ASP B 94 -18.94 2.71 -60.27
CA ASP B 94 -18.40 1.55 -60.96
C ASP B 94 -17.75 2.04 -62.25
N VAL B 95 -16.45 1.77 -62.40
CA VAL B 95 -15.73 2.30 -63.55
C VAL B 95 -16.22 1.64 -64.84
N SER B 96 -16.77 0.44 -64.75
CA SER B 96 -17.18 -0.29 -65.95
C SER B 96 -18.54 0.21 -66.45
N SER B 97 -19.46 0.50 -65.55
CA SER B 97 -20.79 0.95 -65.93
C SER B 97 -20.98 2.45 -65.79
N GLY B 98 -20.11 3.14 -65.06
CA GLY B 98 -20.32 4.55 -64.82
C GLY B 98 -21.48 4.85 -63.90
N LYS B 99 -21.96 3.85 -63.17
CA LYS B 99 -23.11 4.04 -62.29
C LYS B 99 -22.68 4.65 -60.97
N CYS B 100 -23.47 5.62 -60.51
CA CYS B 100 -23.27 6.21 -59.17
C CYS B 100 -23.74 5.19 -58.16
N LEU B 101 -22.86 4.25 -57.82
CA LEU B 101 -23.21 3.24 -56.83
C LEU B 101 -23.49 3.89 -55.49
N LYS B 102 -22.74 4.93 -55.12
CA LYS B 102 -22.99 5.59 -53.85
C LYS B 102 -22.72 7.08 -53.98
N THR B 103 -23.42 7.86 -53.15
CA THR B 103 -23.17 9.29 -53.00
C THR B 103 -23.04 9.57 -51.52
N LEU B 104 -21.83 9.97 -51.10
CA LEU B 104 -21.48 10.11 -49.70
C LEU B 104 -21.75 11.55 -49.27
N LYS B 105 -22.71 11.71 -48.36
CA LYS B 105 -23.10 12.99 -47.80
C LYS B 105 -22.71 13.06 -46.33
N GLY B 106 -22.31 14.23 -45.89
CA GLY B 106 -21.94 14.40 -44.50
C GLY B 106 -20.82 15.41 -44.28
N HIS B 107 -19.99 15.60 -45.29
CA HIS B 107 -19.03 16.70 -45.24
C HIS B 107 -19.76 18.03 -45.29
N SER B 108 -19.50 18.89 -44.31
CA SER B 108 -20.20 20.15 -44.20
C SER B 108 -19.68 21.22 -45.14
N ASN B 109 -18.63 20.93 -45.91
CA ASN B 109 -18.10 21.93 -46.82
C ASN B 109 -17.40 21.22 -47.98
N TYR B 110 -16.67 21.98 -48.78
CA TYR B 110 -16.08 21.46 -50.02
C TYR B 110 -15.14 20.30 -49.72
N VAL B 111 -15.40 19.16 -50.35
CA VAL B 111 -14.55 17.99 -50.21
C VAL B 111 -13.44 18.11 -51.25
N PHE B 112 -12.19 18.02 -50.79
CA PHE B 112 -11.04 18.29 -51.64
C PHE B 112 -10.23 17.06 -52.00
N CYS B 113 -10.19 16.05 -51.14
CA CYS B 113 -9.39 14.86 -51.41
C CYS B 113 -10.14 13.62 -50.98
N CYS B 114 -9.74 12.49 -51.55
CA CYS B 114 -10.39 11.21 -51.28
C CYS B 114 -9.45 10.10 -51.70
N ASN B 115 -9.45 9.01 -50.92
CA ASN B 115 -8.57 7.88 -51.19
C ASN B 115 -9.19 6.62 -50.60
N PHE B 116 -8.96 5.50 -51.29
CA PHE B 116 -9.40 4.20 -50.82
C PHE B 116 -8.37 3.59 -49.87
N ASN B 117 -8.83 2.66 -49.05
CA ASN B 117 -7.91 1.87 -48.24
C ASN B 117 -7.19 0.86 -49.13
N PRO B 118 -6.03 0.38 -48.69
CA PRO B 118 -5.32 -0.65 -49.49
C PRO B 118 -6.15 -1.88 -49.81
N GLN B 119 -7.18 -2.18 -49.02
CA GLN B 119 -8.11 -3.25 -49.36
C GLN B 119 -9.37 -2.74 -50.05
N SER B 120 -9.37 -1.49 -50.49
CA SER B 120 -10.39 -0.90 -51.36
C SER B 120 -11.79 -0.92 -50.75
N ASN B 121 -11.94 -1.35 -49.51
CA ASN B 121 -13.24 -1.47 -48.86
C ASN B 121 -13.57 -0.27 -47.99
N LEU B 122 -12.72 0.75 -47.97
CA LEU B 122 -12.91 1.89 -47.10
C LEU B 122 -12.40 3.14 -47.79
N ILE B 123 -12.93 4.29 -47.39
CA ILE B 123 -12.59 5.56 -48.00
C ILE B 123 -12.18 6.55 -46.90
N VAL B 124 -11.15 7.34 -47.18
CA VAL B 124 -10.80 8.50 -46.38
C VAL B 124 -11.11 9.74 -47.20
N SER B 125 -11.58 10.79 -46.54
CA SER B 125 -11.99 11.99 -47.24
C SER B 125 -11.63 13.22 -46.43
N GLY B 126 -11.05 14.21 -47.10
CA GLY B 126 -10.77 15.50 -46.49
C GLY B 126 -11.63 16.56 -47.15
N SER B 127 -12.10 17.52 -46.37
CA SER B 127 -12.97 18.56 -46.88
C SER B 127 -12.52 19.91 -46.36
N PHE B 128 -13.16 20.96 -46.88
CA PHE B 128 -12.92 22.32 -46.40
C PHE B 128 -13.32 22.47 -44.94
N ASP B 129 -14.20 21.60 -44.45
CA ASP B 129 -14.68 21.67 -43.08
C ASP B 129 -13.57 21.41 -42.07
N GLU B 130 -12.36 21.18 -42.57
CA GLU B 130 -11.16 20.94 -41.77
C GLU B 130 -11.31 19.71 -40.89
N SER B 131 -12.23 18.81 -41.26
CA SER B 131 -12.43 17.54 -40.57
C SER B 131 -12.32 16.42 -41.59
N VAL B 132 -11.66 15.33 -41.20
CA VAL B 132 -11.44 14.18 -42.06
C VAL B 132 -12.50 13.14 -41.73
N ARG B 133 -13.21 12.69 -42.76
CA ARG B 133 -14.26 11.70 -42.58
C ARG B 133 -13.81 10.35 -43.13
N ILE B 134 -14.18 9.30 -42.42
CA ILE B 134 -13.80 7.94 -42.74
C ILE B 134 -15.08 7.17 -43.03
N TRP B 135 -15.12 6.51 -44.19
CA TRP B 135 -16.33 6.10 -44.84
C TRP B 135 -16.30 4.63 -45.19
N ASP B 136 -17.46 4.00 -45.08
CA ASP B 136 -17.67 2.67 -45.65
C ASP B 136 -17.78 2.78 -47.16
N VAL B 137 -17.49 1.67 -47.83
CA VAL B 137 -17.67 1.55 -49.27
C VAL B 137 -18.95 0.81 -49.63
N LYS B 138 -19.17 -0.36 -49.03
CA LYS B 138 -20.31 -1.19 -49.44
C LYS B 138 -21.65 -0.60 -48.99
N THR B 139 -21.66 0.17 -47.90
CA THR B 139 -22.83 0.95 -47.55
C THR B 139 -22.63 2.44 -47.73
N GLY B 140 -21.41 2.87 -48.03
CA GLY B 140 -21.15 4.29 -48.19
C GLY B 140 -21.39 5.11 -46.94
N LYS B 141 -21.31 4.48 -45.77
CA LYS B 141 -21.64 5.14 -44.53
C LYS B 141 -20.39 5.72 -43.88
N CYS B 142 -20.52 6.94 -43.37
CA CYS B 142 -19.43 7.56 -42.65
C CYS B 142 -19.27 6.88 -41.30
N LEU B 143 -18.11 6.26 -41.10
CA LEU B 143 -17.84 5.55 -39.87
C LEU B 143 -17.11 6.38 -38.84
N LYS B 144 -16.35 7.39 -39.27
CA LYS B 144 -15.63 8.24 -38.33
C LYS B 144 -15.56 9.65 -38.89
N THR B 145 -15.35 10.61 -38.00
CA THR B 145 -15.19 12.00 -38.40
C THR B 145 -14.31 12.69 -37.36
N LEU B 146 -13.26 13.36 -37.82
CA LEU B 146 -12.21 13.83 -36.94
C LEU B 146 -11.95 15.32 -37.20
N PRO B 147 -11.98 16.17 -36.18
CA PRO B 147 -11.51 17.55 -36.36
C PRO B 147 -10.01 17.56 -36.57
N ALA B 148 -9.58 17.18 -37.77
CA ALA B 148 -8.18 16.84 -37.98
C ALA B 148 -7.29 18.07 -37.95
N HIS B 149 -7.66 19.12 -38.69
CA HIS B 149 -6.79 20.27 -38.87
C HIS B 149 -7.54 21.56 -38.56
N SER B 150 -6.76 22.64 -38.45
CA SER B 150 -7.28 23.98 -38.26
C SER B 150 -7.42 24.73 -39.59
N ASP B 151 -7.36 24.01 -40.70
CA ASP B 151 -7.52 24.60 -42.02
C ASP B 151 -8.04 23.52 -42.96
N PRO B 152 -8.66 23.91 -44.08
CA PRO B 152 -9.19 22.92 -45.01
C PRO B 152 -8.16 21.87 -45.38
N VAL B 153 -8.61 20.62 -45.41
CA VAL B 153 -7.71 19.51 -45.69
C VAL B 153 -7.34 19.51 -47.17
N SER B 154 -6.07 19.30 -47.46
CA SER B 154 -5.54 19.28 -48.82
C SER B 154 -5.44 17.86 -49.38
N ALA B 155 -4.83 16.95 -48.63
CA ALA B 155 -4.62 15.60 -49.12
C ALA B 155 -4.66 14.61 -47.98
N VAL B 156 -5.35 13.49 -48.20
CA VAL B 156 -5.37 12.37 -47.27
C VAL B 156 -5.00 11.12 -48.04
N HIS B 157 -4.37 10.18 -47.34
CA HIS B 157 -3.88 8.97 -48.01
C HIS B 157 -3.67 7.88 -46.98
N PHE B 158 -3.75 6.63 -47.44
CA PHE B 158 -3.54 5.45 -46.62
C PHE B 158 -2.09 5.02 -46.66
N ASN B 159 -1.70 4.26 -45.64
CA ASN B 159 -0.39 3.62 -45.64
C ASN B 159 -0.47 2.38 -46.52
N ARG B 160 0.56 1.53 -46.46
CA ARG B 160 0.61 0.37 -47.34
C ARG B 160 -0.49 -0.64 -47.04
N ASP B 161 -0.95 -0.69 -45.79
CA ASP B 161 -1.90 -1.71 -45.38
C ASP B 161 -3.26 -1.17 -44.98
N GLY B 162 -3.37 0.13 -44.68
CA GLY B 162 -4.61 0.67 -44.16
C GLY B 162 -4.66 0.84 -42.66
N SER B 163 -3.54 0.73 -41.97
CA SER B 163 -3.50 0.93 -40.53
C SER B 163 -3.31 2.40 -40.16
N LEU B 164 -2.73 3.20 -41.04
CA LEU B 164 -2.42 4.59 -40.77
C LEU B 164 -3.03 5.47 -41.84
N ILE B 165 -3.49 6.65 -41.45
CA ILE B 165 -4.01 7.63 -42.39
C ILE B 165 -3.21 8.92 -42.22
N VAL B 166 -2.56 9.35 -43.28
CA VAL B 166 -1.81 10.60 -43.26
C VAL B 166 -2.72 11.70 -43.79
N SER B 167 -2.60 12.88 -43.19
CA SER B 167 -3.45 14.00 -43.57
C SER B 167 -2.61 15.27 -43.64
N SER B 168 -2.84 16.05 -44.69
CA SER B 168 -2.23 17.36 -44.86
C SER B 168 -3.32 18.40 -45.02
N SER B 169 -3.00 19.63 -44.66
CA SER B 169 -3.98 20.71 -44.81
C SER B 169 -3.23 22.03 -44.95
N TYR B 170 -3.99 23.07 -45.25
CA TYR B 170 -3.39 24.39 -45.46
C TYR B 170 -2.76 24.96 -44.21
N ASP B 171 -3.13 24.46 -43.03
CA ASP B 171 -2.51 24.96 -41.81
C ASP B 171 -1.08 24.49 -41.64
N GLY B 172 -0.54 23.74 -42.61
CA GLY B 172 0.84 23.36 -42.59
C GLY B 172 1.17 22.11 -41.79
N LEU B 173 0.15 21.42 -41.27
CA LEU B 173 0.35 20.25 -40.42
C LEU B 173 0.23 18.97 -41.23
N CYS B 174 1.13 18.03 -40.96
CA CYS B 174 1.08 16.69 -41.51
C CYS B 174 0.86 15.73 -40.35
N ARG B 175 -0.34 15.19 -40.24
CA ARG B 175 -0.73 14.40 -39.08
C ARG B 175 -1.02 12.97 -39.50
N ILE B 176 -0.38 12.03 -38.81
CA ILE B 176 -0.63 10.61 -38.99
C ILE B 176 -1.58 10.16 -37.90
N TRP B 177 -2.67 9.51 -38.30
CA TRP B 177 -3.73 9.09 -37.42
C TRP B 177 -3.90 7.59 -37.48
N ASP B 178 -4.27 7.01 -36.33
CA ASP B 178 -4.63 5.60 -36.30
C ASP B 178 -5.96 5.38 -37.00
N THR B 179 -6.06 4.29 -37.75
CA THR B 179 -7.30 4.01 -38.46
C THR B 179 -8.33 3.38 -37.54
N ALA B 180 -7.93 2.36 -36.77
CA ALA B 180 -8.90 1.63 -35.96
C ALA B 180 -9.50 2.52 -34.87
N SER B 181 -8.79 3.56 -34.45
CA SER B 181 -9.23 4.38 -33.33
C SER B 181 -9.29 5.87 -33.64
N GLY B 182 -8.82 6.31 -34.80
CA GLY B 182 -8.73 7.73 -35.06
C GLY B 182 -7.67 8.44 -34.25
N GLN B 183 -6.74 7.69 -33.66
CA GLN B 183 -5.76 8.28 -32.77
C GLN B 183 -4.73 9.07 -33.56
N CYS B 184 -4.55 10.34 -33.19
CA CYS B 184 -3.58 11.20 -33.85
C CYS B 184 -2.18 10.75 -33.47
N LEU B 185 -1.62 9.84 -34.28
CA LEU B 185 -0.37 9.19 -33.92
C LEU B 185 0.79 10.19 -33.90
N LYS B 186 0.98 10.92 -34.99
CA LYS B 186 2.15 11.78 -35.11
C LYS B 186 1.77 13.10 -35.75
N THR B 187 2.59 14.11 -35.50
CA THR B 187 2.42 15.44 -36.09
C THR B 187 3.81 15.92 -36.51
N LEU B 188 4.04 16.01 -37.82
CA LEU B 188 5.35 16.38 -38.35
C LEU B 188 5.43 17.89 -38.52
N ILE B 189 6.47 18.48 -37.95
CA ILE B 189 6.68 19.92 -37.97
C ILE B 189 8.09 20.19 -38.48
N ASP B 190 8.24 21.23 -39.31
CA ASP B 190 9.52 21.58 -39.90
C ASP B 190 9.92 23.01 -39.51
N ASP B 191 9.76 23.34 -38.23
CA ASP B 191 10.28 24.56 -37.62
C ASP B 191 9.53 25.79 -38.14
N ASP B 192 8.60 25.60 -39.07
CA ASP B 192 7.78 26.68 -39.58
C ASP B 192 6.39 26.13 -39.82
N ASN B 193 5.53 26.93 -40.46
CA ASN B 193 4.17 26.55 -40.80
C ASN B 193 3.99 26.64 -42.31
N PRO B 194 4.60 25.73 -43.07
CA PRO B 194 4.48 25.79 -44.52
C PRO B 194 3.21 25.10 -44.98
N PRO B 195 2.36 25.80 -45.72
CA PRO B 195 1.07 25.21 -46.13
C PRO B 195 1.30 23.95 -46.94
N VAL B 196 0.90 22.81 -46.38
CA VAL B 196 1.11 21.52 -47.02
C VAL B 196 -0.09 21.23 -47.91
N SER B 197 0.16 21.19 -49.22
CA SER B 197 -0.90 21.00 -50.20
C SER B 197 -1.07 19.55 -50.64
N PHE B 198 -0.08 18.69 -50.38
CA PHE B 198 -0.17 17.30 -50.76
C PHE B 198 0.60 16.46 -49.75
N VAL B 199 0.15 15.21 -49.59
CA VAL B 199 0.85 14.27 -48.71
C VAL B 199 0.47 12.86 -49.15
N LYS B 200 1.39 11.93 -48.96
CA LYS B 200 1.14 10.53 -49.26
C LYS B 200 2.26 9.70 -48.65
N PHE B 201 1.96 8.42 -48.45
CA PHE B 201 2.92 7.45 -47.93
C PHE B 201 3.91 7.03 -49.01
N SER B 202 5.00 6.41 -48.57
CA SER B 202 5.92 5.78 -49.51
C SER B 202 5.38 4.42 -49.92
N PRO B 203 5.81 3.92 -51.09
CA PRO B 203 5.37 2.57 -51.50
C PRO B 203 5.65 1.51 -50.47
N ASN B 204 6.81 1.59 -49.80
CA ASN B 204 7.12 0.69 -48.70
C ASN B 204 6.48 1.10 -47.39
N GLY B 205 5.66 2.17 -47.40
CA GLY B 205 5.06 2.66 -46.17
C GLY B 205 6.04 3.19 -45.15
N LYS B 206 7.31 3.32 -45.52
CA LYS B 206 8.35 3.76 -44.60
C LYS B 206 8.56 5.27 -44.60
N TYR B 207 8.22 5.93 -45.71
CA TYR B 207 8.46 7.35 -45.86
C TYR B 207 7.17 8.05 -46.29
N ILE B 208 7.21 9.37 -46.28
CA ILE B 208 6.06 10.20 -46.60
C ILE B 208 6.52 11.38 -47.44
N LEU B 209 5.87 11.58 -48.58
CA LEU B 209 6.15 12.71 -49.45
C LEU B 209 5.08 13.78 -49.25
N ALA B 210 5.51 14.98 -48.88
CA ALA B 210 4.61 16.09 -48.63
C ALA B 210 5.10 17.32 -49.37
N ALA B 211 4.20 17.97 -50.11
CA ALA B 211 4.52 19.19 -50.83
C ALA B 211 4.06 20.40 -50.01
N THR B 212 4.93 21.38 -49.86
CA THR B 212 4.57 22.63 -49.21
C THR B 212 4.55 23.75 -50.23
N LEU B 213 3.70 24.75 -49.99
CA LEU B 213 3.46 25.80 -50.97
C LEU B 213 4.57 26.85 -50.95
N ASP B 214 5.81 26.39 -51.06
CA ASP B 214 6.98 27.26 -51.13
C ASP B 214 8.00 26.72 -52.12
N ASN B 215 7.52 25.99 -53.13
CA ASN B 215 8.39 25.32 -54.11
C ASN B 215 9.31 24.32 -53.41
N THR B 216 8.72 23.43 -52.61
CA THR B 216 9.49 22.48 -51.84
C THR B 216 8.69 21.19 -51.63
N LEU B 217 9.37 20.07 -51.85
CA LEU B 217 8.86 18.75 -51.56
C LEU B 217 9.73 18.12 -50.48
N LYS B 218 9.13 17.34 -49.59
CA LYS B 218 9.84 16.80 -48.45
C LYS B 218 9.48 15.33 -48.25
N LEU B 219 10.51 14.48 -48.23
CA LEU B 219 10.35 13.08 -47.90
C LEU B 219 10.81 12.87 -46.46
N TRP B 220 9.90 12.40 -45.61
CA TRP B 220 10.15 12.17 -44.20
C TRP B 220 10.18 10.68 -43.91
N ASP B 221 10.97 10.30 -42.91
CA ASP B 221 10.90 8.95 -42.37
C ASP B 221 9.76 8.88 -41.36
N TYR B 222 8.96 7.82 -41.44
CA TYR B 222 7.88 7.69 -40.48
C TYR B 222 8.39 7.23 -39.12
N SER B 223 9.23 6.19 -39.11
CA SER B 223 9.77 5.69 -37.86
C SER B 223 10.65 6.73 -37.18
N LYS B 224 11.25 7.64 -37.96
CA LYS B 224 12.06 8.71 -37.39
C LYS B 224 11.30 10.01 -37.19
N GLY B 225 10.21 10.24 -37.93
CA GLY B 225 9.46 11.46 -37.81
C GLY B 225 10.20 12.70 -38.26
N LYS B 226 11.26 12.54 -39.04
CA LYS B 226 12.08 13.64 -39.52
C LYS B 226 12.18 13.60 -41.04
N CYS B 227 12.29 14.77 -41.64
CA CYS B 227 12.45 14.88 -43.09
C CYS B 227 13.77 14.26 -43.50
N LEU B 228 13.72 13.32 -44.44
CA LEU B 228 14.93 12.68 -44.94
C LEU B 228 15.51 13.42 -46.13
N LYS B 229 14.66 13.82 -47.08
CA LYS B 229 15.13 14.45 -48.31
C LYS B 229 14.26 15.64 -48.65
N THR B 230 14.84 16.58 -49.39
CA THR B 230 14.12 17.76 -49.86
C THR B 230 14.35 17.92 -51.36
N TYR B 231 13.36 18.50 -52.01
CA TYR B 231 13.34 18.61 -53.47
C TYR B 231 12.84 20.00 -53.84
N THR B 232 13.67 20.75 -54.55
CA THR B 232 13.29 22.10 -54.99
C THR B 232 13.59 22.27 -56.47
N GLY B 233 13.49 23.51 -56.95
CA GLY B 233 13.66 23.82 -58.34
C GLY B 233 12.35 24.03 -59.08
N HIS B 234 11.27 23.43 -58.60
CA HIS B 234 9.95 23.61 -59.20
C HIS B 234 9.34 24.89 -58.66
N LYS B 235 8.09 25.16 -59.02
CA LYS B 235 7.35 26.31 -58.50
C LYS B 235 5.97 25.84 -58.07
N ASN B 236 5.69 25.93 -56.77
CA ASN B 236 4.37 25.57 -56.24
C ASN B 236 4.15 26.36 -54.96
N GLU B 237 3.24 27.33 -55.02
CA GLU B 237 2.95 28.15 -53.85
C GLU B 237 1.47 28.40 -53.60
N LYS B 238 0.58 28.11 -54.54
CA LYS B 238 -0.84 28.36 -54.34
C LYS B 238 -1.71 27.13 -54.55
N TYR B 239 -1.41 26.31 -55.57
CA TYR B 239 -2.30 25.24 -55.97
C TYR B 239 -1.84 23.89 -55.42
N CYS B 240 -2.79 22.96 -55.41
CA CYS B 240 -2.54 21.59 -54.97
C CYS B 240 -1.86 20.84 -56.09
N ILE B 241 -0.54 20.92 -56.13
CA ILE B 241 0.25 20.24 -57.15
C ILE B 241 0.63 18.86 -56.64
N PHE B 242 0.31 17.82 -57.42
CA PHE B 242 0.52 16.46 -56.97
C PHE B 242 1.97 16.04 -57.22
N ALA B 243 2.39 15.05 -56.44
CA ALA B 243 3.72 14.45 -56.55
C ALA B 243 3.58 12.94 -56.53
N ASN B 244 4.38 12.27 -57.36
CA ASN B 244 4.32 10.83 -57.50
C ASN B 244 5.72 10.26 -57.47
N PHE B 245 5.80 8.98 -57.12
CA PHE B 245 7.05 8.23 -57.13
C PHE B 245 7.19 7.51 -58.46
N SER B 246 8.19 7.87 -59.25
CA SER B 246 8.49 7.14 -60.47
C SER B 246 9.30 5.92 -60.10
N VAL B 247 8.70 4.74 -60.27
CA VAL B 247 9.34 3.49 -59.88
C VAL B 247 9.46 2.50 -61.03
N THR B 248 8.59 2.58 -62.04
CA THR B 248 8.63 1.60 -63.12
C THR B 248 9.96 1.60 -63.86
N GLY B 249 10.63 2.75 -63.91
CA GLY B 249 12.00 2.80 -64.38
C GLY B 249 12.95 3.09 -63.22
N GLY B 250 13.73 4.15 -63.33
CA GLY B 250 14.54 4.58 -62.22
C GLY B 250 13.69 5.17 -61.12
N LYS B 251 14.28 5.24 -59.92
CA LYS B 251 13.60 5.81 -58.77
C LYS B 251 13.68 7.33 -58.87
N TRP B 252 12.55 7.96 -59.17
CA TRP B 252 12.49 9.41 -59.32
C TRP B 252 11.31 9.95 -58.53
N ILE B 253 11.27 11.27 -58.41
CA ILE B 253 10.14 12.00 -57.84
C ILE B 253 9.62 12.94 -58.92
N VAL B 254 8.39 12.70 -59.36
CA VAL B 254 7.79 13.50 -60.44
C VAL B 254 6.74 14.41 -59.83
N SER B 255 6.69 15.65 -60.31
CA SER B 255 5.73 16.61 -59.81
C SER B 255 5.45 17.66 -60.87
N GLY B 256 4.36 18.40 -60.68
CA GLY B 256 4.07 19.56 -61.49
C GLY B 256 4.70 20.80 -60.90
N SER B 257 4.54 21.91 -61.62
CA SER B 257 5.08 23.18 -61.16
C SER B 257 4.31 24.32 -61.79
N GLU B 258 4.29 25.45 -61.10
CA GLU B 258 3.57 26.63 -61.57
C GLU B 258 4.26 27.32 -62.73
N ASP B 259 5.36 26.76 -63.24
CA ASP B 259 6.06 27.33 -64.38
C ASP B 259 5.80 26.55 -65.67
N ASN B 260 4.69 25.84 -65.74
CA ASN B 260 4.27 25.02 -66.89
C ASN B 260 5.20 23.85 -67.14
N LEU B 261 6.10 23.55 -66.21
CA LEU B 261 7.02 22.43 -66.37
C LEU B 261 6.54 21.22 -65.59
N VAL B 262 7.05 20.06 -66.01
CA VAL B 262 6.85 18.80 -65.31
C VAL B 262 8.21 18.38 -64.78
N TYR B 263 8.43 18.59 -63.48
CA TYR B 263 9.73 18.35 -62.88
C TYR B 263 9.89 16.89 -62.51
N ILE B 264 11.09 16.36 -62.72
CA ILE B 264 11.44 15.00 -62.34
C ILE B 264 12.81 15.10 -61.66
N TRP B 265 12.84 14.85 -60.36
CA TRP B 265 14.07 14.78 -59.60
C TRP B 265 14.51 13.34 -59.44
N ASN B 266 15.80 13.15 -59.20
CA ASN B 266 16.27 11.86 -58.74
C ASN B 266 15.75 11.63 -57.33
N LEU B 267 15.36 10.38 -57.06
CA LEU B 267 14.79 10.06 -55.75
C LEU B 267 15.84 10.19 -54.66
N GLN B 268 17.00 9.57 -54.84
CA GLN B 268 18.03 9.59 -53.81
C GLN B 268 18.78 10.93 -53.81
N THR B 269 19.37 11.30 -54.94
CA THR B 269 20.21 12.49 -55.01
C THR B 269 19.40 13.78 -54.96
N LYS B 270 18.08 13.71 -55.05
CA LYS B 270 17.19 14.86 -55.02
C LYS B 270 17.45 15.84 -56.15
N GLU B 271 18.22 15.45 -57.15
CA GLU B 271 18.57 16.34 -58.25
C GLU B 271 17.60 16.16 -59.41
N ILE B 272 17.28 17.27 -60.07
CA ILE B 272 16.36 17.24 -61.21
C ILE B 272 16.95 16.34 -62.28
N VAL B 273 16.20 15.30 -62.66
CA VAL B 273 16.65 14.40 -63.71
C VAL B 273 15.93 14.62 -65.04
N GLN B 274 14.83 15.38 -65.06
CA GLN B 274 14.20 15.75 -66.31
C GLN B 274 13.23 16.89 -66.09
N LYS B 275 12.99 17.66 -67.16
CA LYS B 275 12.03 18.77 -67.16
C LYS B 275 11.18 18.63 -68.42
N LEU B 276 9.97 18.10 -68.26
CA LEU B 276 9.07 17.90 -69.38
C LEU B 276 8.30 19.19 -69.64
N GLN B 277 8.58 19.82 -70.77
CA GLN B 277 7.91 21.05 -71.16
C GLN B 277 7.01 20.77 -72.37
N GLY B 278 5.97 21.59 -72.51
CA GLY B 278 4.98 21.42 -73.54
C GLY B 278 3.63 21.85 -73.05
N HIS B 279 3.46 21.92 -71.73
CA HIS B 279 2.24 22.45 -71.16
C HIS B 279 2.29 23.96 -71.12
N THR B 280 1.16 24.59 -71.40
CA THR B 280 1.09 26.04 -71.47
C THR B 280 0.58 26.68 -70.19
N ASP B 281 -0.14 25.93 -69.36
CA ASP B 281 -0.61 26.42 -68.08
C ASP B 281 0.13 25.68 -66.97
N VAL B 282 -0.19 26.06 -65.73
CA VAL B 282 0.40 25.37 -64.59
C VAL B 282 0.05 23.89 -64.66
N VAL B 283 1.08 23.05 -64.59
CA VAL B 283 0.86 21.62 -64.61
C VAL B 283 0.23 21.26 -63.28
N ILE B 284 -1.10 21.13 -63.27
CA ILE B 284 -1.82 21.09 -62.00
C ILE B 284 -1.82 19.70 -61.40
N SER B 285 -1.89 18.65 -62.21
CA SER B 285 -1.99 17.29 -61.68
C SER B 285 -1.01 16.37 -62.40
N THR B 286 -0.54 15.37 -61.66
CA THR B 286 0.41 14.41 -62.19
C THR B 286 -0.03 13.00 -61.81
N ALA B 287 0.34 12.05 -62.66
CA ALA B 287 0.07 10.64 -62.39
C ALA B 287 1.16 9.80 -63.03
N CYS B 288 1.67 8.84 -62.27
CA CYS B 288 2.69 7.92 -62.76
C CYS B 288 2.05 6.56 -63.03
N HIS B 289 2.40 5.97 -64.18
CA HIS B 289 1.85 4.69 -64.54
C HIS B 289 2.31 3.63 -63.54
N PRO B 290 1.42 2.72 -63.13
CA PRO B 290 1.83 1.69 -62.16
C PRO B 290 2.80 0.67 -62.74
N THR B 291 2.74 0.42 -64.04
CA THR B 291 3.55 -0.62 -64.66
C THR B 291 4.56 -0.09 -65.67
N GLU B 292 4.16 0.84 -66.51
CA GLU B 292 5.01 1.36 -67.57
C GLU B 292 5.65 2.68 -67.16
N ASN B 293 6.66 3.09 -67.94
CA ASN B 293 7.27 4.41 -67.79
C ASN B 293 6.43 5.43 -68.55
N ILE B 294 5.22 5.67 -68.01
CA ILE B 294 4.27 6.61 -68.58
C ILE B 294 3.84 7.58 -67.49
N ILE B 295 3.81 8.86 -67.82
CA ILE B 295 3.44 9.91 -66.88
C ILE B 295 2.40 10.79 -67.54
N ALA B 296 1.25 10.92 -66.89
CA ALA B 296 0.19 11.81 -67.34
C ALA B 296 0.30 13.13 -66.59
N SER B 297 0.49 14.22 -67.34
CA SER B 297 0.62 15.56 -66.78
C SER B 297 -0.54 16.40 -67.28
N ALA B 298 -1.41 16.83 -66.38
CA ALA B 298 -2.57 17.65 -66.73
C ALA B 298 -2.35 19.06 -66.23
N ALA B 299 -2.62 20.04 -67.09
CA ALA B 299 -2.42 21.44 -66.76
C ALA B 299 -3.76 22.11 -66.51
N LEU B 300 -3.70 23.38 -66.11
CA LEU B 300 -4.88 24.10 -65.66
C LEU B 300 -5.66 24.66 -66.86
N GLU B 301 -6.60 25.56 -66.58
CA GLU B 301 -7.59 25.97 -67.58
C GLU B 301 -6.96 26.71 -68.75
N ASN B 302 -5.85 27.42 -68.53
CA ASN B 302 -5.20 28.08 -69.65
C ASN B 302 -4.52 27.07 -70.57
N ASP B 303 -4.51 25.79 -70.19
CA ASP B 303 -4.06 24.71 -71.06
C ASP B 303 -5.15 23.70 -71.32
N LYS B 304 -5.84 23.25 -70.26
CA LYS B 304 -6.92 22.26 -70.35
C LYS B 304 -6.47 20.97 -71.02
N THR B 305 -5.16 20.70 -71.05
CA THR B 305 -4.65 19.54 -71.75
C THR B 305 -3.95 18.59 -70.78
N ILE B 306 -4.07 17.31 -71.09
CA ILE B 306 -3.36 16.24 -70.40
C ILE B 306 -2.40 15.62 -71.41
N LYS B 307 -1.16 15.44 -71.01
CA LYS B 307 -0.13 14.95 -71.90
C LYS B 307 0.46 13.66 -71.34
N LEU B 308 0.52 12.64 -72.18
CA LEU B 308 1.19 11.40 -71.84
C LEU B 308 2.65 11.51 -72.22
N TRP B 309 3.54 11.12 -71.32
CA TRP B 309 4.96 11.10 -71.57
C TRP B 309 5.46 9.68 -71.37
N LYS B 310 6.23 9.19 -72.33
CA LYS B 310 6.85 7.88 -72.22
C LYS B 310 8.35 8.01 -72.39
N SER B 311 9.09 7.40 -71.47
CA SER B 311 10.54 7.33 -71.51
C SER B 311 10.95 5.88 -71.75
N ASP B 312 12.26 5.67 -71.80
CA ASP B 312 12.81 4.33 -71.96
C ASP B 312 13.43 3.78 -70.69
N CYS B 313 13.56 4.59 -69.65
CA CYS B 313 14.12 4.15 -68.37
C CYS B 313 13.52 4.91 -67.21
N LEU C 54 -8.35 16.91 4.17
CA LEU C 54 -7.42 15.94 3.61
C LEU C 54 -6.07 16.58 3.32
N PRO C 55 -5.00 15.79 3.38
CA PRO C 55 -3.66 16.36 3.19
C PRO C 55 -3.50 16.91 1.79
N MET C 56 -2.92 18.11 1.71
CA MET C 56 -2.55 18.68 0.42
C MET C 56 -1.76 17.71 -0.45
N PRO C 57 -0.82 16.90 0.07
CA PRO C 57 -0.24 15.85 -0.79
C PRO C 57 -1.25 14.81 -1.23
N MET C 58 -2.09 14.31 -0.31
CA MET C 58 -3.10 13.32 -0.69
C MET C 58 -4.10 13.92 -1.66
N ARG C 59 -4.57 15.14 -1.38
CA ARG C 59 -5.46 15.83 -2.30
C ARG C 59 -4.81 16.05 -3.67
N PHE C 60 -3.52 16.33 -3.68
CA PHE C 60 -2.84 16.57 -4.94
C PHE C 60 -2.66 15.28 -5.73
N ARG C 61 -2.38 14.18 -5.04
CA ARG C 61 -2.34 12.89 -5.69
C ARG C 61 -3.70 12.53 -6.27
N HIS C 62 -4.76 12.76 -5.51
CA HIS C 62 -6.11 12.51 -6.02
C HIS C 62 -6.41 13.38 -7.23
N LEU C 63 -6.00 14.66 -7.18
CA LEU C 63 -6.23 15.56 -8.31
C LEU C 63 -5.49 15.09 -9.55
N LYS C 64 -4.21 14.73 -9.40
CA LYS C 64 -3.45 14.26 -10.55
C LYS C 64 -3.96 12.92 -11.07
N LYS C 65 -4.66 12.16 -10.22
CA LYS C 65 -5.26 10.91 -10.69
C LYS C 65 -6.55 11.16 -11.46
N THR C 66 -7.35 12.13 -11.02
CA THR C 66 -8.67 12.34 -11.61
C THR C 66 -8.70 13.42 -12.67
N SER C 67 -7.59 14.13 -12.89
CA SER C 67 -7.62 15.28 -13.79
C SER C 67 -7.93 14.87 -15.23
N LYS C 68 -7.41 13.72 -15.66
CA LYS C 68 -7.54 13.33 -17.06
C LYS C 68 -8.98 13.01 -17.43
N GLU C 69 -9.80 12.58 -16.45
CA GLU C 69 -11.18 12.23 -16.71
C GLU C 69 -12.17 13.21 -16.12
N ALA C 70 -11.71 14.22 -15.39
CA ALA C 70 -12.61 15.20 -14.82
C ALA C 70 -12.93 16.34 -15.78
N VAL C 71 -11.97 16.77 -16.60
CA VAL C 71 -12.13 17.93 -17.44
C VAL C 71 -11.82 17.54 -18.88
N GLY C 72 -12.29 18.37 -19.82
CA GLY C 72 -12.02 18.19 -21.22
C GLY C 72 -11.77 19.53 -21.89
N VAL C 73 -11.42 19.48 -23.17
CA VAL C 73 -11.22 20.68 -23.98
C VAL C 73 -12.11 20.55 -25.22
N TYR C 74 -12.89 21.59 -25.49
CA TYR C 74 -13.81 21.56 -26.63
C TYR C 74 -13.83 22.93 -27.28
N ARG C 75 -14.54 23.01 -28.41
CA ARG C 75 -14.80 24.31 -29.00
C ARG C 75 -15.55 25.17 -28.01
N SER C 76 -15.11 26.41 -27.87
CA SER C 76 -15.64 27.29 -26.84
C SER C 76 -16.33 28.50 -27.45
N PRO C 77 -17.54 28.84 -27.00
CA PRO C 77 -18.14 30.11 -27.42
C PRO C 77 -17.41 31.32 -26.88
N ILE C 78 -16.64 31.17 -25.79
CA ILE C 78 -15.79 32.26 -25.33
C ILE C 78 -14.78 32.62 -26.41
N HIS C 79 -13.89 31.68 -26.73
CA HIS C 79 -12.94 31.89 -27.81
C HIS C 79 -12.24 30.58 -28.14
N GLY C 80 -12.26 30.19 -29.41
CA GLY C 80 -11.59 28.99 -29.89
C GLY C 80 -11.90 27.74 -29.11
N ARG C 81 -10.87 27.17 -28.48
CA ARG C 81 -11.00 25.96 -27.67
C ARG C 81 -10.72 26.30 -26.22
N GLY C 82 -11.42 25.60 -25.33
CA GLY C 82 -11.31 25.89 -23.91
C GLY C 82 -11.70 24.71 -23.06
N LEU C 83 -11.47 24.86 -21.76
CA LEU C 83 -11.65 23.79 -20.79
C LEU C 83 -13.10 23.75 -20.31
N PHE C 84 -13.73 22.58 -20.47
CA PHE C 84 -15.09 22.34 -20.04
C PHE C 84 -15.11 21.26 -18.96
N CYS C 85 -16.11 21.33 -18.10
CA CYS C 85 -16.26 20.37 -17.03
C CYS C 85 -16.98 19.12 -17.54
N LYS C 86 -16.44 17.95 -17.19
CA LYS C 86 -17.03 16.68 -17.59
C LYS C 86 -17.67 15.93 -16.44
N ARG C 87 -17.44 16.35 -15.19
CA ARG C 87 -18.05 15.72 -14.03
C ARG C 87 -18.20 16.77 -12.95
N ASN C 88 -19.40 16.83 -12.34
CA ASN C 88 -19.74 17.91 -11.41
C ASN C 88 -18.66 18.10 -10.36
N ILE C 89 -18.07 19.30 -10.34
CA ILE C 89 -16.94 19.63 -9.46
C ILE C 89 -17.47 20.46 -8.30
N ASP C 90 -17.15 20.02 -7.09
CA ASP C 90 -17.59 20.73 -5.90
C ASP C 90 -16.74 21.98 -5.68
N ALA C 91 -17.23 22.86 -4.81
CA ALA C 91 -16.53 24.09 -4.50
C ALA C 91 -15.23 23.82 -3.76
N GLY C 92 -14.22 24.64 -4.03
CA GLY C 92 -12.96 24.56 -3.32
C GLY C 92 -12.10 23.35 -3.62
N GLU C 93 -12.62 22.38 -4.36
CA GLU C 93 -11.85 21.18 -4.66
C GLU C 93 -10.88 21.44 -5.80
N MET C 94 -9.87 20.57 -5.89
CA MET C 94 -8.84 20.73 -6.90
C MET C 94 -9.42 20.46 -8.28
N VAL C 95 -9.39 21.47 -9.14
CA VAL C 95 -9.86 21.29 -10.51
C VAL C 95 -8.71 20.79 -11.37
N ILE C 96 -7.60 21.51 -11.40
CA ILE C 96 -6.52 21.15 -12.32
C ILE C 96 -5.24 21.87 -11.93
N GLU C 97 -4.11 21.19 -12.08
CA GLU C 97 -2.81 21.85 -11.99
C GLU C 97 -2.47 22.48 -13.33
N TYR C 98 -1.97 23.71 -13.29
CA TYR C 98 -1.30 24.29 -14.46
C TYR C 98 0.13 23.78 -14.46
N ALA C 99 0.28 22.52 -14.86
CA ALA C 99 1.58 21.87 -14.83
C ALA C 99 2.43 22.34 -16.00
N GLY C 100 3.75 22.34 -15.80
CA GLY C 100 4.65 22.83 -16.83
C GLY C 100 6.08 22.83 -16.34
N ILE C 101 6.89 23.70 -16.95
CA ILE C 101 8.30 23.79 -16.62
C ILE C 101 8.47 24.79 -15.49
N VAL C 102 8.92 24.31 -14.34
CA VAL C 102 9.18 25.20 -13.21
C VAL C 102 10.55 25.84 -13.41
N ILE C 103 10.58 27.16 -13.50
CA ILE C 103 11.79 27.92 -13.75
C ILE C 103 11.88 29.05 -12.73
N ARG C 104 13.06 29.66 -12.66
CA ARG C 104 13.24 30.86 -11.87
C ARG C 104 12.79 32.09 -12.66
N SER C 105 12.54 33.18 -11.94
CA SER C 105 11.99 34.38 -12.58
C SER C 105 12.99 35.03 -13.52
N ILE C 106 14.27 35.04 -13.12
CA ILE C 106 15.30 35.73 -13.91
C ILE C 106 15.42 35.15 -15.31
N LEU C 107 15.00 33.91 -15.50
CA LEU C 107 15.09 33.24 -16.80
C LEU C 107 13.84 33.43 -17.65
N THR C 108 12.83 34.14 -17.13
CA THR C 108 11.61 34.34 -17.89
C THR C 108 11.88 35.09 -19.18
N ASP C 109 12.47 36.28 -19.07
CA ASP C 109 12.66 37.15 -20.23
C ASP C 109 13.47 36.44 -21.31
N LYS C 110 14.60 35.82 -20.93
CA LYS C 110 15.40 35.09 -21.90
C LYS C 110 14.58 34.05 -22.63
N ARG C 111 13.65 33.40 -21.92
CA ARG C 111 12.72 32.50 -22.60
C ARG C 111 11.73 33.27 -23.46
N GLU C 112 11.13 34.32 -22.88
CA GLU C 112 10.10 35.09 -23.58
C GLU C 112 10.62 35.61 -24.91
N LYS C 113 11.71 36.39 -24.86
CA LYS C 113 12.35 36.86 -26.08
C LYS C 113 12.65 35.70 -27.02
N TYR C 114 13.10 34.58 -26.47
CA TYR C 114 13.31 33.38 -27.27
C TYR C 114 12.05 33.01 -28.04
N TYR C 115 10.93 32.88 -27.33
CA TYR C 115 9.65 32.65 -28.00
C TYR C 115 9.31 33.81 -28.91
N ASP C 116 9.65 35.03 -28.50
CA ASP C 116 9.44 36.19 -29.36
C ASP C 116 10.25 36.08 -30.64
N SER C 117 11.40 35.39 -30.59
CA SER C 117 12.16 35.12 -31.79
C SER C 117 11.60 33.97 -32.59
N LYS C 118 10.78 33.12 -31.98
CA LYS C 118 10.23 31.96 -32.66
C LYS C 118 8.76 32.12 -33.01
N GLY C 119 8.14 33.25 -32.66
CA GLY C 119 6.73 33.43 -32.94
C GLY C 119 5.82 32.46 -32.22
N ILE C 120 6.28 31.91 -31.09
CA ILE C 120 5.48 30.97 -30.30
C ILE C 120 4.99 31.71 -29.07
N GLY C 121 3.70 31.57 -28.79
CA GLY C 121 3.11 32.32 -27.69
C GLY C 121 3.64 31.85 -26.34
N CYS C 122 3.74 32.80 -25.42
CA CYS C 122 4.25 32.50 -24.08
C CYS C 122 3.13 31.94 -23.21
N TYR C 123 3.36 30.76 -22.65
CA TYR C 123 2.45 30.16 -21.67
C TYR C 123 3.19 30.12 -20.34
N MET C 124 3.14 31.22 -19.60
CA MET C 124 3.83 31.36 -18.34
C MET C 124 2.87 31.87 -17.28
N PHE C 125 2.95 31.30 -16.08
CA PHE C 125 2.22 31.80 -14.94
C PHE C 125 3.19 32.00 -13.78
N ARG C 126 3.12 33.17 -13.16
CA ARG C 126 3.97 33.51 -12.04
C ARG C 126 3.59 32.68 -10.83
N ILE C 127 4.46 31.74 -10.44
CA ILE C 127 4.29 31.06 -9.16
C ILE C 127 4.40 32.07 -8.03
N ASP C 128 5.51 32.80 -8.00
CA ASP C 128 5.75 33.85 -7.02
C ASP C 128 6.81 34.78 -7.59
N ASP C 129 7.38 35.63 -6.72
CA ASP C 129 8.42 36.55 -7.15
C ASP C 129 9.70 35.84 -7.59
N SER C 130 9.80 34.53 -7.40
CA SER C 130 11.02 33.79 -7.69
C SER C 130 10.85 32.66 -8.69
N GLU C 131 9.64 32.12 -8.85
CA GLU C 131 9.43 30.97 -9.72
C GLU C 131 8.24 31.20 -10.63
N VAL C 132 8.27 30.49 -11.75
CA VAL C 132 7.26 30.60 -12.80
C VAL C 132 7.07 29.24 -13.44
N VAL C 133 5.83 28.85 -13.66
CA VAL C 133 5.53 27.66 -14.46
C VAL C 133 5.36 28.12 -15.91
N ASP C 134 6.34 27.82 -16.74
CA ASP C 134 6.27 28.09 -18.17
C ASP C 134 5.77 26.84 -18.89
N ALA C 135 4.60 26.94 -19.50
CA ALA C 135 3.99 25.81 -20.20
C ALA C 135 4.00 25.99 -21.71
N THR C 136 4.79 26.95 -22.22
CA THR C 136 4.82 27.20 -23.65
C THR C 136 5.19 25.95 -24.43
N MET C 137 6.31 25.32 -24.07
CA MET C 137 6.79 24.14 -24.78
C MET C 137 6.32 22.85 -24.15
N HIS C 138 6.16 22.83 -22.83
CA HIS C 138 5.80 21.63 -22.10
C HIS C 138 4.75 21.99 -21.06
N GLY C 139 3.55 21.45 -21.21
CA GLY C 139 2.47 21.77 -20.31
C GLY C 139 1.43 20.68 -20.26
N ASN C 140 0.21 21.09 -19.90
CA ASN C 140 -0.91 20.18 -19.76
C ASN C 140 -2.16 20.87 -20.32
N ALA C 141 -3.33 20.30 -20.06
CA ALA C 141 -4.57 20.86 -20.59
C ALA C 141 -4.92 22.19 -19.96
N ALA C 142 -4.34 22.52 -18.80
CA ALA C 142 -4.63 23.79 -18.14
C ALA C 142 -4.28 24.99 -18.99
N ARG C 143 -3.54 24.80 -20.08
CA ARG C 143 -3.26 25.86 -21.03
C ARG C 143 -4.48 26.25 -21.85
N PHE C 144 -5.65 25.68 -21.57
CA PHE C 144 -6.87 25.99 -22.31
C PHE C 144 -8.00 26.42 -21.37
N ILE C 145 -7.66 27.10 -20.28
CA ILE C 145 -8.64 27.64 -19.35
C ILE C 145 -8.86 29.10 -19.72
N ASN C 146 -10.04 29.42 -20.25
CA ASN C 146 -10.35 30.80 -20.55
C ASN C 146 -10.54 31.58 -19.25
N HIS C 147 -10.76 32.89 -19.37
CA HIS C 147 -11.01 33.75 -18.22
C HIS C 147 -12.44 34.27 -18.25
N SER C 148 -13.00 34.48 -17.07
CA SER C 148 -14.28 35.13 -16.93
C SER C 148 -14.20 36.12 -15.77
N CYS C 149 -14.85 37.28 -15.94
CA CYS C 149 -14.95 38.22 -14.84
C CYS C 149 -15.72 37.62 -13.66
N GLU C 150 -16.60 36.66 -13.94
CA GLU C 150 -17.26 35.88 -12.89
C GLU C 150 -16.71 34.47 -12.92
N PRO C 151 -15.59 34.20 -12.25
CA PRO C 151 -15.01 32.85 -12.29
C PRO C 151 -15.66 31.94 -11.27
N ASN C 152 -15.88 30.70 -11.69
CA ASN C 152 -16.22 29.62 -10.78
C ASN C 152 -14.98 28.90 -10.29
N CYS C 153 -13.80 29.45 -10.58
CA CYS C 153 -12.53 28.86 -10.20
C CYS C 153 -11.59 29.96 -9.73
N TYR C 154 -10.47 29.53 -9.15
CA TYR C 154 -9.49 30.44 -8.58
C TYR C 154 -8.16 29.71 -8.46
N SER C 155 -7.09 30.43 -8.76
CA SER C 155 -5.74 29.87 -8.72
C SER C 155 -5.14 30.02 -7.33
N ARG C 156 -4.48 28.96 -6.86
CA ARG C 156 -3.77 29.02 -5.59
C ARG C 156 -2.49 28.21 -5.70
N VAL C 157 -1.45 28.69 -5.02
CA VAL C 157 -0.16 28.02 -4.99
C VAL C 157 -0.09 27.17 -3.73
N ILE C 158 0.28 25.91 -3.91
CA ILE C 158 0.40 24.95 -2.82
C ILE C 158 1.85 24.48 -2.77
N ASN C 159 2.26 24.02 -1.58
CA ASN C 159 3.61 23.51 -1.37
C ASN C 159 3.53 22.02 -1.07
N ILE C 160 4.00 21.20 -2.00
CA ILE C 160 4.03 19.76 -1.83
C ILE C 160 5.49 19.33 -1.78
N ASP C 161 5.92 18.81 -0.64
CA ASP C 161 7.26 18.25 -0.48
C ASP C 161 8.34 19.27 -0.84
N GLY C 162 8.02 20.56 -0.71
CA GLY C 162 8.96 21.63 -0.98
C GLY C 162 8.79 22.31 -2.32
N GLN C 163 8.08 21.70 -3.27
CA GLN C 163 7.89 22.30 -4.58
C GLN C 163 6.51 22.92 -4.69
N LYS C 164 6.43 24.05 -5.37
CA LYS C 164 5.19 24.80 -5.47
C LYS C 164 4.41 24.37 -6.72
N HIS C 165 3.10 24.20 -6.54
CA HIS C 165 2.21 23.82 -7.62
C HIS C 165 1.09 24.84 -7.70
N ILE C 166 0.82 25.34 -8.90
CA ILE C 166 -0.28 26.26 -9.13
C ILE C 166 -1.50 25.42 -9.51
N VAL C 167 -2.46 25.34 -8.60
CA VAL C 167 -3.66 24.55 -8.82
C VAL C 167 -4.85 25.50 -8.91
N ILE C 168 -5.60 25.38 -10.01
CA ILE C 168 -6.92 25.99 -10.12
C ILE C 168 -7.88 25.12 -9.34
N PHE C 169 -8.49 25.70 -8.30
CA PHE C 169 -9.58 25.08 -7.55
C PHE C 169 -10.89 25.73 -7.97
N ALA C 170 -11.99 25.15 -7.53
CA ALA C 170 -13.32 25.61 -7.93
C ALA C 170 -13.83 26.64 -6.92
N MET C 171 -14.13 27.84 -7.42
CA MET C 171 -14.74 28.86 -6.54
C MET C 171 -16.11 28.42 -6.07
N ARG C 172 -16.80 27.57 -6.84
CA ARG C 172 -18.13 27.11 -6.47
C ARG C 172 -18.33 25.69 -6.97
N LYS C 173 -19.50 25.14 -6.68
CA LYS C 173 -19.85 23.80 -7.17
C LYS C 173 -20.06 23.87 -8.68
N ILE C 174 -19.11 23.36 -9.42
CA ILE C 174 -19.16 23.38 -10.87
C ILE C 174 -19.80 22.09 -11.36
N TYR C 175 -20.68 22.20 -12.34
CA TYR C 175 -21.43 21.07 -12.86
C TYR C 175 -20.90 20.69 -14.24
N ARG C 176 -21.31 19.50 -14.68
CA ARG C 176 -20.82 18.94 -15.93
C ARG C 176 -21.21 19.82 -17.12
N GLY C 177 -20.30 19.93 -18.08
CA GLY C 177 -20.51 20.73 -19.26
C GLY C 177 -20.03 22.16 -19.14
N GLU C 178 -19.93 22.69 -17.93
CA GLU C 178 -19.53 24.07 -17.73
C GLU C 178 -18.11 24.29 -18.22
N GLU C 179 -17.88 25.45 -18.85
CA GLU C 179 -16.53 25.83 -19.23
C GLU C 179 -15.81 26.42 -18.03
N LEU C 180 -14.57 25.99 -17.82
CA LEU C 180 -13.79 26.40 -16.67
C LEU C 180 -13.07 27.72 -16.95
N THR C 181 -13.25 28.68 -16.05
CA THR C 181 -12.63 30.00 -16.18
C THR C 181 -12.23 30.50 -14.80
N TYR C 182 -11.14 31.27 -14.76
CA TYR C 182 -10.66 31.86 -13.52
C TYR C 182 -10.23 33.29 -13.77
N ASP C 183 -9.84 33.97 -12.70
CA ASP C 183 -9.38 35.35 -12.78
C ASP C 183 -7.88 35.35 -13.06
N TYR C 184 -7.50 35.71 -14.28
CA TYR C 184 -6.09 35.83 -14.61
C TYR C 184 -5.43 36.99 -13.87
N LYS C 185 -6.21 37.98 -13.46
CA LYS C 185 -5.71 39.13 -12.72
C LYS C 185 -4.61 39.84 -13.50
N PHE C 186 -4.83 40.01 -14.79
CA PHE C 186 -3.83 40.63 -15.64
C PHE C 186 -3.78 42.13 -15.36
N PRO C 187 -2.60 42.71 -15.15
CA PRO C 187 -2.51 44.14 -14.85
C PRO C 187 -3.01 44.99 -16.02
N ILE C 188 -3.44 46.20 -15.67
CA ILE C 188 -4.05 47.10 -16.66
C ILE C 188 -2.99 47.59 -17.63
N GLU C 189 -3.13 47.21 -18.90
CA GLU C 189 -2.26 47.67 -19.96
C GLU C 189 -2.86 48.93 -20.58
N ASP C 190 -2.31 49.35 -21.72
CA ASP C 190 -2.81 50.52 -22.41
C ASP C 190 -3.69 50.14 -23.60
N LYS C 194 -4.75 46.75 -24.57
CA LYS C 194 -6.15 46.53 -24.22
C LYS C 194 -6.69 45.29 -24.93
N LEU C 195 -7.03 44.27 -24.15
CA LEU C 195 -7.57 43.03 -24.69
C LEU C 195 -9.06 42.95 -24.40
N PRO C 196 -9.94 43.08 -25.40
CA PRO C 196 -11.38 42.95 -25.14
C PRO C 196 -11.73 41.56 -24.63
N CYS C 197 -12.70 41.51 -23.73
CA CYS C 197 -13.15 40.26 -23.14
C CYS C 197 -14.53 39.89 -23.66
N ASN C 198 -14.74 38.60 -23.89
CA ASN C 198 -16.02 38.06 -24.32
C ASN C 198 -16.45 36.92 -23.40
N CYS C 199 -16.24 37.12 -22.10
CA CYS C 199 -16.58 36.09 -21.12
C CYS C 199 -18.08 35.92 -20.96
N GLY C 200 -18.87 36.91 -21.34
CA GLY C 200 -20.31 36.82 -21.26
C GLY C 200 -20.89 37.21 -19.91
N ALA C 201 -20.05 37.49 -18.93
CA ALA C 201 -20.54 37.86 -17.60
C ALA C 201 -21.15 39.26 -17.64
N LYS C 202 -22.18 39.46 -16.82
CA LYS C 202 -22.81 40.78 -16.71
C LYS C 202 -21.91 41.78 -16.02
N LYS C 203 -20.97 41.32 -15.19
CA LYS C 203 -20.02 42.20 -14.51
C LYS C 203 -18.74 42.39 -15.30
N CYS C 204 -18.68 41.86 -16.52
CA CYS C 204 -17.44 41.84 -17.30
C CYS C 204 -16.83 43.23 -17.42
N ARG C 205 -15.54 43.33 -17.11
CA ARG C 205 -14.80 44.59 -17.18
C ARG C 205 -14.60 45.07 -18.61
N LYS C 206 -15.06 44.31 -19.61
CA LYS C 206 -14.91 44.62 -21.03
C LYS C 206 -13.46 44.46 -21.46
N PHE C 207 -12.57 44.26 -20.49
CA PHE C 207 -11.14 44.18 -20.74
C PHE C 207 -10.48 43.45 -19.57
N LEU C 208 -9.62 42.48 -19.88
CA LEU C 208 -8.81 41.87 -18.83
C LEU C 208 -7.93 42.90 -18.14
N ASN C 209 -7.58 43.97 -18.86
CA ASN C 209 -6.67 44.97 -18.34
C ASN C 209 -7.33 46.35 -18.37
N LEU D 278 18.76 50.99 18.88
CA LEU D 278 19.00 50.16 17.71
C LEU D 278 20.50 50.15 17.43
N TYR D 279 20.89 49.28 16.48
CA TYR D 279 22.24 49.26 15.93
C TYR D 279 22.27 48.25 14.78
N ARG D 280 23.27 48.41 13.91
CA ARG D 280 23.48 47.55 12.75
C ARG D 280 24.39 46.37 13.06
N ALA D 281 24.40 45.89 14.30
CA ALA D 281 25.29 44.81 14.71
C ALA D 281 25.19 43.62 13.76
N CYS D 282 26.34 43.16 13.28
CA CYS D 282 26.42 42.13 12.25
C CYS D 282 26.77 40.78 12.88
N LEU D 283 25.99 39.75 12.51
CA LEU D 283 26.20 38.40 13.04
C LEU D 283 27.40 37.78 12.33
N TYR D 284 28.59 38.23 12.73
CA TYR D 284 29.82 37.77 12.11
C TYR D 284 30.99 37.98 13.06
N GLU D 285 31.84 36.97 13.17
CA GLU D 285 33.09 37.13 13.91
C GLU D 285 34.13 37.88 13.10
N ARG D 286 34.14 37.67 11.79
CA ARG D 286 35.00 38.39 10.86
C ARG D 286 34.17 38.83 9.66
N VAL D 287 34.78 39.63 8.80
CA VAL D 287 34.09 40.14 7.62
C VAL D 287 33.90 38.97 6.65
N LEU D 288 32.67 38.50 6.53
CA LEU D 288 32.39 37.29 5.75
C LEU D 288 31.33 37.56 4.69
N LEU D 289 30.87 36.50 4.02
CA LEU D 289 29.84 36.64 3.00
C LEU D 289 28.50 36.86 3.68
N ALA D 290 27.95 38.07 3.52
CA ALA D 290 26.74 38.45 4.24
C ALA D 290 25.57 37.56 3.84
N LEU D 291 24.93 36.94 4.84
CA LEU D 291 23.75 36.11 4.59
C LEU D 291 22.54 36.93 4.19
N HIS D 292 22.55 38.23 4.46
CA HIS D 292 21.42 39.08 4.13
C HIS D 292 21.27 39.30 2.64
N ASP D 293 22.31 39.02 1.86
CA ASP D 293 22.36 39.34 0.44
C ASP D 293 22.69 38.11 -0.37
N ARG D 294 21.99 37.02 -0.10
CA ARG D 294 22.10 35.78 -0.85
C ARG D 294 20.74 35.43 -1.44
N ALA D 295 20.76 34.58 -2.44
CA ALA D 295 19.50 34.10 -2.96
C ALA D 295 18.99 32.92 -2.13
N PRO D 296 17.67 32.70 -2.11
CA PRO D 296 17.14 31.53 -1.38
C PRO D 296 17.63 30.19 -1.90
N GLN D 297 18.28 30.15 -3.07
CA GLN D 297 18.85 28.93 -3.62
C GLN D 297 20.36 28.85 -3.41
N LEU D 298 20.89 29.53 -2.39
CA LEU D 298 22.32 29.65 -2.18
C LEU D 298 22.68 29.08 -0.81
N LYS D 299 23.50 28.04 -0.79
CA LYS D 299 23.88 27.33 0.43
C LYS D 299 25.30 27.71 0.84
N ILE D 300 25.53 27.78 2.15
CA ILE D 300 26.84 28.12 2.69
C ILE D 300 27.28 27.04 3.66
N SER D 301 28.60 26.84 3.72
CA SER D 301 29.23 25.96 4.70
C SER D 301 30.31 26.77 5.41
N ASP D 302 30.07 27.12 6.67
CA ASP D 302 31.00 27.94 7.42
C ASP D 302 32.23 27.18 7.88
N ASP D 303 32.31 25.87 7.62
CA ASP D 303 33.56 25.15 7.83
C ASP D 303 34.67 25.76 6.99
N ARG D 304 34.34 26.16 5.76
CA ARG D 304 35.22 26.96 4.93
C ARG D 304 34.50 28.18 4.39
N LEU D 305 33.28 28.47 4.89
CA LEU D 305 32.42 29.52 4.36
C LEU D 305 32.25 29.39 2.84
N THR D 306 32.38 28.16 2.35
CA THR D 306 32.16 27.92 0.93
C THR D 306 30.71 28.17 0.58
N VAL D 307 30.46 28.44 -0.70
CA VAL D 307 29.11 28.66 -1.20
C VAL D 307 28.86 27.68 -2.33
N VAL D 308 27.63 27.18 -2.39
CA VAL D 308 27.23 26.14 -3.33
C VAL D 308 25.78 26.39 -3.74
N GLY D 309 25.40 25.86 -4.91
CA GLY D 309 24.03 25.92 -5.37
C GLY D 309 23.62 24.59 -6.00
N GLU D 310 22.36 24.56 -6.44
CA GLU D 310 21.79 23.35 -7.02
C GLU D 310 21.32 23.52 -8.45
N LYS D 311 20.66 24.63 -8.78
CA LYS D 311 20.10 24.83 -10.11
C LYS D 311 20.58 26.16 -10.67
N GLY D 312 21.17 26.12 -11.86
CA GLY D 312 21.59 27.31 -12.56
C GLY D 312 22.63 28.09 -11.80
N TYR D 313 22.59 29.41 -11.98
CA TYR D 313 23.53 30.33 -11.38
C TYR D 313 22.86 31.15 -10.28
N SER D 314 23.67 31.62 -9.33
CA SER D 314 23.22 32.52 -8.29
C SER D 314 24.40 33.36 -7.84
N MET D 315 24.12 34.35 -7.00
CA MET D 315 25.17 35.28 -6.59
C MET D 315 25.09 35.56 -5.10
N VAL D 316 26.26 35.61 -4.46
CA VAL D 316 26.40 36.01 -3.07
C VAL D 316 27.49 37.08 -3.00
N ARG D 317 27.45 37.87 -1.93
CA ARG D 317 28.38 38.96 -1.73
C ARG D 317 28.91 38.92 -0.30
N ALA D 318 30.00 39.67 -0.08
CA ALA D 318 30.63 39.73 1.23
C ALA D 318 29.88 40.71 2.13
N SER D 319 30.35 40.82 3.38
CA SER D 319 29.74 41.74 4.32
C SER D 319 30.12 43.19 4.03
N HIS D 320 31.36 43.41 3.62
CA HIS D 320 31.89 44.76 3.42
C HIS D 320 31.58 45.26 2.01
N GLY D 321 31.97 46.51 1.75
CA GLY D 321 31.82 47.13 0.46
C GLY D 321 32.78 48.30 0.29
N VAL D 322 33.49 48.35 -0.82
CA VAL D 322 34.52 49.36 -1.03
C VAL D 322 33.90 50.63 -1.59
N ARG D 323 34.38 51.77 -1.12
CA ARG D 323 34.01 53.07 -1.66
C ARG D 323 35.19 53.88 -2.19
N LYS D 324 36.41 53.58 -1.75
CA LYS D 324 37.58 54.29 -2.20
C LYS D 324 38.81 53.42 -1.95
N GLY D 325 39.96 53.91 -2.41
CA GLY D 325 41.22 53.26 -2.14
C GLY D 325 41.42 51.98 -2.95
N ALA D 326 42.53 51.32 -2.67
CA ALA D 326 42.88 50.05 -3.29
C ALA D 326 42.84 48.95 -2.25
N TRP D 327 42.43 47.76 -2.66
CA TRP D 327 42.30 46.64 -1.74
C TRP D 327 42.38 45.35 -2.54
N TYR D 328 42.16 44.24 -1.84
CA TYR D 328 42.59 42.94 -2.34
C TYR D 328 42.03 41.85 -1.46
N PHE D 329 41.65 40.73 -2.09
CA PHE D 329 41.14 39.56 -1.38
C PHE D 329 41.50 38.32 -2.21
N GLU D 330 40.91 37.18 -1.87
CA GLU D 330 41.11 36.00 -2.70
C GLU D 330 39.84 35.15 -2.73
N ILE D 331 39.82 34.23 -3.70
CA ILE D 331 38.84 33.14 -3.75
C ILE D 331 39.60 31.83 -3.84
N THR D 332 39.24 30.88 -3.00
CA THR D 332 39.78 29.53 -3.02
C THR D 332 38.71 28.59 -3.53
N VAL D 333 39.05 27.81 -4.56
CA VAL D 333 38.13 26.88 -5.21
C VAL D 333 38.41 25.49 -4.67
N ASP D 334 37.37 24.83 -4.17
CA ASP D 334 37.51 23.51 -3.58
C ASP D 334 36.88 22.40 -4.41
N GLU D 335 36.12 22.74 -5.45
CA GLU D 335 35.46 21.72 -6.27
C GLU D 335 35.03 22.36 -7.58
N MET D 336 35.48 21.80 -8.70
CA MET D 336 35.11 22.29 -10.02
C MET D 336 34.99 21.12 -11.00
N PRO D 337 33.90 20.36 -10.91
CA PRO D 337 33.58 19.38 -11.96
C PRO D 337 33.32 20.07 -13.30
N PRO D 338 33.27 19.30 -14.40
CA PRO D 338 33.05 19.94 -15.71
C PRO D 338 31.73 20.69 -15.81
N ASP D 339 30.65 20.17 -15.23
CA ASP D 339 29.38 20.87 -15.21
C ASP D 339 29.28 21.86 -14.06
N THR D 340 30.43 22.25 -13.55
CA THR D 340 30.54 23.16 -12.41
C THR D 340 31.46 24.31 -12.81
N ALA D 341 30.89 25.49 -12.99
CA ALA D 341 31.66 26.67 -13.39
C ALA D 341 31.25 27.85 -12.51
N ALA D 342 32.08 28.15 -11.52
CA ALA D 342 31.85 29.34 -10.71
C ALA D 342 32.33 30.58 -11.46
N ARG D 343 31.89 31.74 -11.00
CA ARG D 343 32.36 33.01 -11.49
C ARG D 343 32.67 33.91 -10.31
N LEU D 344 33.75 34.68 -10.42
CA LEU D 344 34.24 35.41 -9.25
C LEU D 344 34.61 36.82 -9.66
N GLY D 345 34.15 37.81 -8.88
CA GLY D 345 34.52 39.17 -9.23
C GLY D 345 33.98 40.22 -8.30
N TRP D 346 33.59 41.37 -8.86
CA TRP D 346 32.98 42.45 -8.11
C TRP D 346 31.62 42.79 -8.67
N SER D 347 30.78 43.39 -7.83
CA SER D 347 29.49 43.86 -8.27
C SER D 347 29.01 44.98 -7.35
N GLN D 348 28.49 46.03 -7.97
CA GLN D 348 27.83 47.13 -7.30
C GLN D 348 26.45 46.69 -6.83
N PRO D 349 25.85 47.39 -5.85
CA PRO D 349 24.41 47.24 -5.63
C PRO D 349 23.65 47.46 -6.93
N LEU D 350 22.37 47.07 -6.95
CA LEU D 350 21.52 46.88 -8.13
C LEU D 350 21.83 45.52 -8.75
N GLY D 351 22.80 44.78 -8.22
CA GLY D 351 23.13 43.48 -8.76
C GLY D 351 22.16 42.41 -8.30
N ASN D 352 21.31 41.95 -9.22
CA ASN D 352 20.38 40.87 -8.91
C ASN D 352 21.11 39.57 -8.57
N LEU D 353 21.01 39.16 -7.31
CA LEU D 353 21.78 38.05 -6.76
C LEU D 353 21.34 36.69 -7.31
N GLN D 354 20.32 36.66 -8.17
CA GLN D 354 20.01 35.44 -8.91
C GLN D 354 20.74 35.35 -10.24
N ALA D 355 21.29 36.47 -10.74
CA ALA D 355 22.00 36.51 -12.01
C ALA D 355 23.46 36.10 -11.84
N PRO D 356 24.12 35.68 -12.91
CA PRO D 356 25.45 35.07 -12.79
C PRO D 356 26.60 36.08 -12.80
N LEU D 357 26.50 37.10 -11.94
CA LEU D 357 27.63 37.97 -11.63
C LEU D 357 28.33 38.48 -12.89
N GLY D 358 27.61 39.33 -13.61
CA GLY D 358 28.15 39.88 -14.84
C GLY D 358 27.11 39.98 -15.92
N TYR D 359 25.89 39.56 -15.59
CA TYR D 359 24.79 39.66 -16.54
C TYR D 359 24.35 41.12 -16.74
N ASP D 360 24.64 41.99 -15.78
CA ASP D 360 24.33 43.41 -15.88
C ASP D 360 25.62 44.21 -16.05
N LYS D 361 25.47 45.52 -16.26
CA LYS D 361 26.61 46.40 -16.46
C LYS D 361 27.27 46.82 -15.16
N PHE D 362 26.69 46.45 -14.01
CA PHE D 362 27.23 46.83 -12.72
C PHE D 362 28.07 45.72 -12.08
N SER D 363 28.36 44.66 -12.83
CA SER D 363 29.12 43.54 -12.30
C SER D 363 30.21 43.14 -13.30
N TYR D 364 31.38 42.81 -12.76
CA TYR D 364 32.52 42.42 -13.57
C TYR D 364 33.17 41.21 -12.90
N SER D 365 33.19 40.08 -13.58
CA SER D 365 33.67 38.85 -12.96
C SER D 365 34.56 38.08 -13.92
N TRP D 366 34.97 36.89 -13.49
CA TRP D 366 35.74 35.96 -14.30
C TRP D 366 35.04 34.62 -14.26
N ARG D 367 35.00 33.95 -15.42
CA ARG D 367 34.42 32.62 -15.52
C ARG D 367 35.49 31.58 -15.22
N SER D 368 35.17 30.67 -14.30
CA SER D 368 36.15 29.68 -13.84
C SER D 368 36.08 28.39 -14.65
N LYS D 369 36.10 28.52 -15.97
CA LYS D 369 36.41 27.41 -16.87
C LYS D 369 37.69 27.68 -17.64
N LYS D 370 37.73 28.77 -18.40
CA LYS D 370 38.94 29.42 -18.85
C LYS D 370 38.87 30.86 -18.37
N GLY D 371 40.02 31.41 -17.99
CA GLY D 371 40.02 32.77 -17.50
C GLY D 371 39.45 33.71 -18.55
N THR D 372 38.22 34.14 -18.31
CA THR D 372 37.49 34.96 -19.26
C THR D 372 36.71 36.01 -18.49
N LYS D 373 36.95 37.27 -18.81
CA LYS D 373 36.31 38.37 -18.11
C LYS D 373 34.88 38.54 -18.62
N PHE D 374 33.93 38.50 -17.70
CA PHE D 374 32.51 38.56 -18.05
C PHE D 374 31.90 39.82 -17.47
N HIS D 375 31.32 40.64 -18.35
CA HIS D 375 30.65 41.86 -17.94
C HIS D 375 29.62 42.21 -19.01
N GLN D 376 28.44 42.65 -18.56
CA GLN D 376 27.29 42.85 -19.43
C GLN D 376 26.94 41.57 -20.17
N SER D 377 27.14 40.43 -19.49
CA SER D 377 26.99 39.08 -20.03
C SER D 377 27.94 38.82 -21.21
N ILE D 378 28.83 39.76 -21.50
CA ILE D 378 29.78 39.62 -22.58
C ILE D 378 31.05 38.97 -22.04
N GLY D 379 31.54 37.96 -22.74
CA GLY D 379 32.78 37.30 -22.39
C GLY D 379 33.92 37.82 -23.25
N LYS D 380 35.05 38.09 -22.60
CA LYS D 380 36.23 38.60 -23.25
C LYS D 380 37.42 37.75 -22.84
N HIS D 381 38.24 37.38 -23.81
CA HIS D 381 39.41 36.53 -23.59
C HIS D 381 40.66 37.35 -23.30
N TYR D 382 40.52 38.62 -22.94
CA TYR D 382 41.64 39.45 -22.50
C TYR D 382 42.07 39.02 -21.11
N SER D 383 42.57 37.80 -20.98
CA SER D 383 42.77 37.20 -19.67
C SER D 383 43.66 35.97 -19.82
N SER D 384 44.06 35.42 -18.69
CA SER D 384 44.90 34.23 -18.63
C SER D 384 44.01 32.99 -18.55
N GLY D 385 44.61 31.85 -18.23
CA GLY D 385 43.89 30.60 -18.07
C GLY D 385 43.64 30.27 -16.60
N TYR D 386 42.50 29.62 -16.35
CA TYR D 386 42.09 29.26 -15.00
C TYR D 386 42.33 27.78 -14.75
N GLY D 387 42.64 27.46 -13.49
CA GLY D 387 42.90 26.08 -13.09
C GLY D 387 41.92 25.62 -12.04
N GLN D 388 41.70 24.30 -11.99
CA GLN D 388 40.68 23.74 -11.11
C GLN D 388 40.98 23.97 -9.64
N GLY D 389 42.26 24.04 -9.27
CA GLY D 389 42.63 24.24 -7.88
C GLY D 389 43.26 25.60 -7.67
N ASP D 390 42.69 26.62 -8.31
CA ASP D 390 43.28 27.95 -8.29
C ASP D 390 42.91 28.69 -7.02
N VAL D 391 43.93 29.22 -6.34
CA VAL D 391 43.76 30.15 -5.24
C VAL D 391 43.98 31.54 -5.84
N LEU D 392 42.91 32.20 -6.24
CA LEU D 392 42.99 33.37 -7.10
C LEU D 392 42.94 34.64 -6.26
N GLY D 393 43.89 35.53 -6.52
CA GLY D 393 43.95 36.83 -5.85
C GLY D 393 43.27 37.90 -6.68
N PHE D 394 42.62 38.83 -6.00
CA PHE D 394 41.77 39.83 -6.63
C PHE D 394 42.17 41.20 -6.08
N TYR D 395 42.77 42.03 -6.92
CA TYR D 395 43.18 43.37 -6.54
C TYR D 395 42.30 44.37 -7.27
N ILE D 396 41.94 45.46 -6.59
CA ILE D 396 41.03 46.43 -7.17
C ILE D 396 41.24 47.80 -6.52
N ASN D 397 41.36 48.83 -7.34
CA ASN D 397 41.65 50.18 -6.86
C ASN D 397 40.62 51.14 -7.44
N LEU D 398 39.80 51.70 -6.56
CA LEU D 398 38.88 52.77 -6.93
C LEU D 398 39.40 54.09 -6.37
N PRO D 399 39.16 55.20 -7.06
CA PRO D 399 39.66 56.49 -6.57
C PRO D 399 38.96 56.89 -5.28
N GLU D 400 39.50 57.94 -4.66
CA GLU D 400 38.85 58.52 -3.50
C GLU D 400 37.46 59.02 -3.87
N ASP D 401 36.61 59.23 -2.86
CA ASP D 401 35.25 59.68 -3.12
C ASP D 401 35.21 61.03 -3.81
N THR D 402 36.31 61.78 -3.82
CA THR D 402 36.38 63.00 -4.61
C THR D 402 36.14 62.70 -6.08
N GLU D 403 37.07 61.97 -6.69
CA GLU D 403 36.94 61.61 -8.10
C GLU D 403 35.75 60.70 -8.36
N THR D 404 35.19 60.09 -7.30
CA THR D 404 34.01 59.25 -7.46
C THR D 404 32.74 60.08 -7.59
N ALA D 405 32.63 61.15 -6.81
CA ALA D 405 31.43 61.97 -6.77
C ALA D 405 31.66 63.41 -7.22
N LYS D 406 32.83 63.98 -6.95
CA LYS D 406 33.11 65.40 -7.18
C LYS D 406 32.11 66.30 -6.49
N SER D 407 31.46 65.78 -5.45
CA SER D 407 30.38 66.48 -4.77
C SER D 407 30.24 65.87 -3.38
N LEU D 408 29.12 66.13 -2.73
CA LEU D 408 28.85 65.61 -1.40
C LEU D 408 28.65 64.10 -1.42
N PRO D 409 29.50 63.31 -0.74
CA PRO D 409 29.19 61.89 -0.50
C PRO D 409 28.43 61.68 0.81
N ASP D 410 27.34 62.41 0.98
CA ASP D 410 26.51 62.25 2.16
C ASP D 410 25.90 60.86 2.21
N THR D 411 25.68 60.37 3.42
CA THR D 411 25.19 59.02 3.66
C THR D 411 24.01 59.02 4.61
N TYR D 412 23.02 59.88 4.33
CA TYR D 412 21.80 59.86 5.12
C TYR D 412 21.11 58.51 4.96
N LYS D 413 21.00 57.78 6.06
CA LYS D 413 20.58 56.40 6.06
C LYS D 413 19.11 56.27 6.42
N ASP D 414 18.48 55.22 5.89
CA ASP D 414 17.14 54.83 6.28
C ASP D 414 17.21 53.71 7.30
N LYS D 415 16.31 53.74 8.27
CA LYS D 415 16.29 52.72 9.32
C LYS D 415 14.84 52.44 9.69
N ALA D 416 14.42 51.20 9.52
CA ALA D 416 13.07 50.78 9.88
C ALA D 416 13.14 49.52 10.72
N LEU D 417 12.37 49.50 11.80
CA LEU D 417 12.35 48.36 12.70
C LEU D 417 11.23 47.42 12.30
N ILE D 418 11.55 46.13 12.25
CA ILE D 418 10.56 45.09 12.01
C ILE D 418 10.82 43.94 12.96
N LYS D 419 9.77 43.22 13.28
CA LYS D 419 9.87 42.00 14.09
C LYS D 419 9.39 40.84 13.21
N PHE D 420 10.31 40.24 12.47
CA PHE D 420 9.96 39.07 11.69
C PHE D 420 9.63 37.93 12.64
N LYS D 421 9.24 36.77 12.08
CA LYS D 421 8.52 35.70 12.77
C LYS D 421 8.96 35.55 14.23
N SER D 422 10.27 35.49 14.48
CA SER D 422 10.76 35.36 15.84
C SER D 422 11.95 36.26 16.19
N TYR D 423 12.32 37.20 15.32
CA TYR D 423 13.50 38.01 15.60
C TYR D 423 13.36 39.39 15.01
N LEU D 424 14.06 40.35 15.61
CA LEU D 424 14.02 41.75 15.18
C LEU D 424 15.05 42.01 14.09
N TYR D 425 14.69 42.86 13.14
CA TYR D 425 15.55 43.18 12.00
C TYR D 425 15.30 44.61 11.56
N PHE D 426 16.19 45.10 10.69
CA PHE D 426 16.13 46.47 10.21
C PHE D 426 16.05 46.49 8.69
N GLU D 427 15.18 47.35 8.17
CA GLU D 427 15.03 47.57 6.75
C GLU D 427 15.58 48.93 6.37
N GLU D 428 16.24 48.99 5.22
CA GLU D 428 16.74 50.25 4.66
C GLU D 428 16.41 50.29 3.18
N LYS D 429 16.40 51.49 2.61
CA LYS D 429 16.11 51.65 1.20
C LYS D 429 17.41 51.57 0.39
N ASP D 430 17.42 50.68 -0.60
CA ASP D 430 18.56 50.50 -1.47
C ASP D 430 18.41 51.34 -2.74
N PHE D 431 19.44 51.33 -3.57
CA PHE D 431 19.44 52.12 -4.79
C PHE D 431 18.53 51.49 -5.84
N VAL D 432 18.20 52.28 -6.87
CA VAL D 432 17.27 51.87 -7.91
C VAL D 432 18.06 51.55 -9.17
N ASP D 433 17.46 50.71 -10.02
CA ASP D 433 18.07 50.32 -11.28
C ASP D 433 18.45 51.55 -12.10
N LYS D 434 19.75 51.73 -12.34
CA LYS D 434 20.25 52.89 -13.06
C LYS D 434 20.15 52.65 -14.56
N ALA D 435 19.60 53.63 -15.27
CA ALA D 435 19.55 53.62 -16.73
C ALA D 435 20.79 54.25 -17.35
N GLU D 436 21.91 54.23 -16.62
CA GLU D 436 23.12 54.89 -17.10
C GLU D 436 23.65 54.21 -18.35
N LYS D 437 23.68 54.95 -19.45
CA LYS D 437 24.24 54.45 -20.70
C LYS D 437 25.44 55.27 -21.18
N SER D 438 25.86 56.28 -20.41
CA SER D 438 27.03 57.07 -20.75
C SER D 438 28.22 56.58 -19.94
N LEU D 439 29.38 56.55 -20.58
CA LEU D 439 30.58 56.00 -19.96
C LEU D 439 31.37 57.14 -19.31
N LYS D 440 31.41 57.14 -17.98
CA LYS D 440 32.24 58.05 -17.20
C LYS D 440 32.97 57.18 -16.20
N GLN D 441 34.11 56.64 -16.61
CA GLN D 441 34.90 55.76 -15.76
C GLN D 441 35.42 56.52 -14.55
N THR D 442 35.40 55.86 -13.40
CA THR D 442 36.03 56.43 -12.22
C THR D 442 37.52 56.63 -12.50
N PRO D 443 38.07 57.81 -12.22
CA PRO D 443 39.43 58.12 -12.66
C PRO D 443 40.46 57.20 -12.00
N HIS D 444 41.33 56.62 -12.83
CA HIS D 444 42.48 55.82 -12.39
C HIS D 444 42.06 54.59 -11.60
N SER D 445 40.81 54.16 -11.73
CA SER D 445 40.38 52.91 -11.12
C SER D 445 40.66 51.73 -12.02
N GLU D 446 40.99 50.59 -11.41
CA GLU D 446 41.31 49.41 -12.19
C GLU D 446 41.08 48.15 -11.36
N ILE D 447 41.17 47.02 -12.04
CA ILE D 447 41.02 45.70 -11.45
C ILE D 447 42.13 44.81 -12.01
N ILE D 448 42.82 44.10 -11.12
CA ILE D 448 43.90 43.20 -11.51
C ILE D 448 43.60 41.82 -10.94
N PHE D 449 43.92 40.80 -11.72
CA PHE D 449 43.66 39.41 -11.38
C PHE D 449 44.98 38.67 -11.26
N TYR D 450 45.12 37.87 -10.20
CA TYR D 450 46.30 37.08 -9.95
C TYR D 450 45.92 35.62 -9.82
N LYS D 451 46.78 34.74 -10.30
CA LYS D 451 46.67 33.31 -10.04
C LYS D 451 47.75 32.93 -9.03
N ASN D 452 47.35 32.69 -7.79
CA ASN D 452 48.29 32.37 -6.71
C ASN D 452 49.34 33.48 -6.56
N GLY D 453 48.91 34.73 -6.68
CA GLY D 453 49.79 35.86 -6.63
C GLY D 453 50.42 36.24 -7.95
N VAL D 454 50.62 35.26 -8.84
CA VAL D 454 51.16 35.54 -10.16
C VAL D 454 50.15 36.37 -10.95
N ASN D 455 50.60 37.48 -11.50
CA ASN D 455 49.71 38.42 -12.17
C ASN D 455 49.03 37.79 -13.38
N GLN D 456 47.72 37.54 -13.27
CA GLN D 456 46.96 37.15 -14.45
C GLN D 456 46.63 38.34 -15.34
N GLY D 457 46.75 39.55 -14.82
CA GLY D 457 46.69 40.75 -15.62
C GLY D 457 45.49 41.62 -15.28
N VAL D 458 45.41 42.75 -15.97
CA VAL D 458 44.31 43.68 -15.76
C VAL D 458 43.04 43.11 -16.35
N ALA D 459 41.94 43.22 -15.61
CA ALA D 459 40.64 42.73 -16.05
C ALA D 459 39.75 43.85 -16.61
N TYR D 460 39.52 44.90 -15.81
CA TYR D 460 38.68 46.01 -16.23
C TYR D 460 39.32 47.31 -15.76
N LYS D 461 39.63 48.19 -16.71
CA LYS D 461 40.06 49.55 -16.38
C LYS D 461 38.87 50.48 -16.26
N ASP D 462 37.90 50.33 -17.14
CA ASP D 462 36.67 51.12 -17.09
C ASP D 462 35.83 50.64 -15.93
N ILE D 463 35.68 51.47 -14.90
CA ILE D 463 34.91 51.13 -13.72
C ILE D 463 33.92 52.26 -13.46
N PHE D 464 32.64 51.92 -13.44
CA PHE D 464 31.59 52.89 -13.20
C PHE D 464 31.56 53.29 -11.73
N GLU D 465 30.90 54.41 -11.46
CA GLU D 465 30.78 54.91 -10.10
C GLU D 465 29.90 53.97 -9.27
N GLY D 466 29.75 54.31 -8.00
CA GLY D 466 28.97 53.50 -7.08
C GLY D 466 29.83 52.49 -6.36
N VAL D 467 29.45 52.19 -5.11
CA VAL D 467 30.23 51.28 -4.31
C VAL D 467 30.18 49.88 -4.91
N TYR D 468 31.24 49.12 -4.74
CA TYR D 468 31.32 47.75 -5.22
C TYR D 468 31.59 46.82 -4.04
N PHE D 469 31.28 45.54 -4.26
CA PHE D 469 31.58 44.54 -3.25
C PHE D 469 32.01 43.25 -3.93
N PRO D 470 32.88 42.46 -3.29
CA PRO D 470 33.29 41.20 -3.90
C PRO D 470 32.15 40.20 -3.90
N ALA D 471 32.00 39.48 -5.02
CA ALA D 471 30.85 38.62 -5.23
C ALA D 471 31.27 37.33 -5.91
N ILE D 472 30.46 36.31 -5.68
CA ILE D 472 30.68 34.95 -6.18
C ILE D 472 29.38 34.45 -6.79
N SER D 473 29.45 33.96 -8.02
CA SER D 473 28.33 33.34 -8.70
C SER D 473 28.57 31.83 -8.79
N LEU D 474 27.53 31.07 -8.46
CA LEU D 474 27.54 29.63 -8.53
C LEU D 474 26.77 29.15 -9.75
N TYR D 475 27.33 28.17 -10.43
CA TYR D 475 26.59 27.31 -11.34
C TYR D 475 26.16 26.09 -10.54
N LYS D 476 25.66 25.06 -11.22
CA LYS D 476 25.21 23.86 -10.53
C LYS D 476 26.33 23.22 -9.72
N SER D 477 26.19 23.27 -8.40
CA SER D 477 27.13 22.65 -7.45
C SER D 477 28.57 23.11 -7.68
N CYS D 478 28.81 24.39 -7.43
CA CYS D 478 30.15 24.97 -7.41
C CYS D 478 30.57 25.23 -5.97
N THR D 479 31.83 24.94 -5.64
CA THR D 479 32.34 25.10 -4.28
C THR D 479 33.53 26.05 -4.30
N VAL D 480 33.29 27.29 -3.85
CA VAL D 480 34.33 28.32 -3.76
C VAL D 480 34.09 29.14 -2.49
N SER D 481 35.13 29.86 -2.07
CA SER D 481 35.05 30.63 -0.83
C SER D 481 35.92 31.88 -0.94
N ILE D 482 35.48 32.95 -0.29
CA ILE D 482 36.24 34.19 -0.24
C ILE D 482 37.16 34.17 0.96
N ASN D 483 38.26 34.93 0.90
CA ASN D 483 39.20 34.92 2.00
C ASN D 483 39.97 36.23 2.07
N PHE D 484 40.17 36.68 3.31
CA PHE D 484 40.84 37.93 3.68
C PHE D 484 42.35 37.79 3.67
N GLY D 485 43.04 38.80 4.21
CA GLY D 485 44.46 38.99 4.01
C GLY D 485 45.41 38.39 5.06
N PRO D 486 45.09 38.49 6.36
CA PRO D 486 46.04 38.02 7.38
C PRO D 486 46.37 36.54 7.33
N CYS D 487 45.56 35.71 6.67
CA CYS D 487 45.87 34.31 6.45
C CYS D 487 46.19 34.04 4.99
N PHE D 488 46.91 34.95 4.34
CA PHE D 488 46.99 34.82 2.90
C PHE D 488 48.09 33.83 2.54
N LYS D 489 48.14 33.47 1.25
CA LYS D 489 49.16 32.58 0.72
C LYS D 489 50.19 33.29 -0.14
N TYR D 490 49.76 34.09 -1.13
CA TYR D 490 50.65 34.90 -1.96
C TYR D 490 50.16 36.32 -1.94
N PRO D 491 50.48 37.07 -0.89
CA PRO D 491 49.95 38.42 -0.75
C PRO D 491 50.88 39.44 -1.42
N PRO D 492 50.33 40.51 -1.97
CA PRO D 492 51.19 41.62 -2.40
C PRO D 492 51.72 42.38 -1.18
N LYS D 493 52.94 42.89 -1.32
CA LYS D 493 53.60 43.59 -0.22
C LYS D 493 53.34 45.09 -0.26
N ASP D 494 52.25 45.52 -0.88
CA ASP D 494 51.94 46.94 -0.92
C ASP D 494 51.52 47.43 0.46
N LEU D 495 51.92 48.67 0.77
CA LEU D 495 51.58 49.26 2.05
C LEU D 495 50.27 50.03 2.01
N THR D 496 49.65 50.16 0.85
CA THR D 496 48.42 50.92 0.68
C THR D 496 47.18 50.06 0.57
N TYR D 497 47.29 48.89 -0.07
CA TYR D 497 46.13 48.02 -0.22
C TYR D 497 45.71 47.47 1.14
N ARG D 498 44.41 47.18 1.27
CA ARG D 498 43.86 46.74 2.53
C ARG D 498 43.15 45.40 2.38
N PRO D 499 43.33 44.47 3.34
CA PRO D 499 42.63 43.19 3.27
C PRO D 499 41.12 43.34 3.39
N MET D 500 40.41 42.20 3.30
CA MET D 500 38.96 42.24 3.44
C MET D 500 38.54 42.68 4.85
N SER D 501 39.24 42.18 5.87
CA SER D 501 38.84 42.47 7.25
C SER D 501 38.99 43.95 7.58
N ASP D 502 40.01 44.60 7.03
CA ASP D 502 40.27 45.99 7.38
C ASP D 502 39.16 46.90 6.87
N MET D 503 38.87 46.84 5.57
CA MET D 503 37.75 47.59 5.03
C MET D 503 36.44 47.15 5.66
N GLY D 504 36.33 45.88 6.06
CA GLY D 504 35.14 45.42 6.74
C GLY D 504 34.87 46.17 8.04
N TRP D 505 35.84 46.17 8.96
CA TRP D 505 35.61 46.91 10.19
C TRP D 505 35.57 48.42 9.96
N GLY D 506 36.21 48.90 8.89
CA GLY D 506 36.06 50.31 8.54
C GLY D 506 34.63 50.67 8.21
N ALA D 507 34.00 49.88 7.34
CA ALA D 507 32.60 50.12 7.00
C ALA D 507 31.68 49.88 8.20
N VAL D 508 32.01 48.90 9.05
CA VAL D 508 31.20 48.66 10.23
C VAL D 508 31.21 49.88 11.15
N VAL D 509 32.39 50.42 11.42
CA VAL D 509 32.49 51.62 12.25
C VAL D 509 31.80 52.80 11.58
N GLU D 510 31.92 52.89 10.25
CA GLU D 510 31.26 53.98 9.53
C GLU D 510 29.75 53.92 9.70
N HIS D 511 29.17 52.73 9.60
CA HIS D 511 27.72 52.60 9.78
C HIS D 511 27.31 52.80 11.24
N THR D 512 28.21 52.45 12.18
CA THR D 512 27.97 52.83 13.58
C THR D 512 27.81 54.33 13.71
N LEU D 513 28.75 55.09 13.11
CA LEU D 513 28.65 56.54 13.14
C LEU D 513 27.42 57.03 12.39
N ALA D 514 27.00 56.30 11.36
CA ALA D 514 25.77 56.66 10.65
C ALA D 514 24.57 56.58 11.58
N ASP D 515 24.45 55.47 12.34
CA ASP D 515 23.41 55.37 13.34
C ASP D 515 23.52 56.51 14.35
N VAL D 516 24.75 56.79 14.81
CA VAL D 516 24.98 57.88 15.75
C VAL D 516 24.42 59.18 15.21
N LEU D 517 24.77 59.51 13.96
CA LEU D 517 24.40 60.80 13.39
C LEU D 517 22.90 60.89 13.13
N TYR D 518 22.28 59.78 12.71
CA TYR D 518 20.83 59.82 12.47
C TYR D 518 20.06 60.01 13.79
N HIS D 519 20.46 59.28 14.83
CA HIS D 519 19.82 59.45 16.12
C HIS D 519 20.10 60.85 16.69
N VAL D 520 21.27 61.41 16.38
CA VAL D 520 21.55 62.80 16.73
C VAL D 520 20.57 63.74 16.03
N GLU D 521 20.48 63.63 14.71
CA GLU D 521 19.60 64.48 13.91
C GLU D 521 18.19 64.48 14.47
N THR D 522 17.61 63.29 14.62
CA THR D 522 16.23 63.21 15.08
C THR D 522 16.08 63.57 16.56
N GLU D 523 17.13 63.39 17.36
CA GLU D 523 17.01 63.51 18.80
C GLU D 523 17.49 64.85 19.34
N VAL D 524 18.55 65.43 18.78
CA VAL D 524 19.10 66.69 19.28
C VAL D 524 19.28 67.65 18.12
N ASP D 525 18.96 68.92 18.36
CA ASP D 525 19.06 69.93 17.32
C ASP D 525 20.52 70.28 17.05
N GLY D 526 20.90 70.26 15.78
CA GLY D 526 22.22 70.70 15.39
C GLY D 526 23.07 69.55 14.85
N ARG D 527 23.98 69.89 13.94
CA ARG D 527 25.02 68.98 13.48
C ARG D 527 26.23 69.80 13.03
N ARG D 528 27.38 69.13 12.98
CA ARG D 528 28.66 69.80 12.78
C ARG D 528 29.78 68.79 12.52
N SER D 529 30.56 69.01 11.47
CA SER D 529 31.61 68.10 11.03
C SER D 529 32.87 68.88 10.69
N PRO D 530 34.04 68.26 10.84
CA PRO D 530 35.30 69.01 10.74
C PRO D 530 35.63 69.43 9.32
N PRO D 531 36.78 70.13 9.12
CA PRO D 531 37.24 70.46 7.76
C PRO D 531 37.20 69.34 6.75
N TRP D 532 36.35 69.55 5.74
CA TRP D 532 35.66 68.46 5.03
C TRP D 532 36.57 67.36 4.54
N GLU D 533 37.77 67.70 4.09
CA GLU D 533 38.61 66.84 3.28
C GLU D 533 38.60 65.35 3.66
N PRO D 534 38.70 64.98 4.94
CA PRO D 534 38.59 63.54 5.19
C PRO D 534 37.15 63.07 5.38
N LYS E 38 -52.13 -12.92 4.51
CA LYS E 38 -50.94 -12.10 4.53
C LYS E 38 -49.80 -12.80 5.26
N PRO E 39 -48.59 -12.72 4.71
CA PRO E 39 -47.44 -13.37 5.36
C PRO E 39 -47.10 -12.70 6.67
N HIS E 40 -46.71 -13.50 7.65
CA HIS E 40 -46.29 -12.99 8.95
C HIS E 40 -44.78 -13.09 9.09
N ARG E 41 -44.19 -12.07 9.71
CA ARG E 41 -42.77 -12.07 10.03
C ARG E 41 -42.62 -11.51 11.43
N TYR E 42 -41.99 -12.27 12.31
CA TYR E 42 -41.74 -11.78 13.67
C TYR E 42 -40.85 -10.55 13.62
N ARG E 43 -40.99 -9.71 14.64
CA ARG E 43 -40.17 -8.52 14.72
C ARG E 43 -38.71 -8.91 14.92
N PRO E 44 -37.77 -8.03 14.55
CA PRO E 44 -36.35 -8.40 14.62
C PRO E 44 -35.93 -8.77 16.02
N GLY E 45 -34.90 -9.60 16.10
CA GLY E 45 -34.37 -10.03 17.38
C GLY E 45 -35.21 -11.11 18.04
N THR E 46 -36.53 -10.99 17.93
CA THR E 46 -37.44 -11.91 18.59
C THR E 46 -37.07 -13.36 18.31
N VAL E 47 -36.92 -13.69 17.02
CA VAL E 47 -36.49 -15.03 16.66
C VAL E 47 -35.10 -15.29 17.21
N ALA E 48 -34.19 -14.33 17.04
CA ALA E 48 -32.87 -14.46 17.61
C ALA E 48 -32.94 -14.51 19.13
N LEU E 49 -33.89 -13.81 19.73
CA LEU E 49 -34.06 -13.87 21.17
C LEU E 49 -34.40 -15.29 21.60
N ARG E 50 -35.36 -15.90 20.93
CA ARG E 50 -35.69 -17.29 21.23
C ARG E 50 -34.52 -18.21 20.97
N GLU E 51 -33.71 -17.89 19.96
CA GLU E 51 -32.50 -18.67 19.70
C GLU E 51 -31.55 -18.58 20.89
N ILE E 52 -31.35 -17.38 21.41
CA ILE E 52 -30.57 -17.20 22.63
C ILE E 52 -31.12 -18.05 23.75
N ARG E 53 -32.44 -18.01 23.91
CA ARG E 53 -33.07 -18.73 25.03
C ARG E 53 -32.83 -20.22 24.90
N ARG E 54 -33.02 -20.78 23.70
CA ARG E 54 -32.83 -22.21 23.52
C ARG E 54 -31.36 -22.59 23.57
N TYR E 55 -30.47 -21.67 23.24
CA TYR E 55 -29.05 -22.00 23.28
C TYR E 55 -28.53 -21.99 24.70
N GLN E 56 -28.99 -21.04 25.51
CA GLN E 56 -28.76 -21.15 26.94
C GLN E 56 -29.47 -22.37 27.51
N LYS E 57 -30.55 -22.80 26.84
CA LYS E 57 -31.20 -24.05 27.21
C LYS E 57 -30.35 -25.25 26.80
N SER E 58 -29.91 -25.29 25.55
CA SER E 58 -29.09 -26.40 25.10
C SER E 58 -27.68 -26.29 25.70
N THR E 59 -26.91 -27.38 25.56
CA THR E 59 -25.56 -27.44 26.07
C THR E 59 -24.54 -28.00 25.09
N GLU E 60 -24.97 -28.72 24.06
CA GLU E 60 -24.09 -29.35 23.10
C GLU E 60 -23.33 -28.30 22.29
N LEU E 61 -22.45 -28.78 21.42
CA LEU E 61 -21.64 -27.89 20.59
C LEU E 61 -22.50 -27.18 19.56
N LEU E 62 -21.97 -26.08 19.03
CA LEU E 62 -22.64 -25.36 17.95
C LEU E 62 -21.73 -25.21 16.74
N ILE E 63 -20.68 -26.03 16.65
CA ILE E 63 -19.74 -26.00 15.54
C ILE E 63 -19.72 -27.37 14.89
N ARG E 64 -19.75 -27.39 13.56
CA ARG E 64 -19.64 -28.65 12.84
C ARG E 64 -18.27 -29.26 13.06
N LYS E 65 -18.25 -30.57 13.31
CA LYS E 65 -17.04 -31.24 13.77
C LYS E 65 -15.95 -31.19 12.72
N LEU E 66 -16.22 -31.73 11.55
CA LEU E 66 -15.21 -31.85 10.50
C LEU E 66 -14.55 -30.53 10.15
N PRO E 67 -15.26 -29.42 9.93
CA PRO E 67 -14.56 -28.17 9.63
C PRO E 67 -13.59 -27.77 10.72
N PHE E 68 -14.02 -27.86 11.98
CA PHE E 68 -13.14 -27.55 13.09
C PHE E 68 -11.91 -28.44 13.06
N GLN E 69 -12.09 -29.74 12.84
CA GLN E 69 -10.97 -30.67 12.82
C GLN E 69 -9.99 -30.31 11.71
N ARG E 70 -10.51 -30.02 10.53
CA ARG E 70 -9.64 -29.64 9.42
C ARG E 70 -8.86 -28.38 9.76
N LEU E 71 -9.52 -27.42 10.39
CA LEU E 71 -8.82 -26.21 10.82
C LEU E 71 -7.70 -26.55 11.79
N VAL E 72 -7.98 -27.44 12.75
CA VAL E 72 -6.96 -27.79 13.73
C VAL E 72 -5.76 -28.42 13.05
N ARG E 73 -6.01 -29.36 12.13
CA ARG E 73 -4.89 -30.02 11.47
C ARG E 73 -4.11 -29.05 10.60
N GLU E 74 -4.82 -28.12 9.95
CA GLU E 74 -4.16 -27.06 9.20
C GLU E 74 -3.24 -26.26 10.11
N ILE E 75 -3.71 -25.91 11.29
CA ILE E 75 -2.87 -25.17 12.23
C ILE E 75 -1.69 -26.03 12.65
N ALA E 76 -1.92 -27.32 12.82
CA ALA E 76 -0.88 -28.22 13.30
C ALA E 76 0.27 -28.30 12.32
N GLN E 77 -0.03 -28.52 11.04
CA GLN E 77 1.04 -28.66 10.05
C GLN E 77 1.94 -27.43 10.02
N ASP E 78 1.46 -26.29 10.51
CA ASP E 78 2.31 -25.11 10.58
C ASP E 78 3.50 -25.34 11.50
N PHE E 79 3.26 -25.97 12.64
CA PHE E 79 4.33 -26.23 13.58
C PHE E 79 5.03 -27.55 13.30
N LYS E 80 4.27 -28.57 12.93
CA LYS E 80 4.86 -29.79 12.43
C LYS E 80 3.81 -30.54 11.62
N THR E 81 4.25 -31.09 10.50
CA THR E 81 3.35 -31.76 9.57
C THR E 81 3.18 -33.23 9.91
N ASP E 82 2.03 -33.76 9.50
CA ASP E 82 1.69 -35.17 9.67
C ASP E 82 1.74 -35.57 11.15
N LEU E 83 0.83 -34.97 11.93
CA LEU E 83 0.66 -35.28 13.33
C LEU E 83 -0.76 -35.78 13.54
N ARG E 84 -0.90 -36.84 14.33
CA ARG E 84 -2.19 -37.46 14.54
C ARG E 84 -2.82 -36.94 15.82
N PHE E 85 -4.09 -37.29 16.03
CA PHE E 85 -4.83 -36.70 17.15
C PHE E 85 -5.83 -37.70 17.68
N GLN E 86 -6.21 -37.52 18.93
CA GLN E 86 -7.35 -38.24 19.50
C GLN E 86 -8.63 -37.50 19.18
N SER E 87 -9.66 -38.26 18.81
CA SER E 87 -10.98 -37.67 18.70
C SER E 87 -11.38 -37.02 20.02
N SER E 88 -11.06 -37.67 21.13
CA SER E 88 -11.25 -37.04 22.43
C SER E 88 -10.46 -35.74 22.53
N ALA E 89 -9.22 -35.75 22.04
CA ALA E 89 -8.38 -34.56 22.11
C ALA E 89 -9.03 -33.41 21.35
N VAL E 90 -9.44 -33.66 20.11
CA VAL E 90 -9.99 -32.59 19.29
C VAL E 90 -11.37 -32.18 19.80
N MET E 91 -12.14 -33.12 20.34
CA MET E 91 -13.38 -32.74 21.00
C MET E 91 -13.10 -31.78 22.15
N ALA E 92 -12.05 -32.05 22.92
CA ALA E 92 -11.67 -31.14 23.99
C ALA E 92 -11.27 -29.79 23.42
N LEU E 93 -10.48 -29.78 22.34
CA LEU E 93 -10.09 -28.53 21.72
C LEU E 93 -11.31 -27.70 21.37
N GLN E 94 -12.26 -28.31 20.65
CA GLN E 94 -13.40 -27.55 20.18
C GLN E 94 -14.28 -27.10 21.34
N GLU E 95 -14.48 -27.96 22.33
CA GLU E 95 -15.29 -27.56 23.47
C GLU E 95 -14.66 -26.38 24.20
N ALA E 96 -13.37 -26.49 24.53
CA ALA E 96 -12.70 -25.43 25.26
C ALA E 96 -12.67 -24.15 24.46
N SER E 97 -12.39 -24.26 23.15
CA SER E 97 -12.47 -23.09 22.30
C SER E 97 -13.83 -22.43 22.44
N GLU E 98 -14.88 -23.14 22.03
CA GLU E 98 -16.22 -22.60 22.06
C GLU E 98 -16.57 -22.00 23.41
N ALA E 99 -16.04 -22.58 24.49
CA ALA E 99 -16.25 -22.00 25.81
C ALA E 99 -15.61 -20.61 25.89
N TYR E 100 -14.33 -20.54 25.56
CA TYR E 100 -13.65 -19.24 25.52
C TYR E 100 -14.40 -18.27 24.61
N LEU E 101 -14.98 -18.79 23.54
CA LEU E 101 -15.60 -17.94 22.54
C LEU E 101 -16.91 -17.37 23.04
N VAL E 102 -17.70 -18.20 23.71
CA VAL E 102 -18.96 -17.71 24.26
C VAL E 102 -18.68 -16.78 25.43
N ALA E 103 -17.59 -17.02 26.16
CA ALA E 103 -17.22 -16.08 27.21
C ALA E 103 -16.88 -14.73 26.61
N LEU E 104 -16.11 -14.73 25.52
CA LEU E 104 -15.77 -13.50 24.83
C LEU E 104 -17.03 -12.82 24.31
N PHE E 105 -17.90 -13.58 23.66
CA PHE E 105 -19.16 -13.00 23.21
C PHE E 105 -19.96 -12.44 24.36
N GLU E 106 -19.92 -13.11 25.51
CA GLU E 106 -20.70 -12.69 26.67
C GLU E 106 -20.22 -11.34 27.16
N ASP E 107 -18.95 -11.26 27.54
CA ASP E 107 -18.47 -10.01 28.10
C ASP E 107 -18.39 -8.92 27.05
N THR E 108 -18.29 -9.26 25.76
CA THR E 108 -18.40 -8.21 24.77
C THR E 108 -19.82 -7.70 24.65
N ASN E 109 -20.80 -8.59 24.78
CA ASN E 109 -22.17 -8.16 24.95
C ASN E 109 -22.31 -7.19 26.11
N LEU E 110 -21.71 -7.55 27.24
CA LEU E 110 -21.76 -6.69 28.42
C LEU E 110 -21.16 -5.33 28.13
N CYS E 111 -19.98 -5.31 27.52
CA CYS E 111 -19.34 -4.06 27.15
C CYS E 111 -20.23 -3.24 26.24
N ALA E 112 -20.84 -3.89 25.25
CA ALA E 112 -21.74 -3.17 24.36
C ALA E 112 -22.93 -2.61 25.12
N ILE E 113 -23.38 -3.30 26.17
CA ILE E 113 -24.34 -2.68 27.09
C ILE E 113 -23.77 -1.39 27.63
N HIS E 114 -22.53 -1.45 28.13
CA HIS E 114 -21.88 -0.22 28.54
C HIS E 114 -21.65 0.70 27.35
N ALA E 115 -21.65 0.17 26.14
CA ALA E 115 -21.65 0.99 24.95
C ALA E 115 -23.04 1.42 24.53
N LYS E 116 -24.06 1.02 25.28
CA LYS E 116 -25.44 1.46 25.09
C LYS E 116 -25.99 1.07 23.73
N ARG E 117 -25.40 0.06 23.11
CA ARG E 117 -25.85 -0.42 21.81
C ARG E 117 -26.24 -1.88 21.93
N VAL E 118 -27.15 -2.31 21.05
CA VAL E 118 -27.47 -3.72 20.92
C VAL E 118 -26.69 -4.36 19.77
N THR E 119 -26.14 -3.56 18.87
CA THR E 119 -25.24 -4.03 17.83
C THR E 119 -23.84 -4.13 18.40
N ILE E 120 -23.08 -5.09 17.91
CA ILE E 120 -21.71 -5.29 18.39
C ILE E 120 -20.74 -4.57 17.46
N MET E 121 -19.61 -4.15 18.02
CA MET E 121 -18.58 -3.44 17.29
C MET E 121 -17.24 -4.14 17.50
N PRO E 122 -16.42 -4.25 16.46
CA PRO E 122 -15.14 -4.97 16.63
C PRO E 122 -14.30 -4.40 17.75
N LYS E 123 -14.30 -3.08 17.90
CA LYS E 123 -13.55 -2.44 18.97
C LYS E 123 -13.96 -2.98 20.32
N ASP E 124 -15.23 -3.34 20.49
CA ASP E 124 -15.64 -3.96 21.74
C ASP E 124 -14.85 -5.22 22.00
N ILE E 125 -14.73 -6.09 21.00
CA ILE E 125 -13.98 -7.33 21.17
C ILE E 125 -12.53 -7.02 21.44
N GLN E 126 -11.95 -6.10 20.68
CA GLN E 126 -10.54 -5.79 20.83
C GLN E 126 -10.25 -5.31 22.24
N LEU E 127 -11.00 -4.31 22.70
CA LEU E 127 -10.80 -3.78 24.04
C LEU E 127 -11.13 -4.79 25.11
N ALA E 128 -12.06 -5.71 24.83
CA ALA E 128 -12.33 -6.76 25.79
C ALA E 128 -11.10 -7.63 25.99
N ARG E 129 -10.51 -8.08 24.88
CA ARG E 129 -9.24 -8.78 24.95
C ARG E 129 -8.19 -7.94 25.68
N ARG E 130 -8.21 -6.63 25.43
CA ARG E 130 -7.31 -5.71 26.10
C ARG E 130 -7.47 -5.81 27.61
N ILE E 131 -8.71 -5.78 28.09
CA ILE E 131 -8.95 -5.95 29.51
C ILE E 131 -8.67 -7.39 29.90
N ARG E 132 -8.93 -8.32 29.01
CA ARG E 132 -8.56 -9.70 29.25
C ARG E 132 -7.08 -9.93 29.16
N GLY E 133 -6.28 -8.86 29.08
CA GLY E 133 -4.85 -9.01 29.00
C GLY E 133 -4.38 -9.69 27.74
N GLU E 134 -5.22 -9.79 26.72
CA GLU E 134 -4.90 -10.49 25.50
C GLU E 134 -4.28 -9.58 24.45
N ARG E 135 -3.72 -8.46 24.87
CA ARG E 135 -3.07 -7.52 23.94
C ARG E 135 -1.63 -7.24 24.37
N LYS F 21 -0.74 -33.84 1.38
CA LYS F 21 -2.01 -33.32 1.87
C LYS F 21 -1.79 -32.06 2.69
N VAL F 22 -1.68 -30.93 2.00
CA VAL F 22 -1.43 -29.63 2.61
C VAL F 22 -2.76 -28.90 2.75
N LEU F 23 -3.10 -28.55 3.99
CA LEU F 23 -4.38 -27.93 4.31
C LEU F 23 -4.28 -26.40 4.27
N ARG F 24 -5.44 -25.76 4.22
CA ARG F 24 -5.51 -24.30 4.12
C ARG F 24 -6.94 -23.84 4.33
N ASP F 25 -7.07 -22.56 4.69
CA ASP F 25 -8.32 -21.78 4.66
C ASP F 25 -9.50 -22.50 5.31
N ASN F 26 -9.24 -23.34 6.30
CA ASN F 26 -10.36 -23.89 7.07
C ASN F 26 -10.88 -22.90 8.09
N ILE F 27 -10.19 -21.77 8.28
CA ILE F 27 -10.66 -20.74 9.19
C ILE F 27 -12.02 -20.22 8.75
N GLN F 28 -12.17 -19.95 7.46
CA GLN F 28 -13.47 -19.54 6.96
C GLN F 28 -14.45 -20.70 6.93
N GLY F 29 -13.96 -21.94 7.06
CA GLY F 29 -14.84 -23.05 7.31
C GLY F 29 -15.73 -22.84 8.51
N ILE F 30 -15.35 -21.92 9.41
CA ILE F 30 -16.23 -21.49 10.48
C ILE F 30 -17.36 -20.66 9.87
N THR F 31 -18.57 -21.18 9.94
CA THR F 31 -19.71 -20.50 9.33
C THR F 31 -20.17 -19.34 10.19
N LYS F 32 -20.54 -18.25 9.54
CA LYS F 32 -21.22 -17.16 10.26
C LYS F 32 -22.43 -17.64 11.03
N PRO F 33 -23.26 -18.56 10.52
CA PRO F 33 -24.31 -19.12 11.38
C PRO F 33 -23.75 -19.77 12.62
N ALA F 34 -22.61 -20.45 12.53
CA ALA F 34 -22.02 -21.01 13.73
C ALA F 34 -21.63 -19.92 14.71
N ILE F 35 -21.01 -18.86 14.19
CA ILE F 35 -20.57 -17.76 15.05
C ILE F 35 -21.76 -17.15 15.76
N ARG F 36 -22.84 -16.88 15.01
CA ARG F 36 -24.01 -16.27 15.63
C ARG F 36 -24.69 -17.25 16.58
N ARG F 37 -24.60 -18.55 16.32
CA ARG F 37 -25.11 -19.52 17.28
C ARG F 37 -24.35 -19.40 18.59
N LEU F 38 -23.02 -19.35 18.53
CA LEU F 38 -22.24 -19.19 19.74
C LEU F 38 -22.58 -17.87 20.42
N ALA F 39 -22.82 -16.83 19.64
CA ALA F 39 -23.14 -15.53 20.22
C ALA F 39 -24.48 -15.58 20.95
N ARG F 40 -25.49 -16.17 20.32
CA ARG F 40 -26.77 -16.35 20.98
C ARG F 40 -26.61 -17.15 22.26
N ARG F 41 -25.76 -18.18 22.23
CA ARG F 41 -25.46 -18.89 23.47
C ARG F 41 -24.88 -17.95 24.50
N GLY F 42 -23.99 -17.06 24.07
CA GLY F 42 -23.48 -16.02 24.94
C GLY F 42 -24.49 -14.94 25.28
N GLY F 43 -25.69 -15.02 24.70
CA GLY F 43 -26.72 -14.07 25.03
C GLY F 43 -26.53 -12.74 24.34
N VAL F 44 -26.39 -12.77 23.02
CA VAL F 44 -26.18 -11.57 22.23
C VAL F 44 -27.33 -11.42 21.25
N LYS F 45 -27.83 -10.20 21.10
CA LYS F 45 -28.97 -9.94 20.22
C LYS F 45 -28.54 -9.46 18.85
N ARG F 46 -27.87 -8.31 18.77
CA ARG F 46 -27.50 -7.73 17.49
C ARG F 46 -25.99 -7.76 17.32
N ILE F 47 -25.57 -8.15 16.12
CA ILE F 47 -24.17 -8.37 15.80
C ILE F 47 -23.85 -7.69 14.49
N SER F 48 -22.61 -7.28 14.34
CA SER F 48 -22.15 -6.71 13.08
C SER F 48 -21.36 -7.74 12.31
N GLY F 49 -21.17 -7.47 11.02
CA GLY F 49 -20.40 -8.37 10.18
C GLY F 49 -18.93 -8.37 10.54
N LEU F 50 -18.36 -7.18 10.72
CA LEU F 50 -16.94 -6.99 10.96
C LEU F 50 -16.39 -7.92 12.04
N ILE F 51 -17.27 -8.51 12.84
CA ILE F 51 -16.84 -9.30 13.98
C ILE F 51 -16.27 -10.64 13.51
N TYR F 52 -16.99 -11.30 12.60
CA TYR F 52 -16.83 -12.75 12.42
C TYR F 52 -15.38 -13.10 12.11
N GLU F 53 -14.87 -12.60 10.99
CA GLU F 53 -13.49 -12.81 10.62
C GLU F 53 -12.57 -12.37 11.76
N GLU F 54 -12.79 -11.18 12.30
CA GLU F 54 -12.09 -10.74 13.50
C GLU F 54 -12.14 -11.83 14.55
N THR F 55 -13.37 -12.24 14.90
CA THR F 55 -13.60 -13.38 15.77
C THR F 55 -12.68 -14.51 15.37
N ARG F 56 -12.82 -14.97 14.12
CA ARG F 56 -12.02 -16.06 13.60
C ARG F 56 -10.55 -15.88 13.96
N GLY F 57 -10.01 -14.70 13.64
CA GLY F 57 -8.63 -14.39 13.93
C GLY F 57 -8.29 -14.74 15.36
N VAL F 58 -9.01 -14.12 16.29
CA VAL F 58 -8.86 -14.38 17.71
C VAL F 58 -8.83 -15.87 17.94
N LEU F 59 -9.86 -16.56 17.45
CA LEU F 59 -9.98 -18.00 17.54
C LEU F 59 -8.64 -18.62 17.19
N LYS F 60 -8.21 -18.38 15.95
CA LYS F 60 -6.91 -18.82 15.48
C LYS F 60 -5.84 -18.49 16.50
N VAL F 61 -5.67 -17.19 16.77
CA VAL F 61 -4.66 -16.76 17.72
C VAL F 61 -4.75 -17.60 18.99
N PHE F 62 -5.95 -17.70 19.55
CA PHE F 62 -6.16 -18.49 20.75
C PHE F 62 -5.56 -19.88 20.57
N LEU F 63 -6.13 -20.64 19.64
CA LEU F 63 -5.62 -21.99 19.41
C LEU F 63 -4.18 -21.95 18.93
N GLU F 64 -3.79 -20.88 18.25
CA GLU F 64 -2.40 -20.66 17.86
C GLU F 64 -1.45 -21.09 18.96
N ASN F 65 -1.79 -20.77 20.21
CA ASN F 65 -0.89 -21.16 21.27
C ASN F 65 -1.01 -22.66 21.53
N VAL F 66 -2.21 -23.08 21.93
CA VAL F 66 -2.36 -24.32 22.69
C VAL F 66 -1.79 -25.50 21.92
N ILE F 67 -2.22 -25.66 20.66
CA ILE F 67 -1.78 -26.79 19.86
C ILE F 67 -0.26 -26.89 19.89
N ARG F 68 0.41 -25.79 19.57
CA ARG F 68 1.86 -25.75 19.61
C ARG F 68 2.35 -26.24 20.96
N ASP F 69 1.92 -25.56 22.02
CA ASP F 69 2.30 -26.00 23.36
C ASP F 69 1.91 -27.47 23.54
N ALA F 70 0.71 -27.82 23.11
CA ALA F 70 0.27 -29.21 23.17
C ALA F 70 1.27 -30.12 22.48
N VAL F 71 1.58 -29.82 21.22
CA VAL F 71 2.51 -30.70 20.52
C VAL F 71 3.89 -30.57 21.13
N THR F 72 4.16 -29.42 21.75
CA THR F 72 5.37 -29.29 22.54
C THR F 72 5.44 -30.41 23.56
N TYR F 73 4.36 -30.60 24.34
CA TYR F 73 4.23 -31.78 25.16
C TYR F 73 4.52 -33.02 24.34
N THR F 74 3.79 -33.18 23.25
CA THR F 74 4.03 -34.30 22.35
C THR F 74 5.46 -34.28 21.85
N GLU F 75 6.02 -33.09 21.65
CA GLU F 75 7.44 -32.96 21.41
C GLU F 75 8.23 -33.75 22.44
N HIS F 76 8.07 -33.40 23.71
CA HIS F 76 8.80 -34.16 24.71
C HIS F 76 8.26 -35.57 24.83
N ALA F 77 7.00 -35.78 24.46
CA ALA F 77 6.45 -37.13 24.49
C ALA F 77 7.07 -38.03 23.43
N LYS F 78 7.80 -37.46 22.47
CA LYS F 78 8.46 -38.24 21.42
C LYS F 78 7.47 -39.09 20.64
N ARG F 79 6.27 -38.58 20.42
CA ARG F 79 5.22 -39.33 19.76
C ARG F 79 4.69 -38.56 18.55
N LYS F 80 4.06 -39.30 17.64
CA LYS F 80 3.53 -38.71 16.42
C LYS F 80 2.08 -38.29 16.54
N THR F 81 1.29 -38.98 17.36
CA THR F 81 -0.09 -38.58 17.60
C THR F 81 -0.15 -37.61 18.77
N VAL F 82 -1.16 -36.76 18.77
CA VAL F 82 -1.36 -35.78 19.83
C VAL F 82 -2.56 -36.20 20.67
N THR F 83 -2.42 -36.08 21.98
CA THR F 83 -3.40 -36.58 22.92
C THR F 83 -4.11 -35.45 23.64
N ALA F 84 -5.19 -35.81 24.31
CA ALA F 84 -5.94 -34.81 25.08
C ALA F 84 -5.11 -34.29 26.25
N MET F 85 -4.48 -35.19 27.00
CA MET F 85 -3.72 -34.78 28.17
C MET F 85 -2.72 -33.67 27.84
N ASP F 86 -2.28 -33.62 26.58
CA ASP F 86 -1.47 -32.50 26.11
C ASP F 86 -2.21 -31.18 26.34
N VAL F 87 -3.39 -31.03 25.74
CA VAL F 87 -4.12 -29.77 25.87
C VAL F 87 -4.58 -29.58 27.30
N VAL F 88 -4.81 -30.67 28.02
CA VAL F 88 -5.11 -30.56 29.44
C VAL F 88 -4.02 -29.79 30.15
N TYR F 89 -2.78 -30.28 30.03
CA TYR F 89 -1.67 -29.61 30.70
C TYR F 89 -1.41 -28.23 30.10
N ALA F 90 -1.78 -28.03 28.84
CA ALA F 90 -1.62 -26.70 28.25
C ALA F 90 -2.57 -25.70 28.90
N LEU F 91 -3.87 -25.97 28.82
CA LEU F 91 -4.88 -25.14 29.46
C LEU F 91 -4.59 -24.95 30.93
N LYS F 92 -4.06 -25.99 31.57
CA LYS F 92 -3.55 -25.85 32.93
C LYS F 92 -2.46 -24.78 32.97
N ARG F 93 -1.42 -24.96 32.18
CA ARG F 93 -0.37 -23.96 32.07
C ARG F 93 -0.92 -22.67 31.49
N GLN F 94 -1.96 -22.76 30.67
CA GLN F 94 -2.64 -21.56 30.21
C GLN F 94 -3.68 -21.06 31.20
N GLY F 95 -3.73 -21.65 32.39
CA GLY F 95 -4.66 -21.20 33.41
C GLY F 95 -6.10 -21.29 32.98
N ARG F 96 -6.42 -22.23 32.10
CA ARG F 96 -7.79 -22.40 31.61
C ARG F 96 -8.16 -23.87 31.69
N THR F 97 -7.83 -24.50 32.81
CA THR F 97 -7.92 -25.94 32.94
C THR F 97 -9.33 -26.45 32.66
N LEU F 98 -9.40 -27.71 32.25
CA LEU F 98 -10.63 -28.36 31.85
C LEU F 98 -10.71 -29.72 32.51
N TYR F 99 -11.92 -30.22 32.69
CA TYR F 99 -12.14 -31.50 33.34
C TYR F 99 -12.71 -32.51 32.36
N GLY F 100 -12.65 -33.78 32.76
CA GLY F 100 -13.29 -34.84 32.02
C GLY F 100 -12.43 -35.57 31.02
N PHE F 101 -11.12 -35.51 31.15
CA PHE F 101 -10.26 -36.19 30.19
C PHE F 101 -9.07 -36.85 30.84
N GLY F 102 -9.24 -37.31 32.08
CA GLY F 102 -8.14 -37.92 32.81
C GLY F 102 -7.32 -36.88 33.55
N ALA G 12 45.64 -32.86 41.95
CA ALA G 12 44.39 -32.31 42.46
C ALA G 12 44.20 -30.88 41.98
N LYS G 13 44.15 -30.71 40.65
CA LYS G 13 43.92 -29.39 40.08
C LYS G 13 42.43 -29.06 40.12
N ALA G 14 42.11 -27.87 40.57
CA ALA G 14 40.73 -27.44 40.74
C ALA G 14 40.29 -26.56 39.58
N LYS G 15 39.04 -26.71 39.16
CA LYS G 15 38.47 -25.85 38.13
C LYS G 15 36.95 -25.92 38.25
N THR G 16 36.31 -24.79 38.53
CA THR G 16 34.87 -24.79 38.73
C THR G 16 34.15 -25.00 37.41
N ARG G 17 32.94 -25.56 37.50
CA ARG G 17 32.16 -25.84 36.32
C ARG G 17 31.78 -24.57 35.58
N SER G 18 31.74 -23.44 36.27
CA SER G 18 31.47 -22.18 35.60
C SER G 18 32.63 -21.79 34.68
N SER G 19 33.86 -21.90 35.19
CA SER G 19 35.02 -21.71 34.33
C SER G 19 35.05 -22.77 33.23
N ARG G 20 34.70 -24.00 33.57
CA ARG G 20 34.61 -25.05 32.57
C ARG G 20 33.60 -24.72 31.49
N ALA G 21 32.60 -23.91 31.82
CA ALA G 21 31.70 -23.33 30.86
C ALA G 21 32.08 -21.89 30.50
N GLY G 22 33.14 -21.38 31.12
CA GLY G 22 33.58 -20.02 30.83
C GLY G 22 32.51 -18.99 31.09
N LEU G 23 31.69 -19.19 32.11
CA LEU G 23 30.58 -18.30 32.41
C LEU G 23 30.71 -17.83 33.85
N GLN G 24 29.71 -17.07 34.30
CA GLN G 24 29.76 -16.40 35.59
C GLN G 24 28.86 -17.04 36.64
N PHE G 25 27.65 -17.43 36.28
CA PHE G 25 26.69 -17.91 37.25
C PHE G 25 27.18 -19.21 37.88
N PRO G 26 27.04 -19.37 39.20
CA PRO G 26 27.66 -20.51 39.88
C PRO G 26 26.93 -21.81 39.64
N VAL G 27 27.49 -22.66 38.78
CA VAL G 27 26.86 -23.93 38.47
C VAL G 27 26.74 -24.79 39.72
N GLY G 28 27.78 -24.81 40.55
CA GLY G 28 27.72 -25.58 41.78
C GLY G 28 26.66 -25.05 42.72
N ARG G 29 26.59 -23.73 42.90
CA ARG G 29 25.61 -23.17 43.80
C ARG G 29 24.19 -23.44 43.31
N VAL G 30 23.93 -23.17 42.04
CA VAL G 30 22.59 -23.40 41.52
C VAL G 30 22.24 -24.87 41.53
N HIS G 31 23.23 -25.75 41.37
CA HIS G 31 23.00 -27.18 41.46
C HIS G 31 22.57 -27.56 42.87
N ARG G 32 23.30 -27.07 43.86
CA ARG G 32 22.89 -27.30 45.24
C ARG G 32 21.49 -26.75 45.49
N LEU G 33 21.18 -25.60 44.89
CA LEU G 33 19.88 -24.98 45.11
C LEU G 33 18.76 -25.84 44.56
N LEU G 34 18.88 -26.26 43.30
CA LEU G 34 17.86 -27.12 42.72
C LEU G 34 17.79 -28.45 43.46
N ARG G 35 18.91 -28.95 43.95
CA ARG G 35 18.90 -30.16 44.75
C ARG G 35 18.05 -29.97 46.00
N LYS G 36 18.30 -28.88 46.73
CA LYS G 36 17.51 -28.56 47.89
C LYS G 36 16.11 -28.06 47.53
N GLY G 37 15.81 -27.94 46.24
CA GLY G 37 14.52 -27.46 45.82
C GLY G 37 13.46 -28.51 45.66
N ASN G 38 13.84 -29.79 45.72
CA ASN G 38 12.91 -30.91 45.72
C ASN G 38 12.01 -30.87 44.48
N TYR G 39 12.64 -31.01 43.32
CA TYR G 39 11.93 -31.08 42.06
C TYR G 39 12.05 -32.43 41.37
N ALA G 40 13.22 -33.06 41.47
CA ALA G 40 13.43 -34.38 40.89
C ALA G 40 14.43 -35.13 41.74
N GLU G 41 14.34 -36.46 41.69
CA GLU G 41 15.21 -37.30 42.49
C GLU G 41 16.66 -37.19 42.02
N ARG G 42 16.92 -37.55 40.78
CA ARG G 42 18.22 -37.33 40.17
C ARG G 42 18.15 -36.12 39.24
N VAL G 43 19.32 -35.66 38.82
CA VAL G 43 19.42 -34.47 38.00
C VAL G 43 20.36 -34.72 36.83
N GLY G 44 20.16 -33.96 35.76
CA GLY G 44 21.12 -33.94 34.68
C GLY G 44 22.25 -32.99 35.04
N ALA G 45 23.48 -33.48 35.01
CA ALA G 45 24.61 -32.68 35.46
C ALA G 45 24.79 -31.43 34.63
N GLY G 46 24.42 -31.47 33.35
CA GLY G 46 24.51 -30.31 32.50
C GLY G 46 23.33 -29.37 32.57
N ALA G 47 22.23 -29.81 33.19
CA ALA G 47 21.08 -28.92 33.35
C ALA G 47 21.41 -27.66 34.14
N PRO G 48 22.15 -27.70 35.25
CA PRO G 48 22.52 -26.44 35.90
C PRO G 48 23.30 -25.52 34.99
N VAL G 49 24.28 -26.08 34.27
CA VAL G 49 25.03 -25.29 33.30
C VAL G 49 24.08 -24.61 32.33
N TYR G 50 23.19 -25.40 31.73
CA TYR G 50 22.30 -24.88 30.71
C TYR G 50 21.42 -23.78 31.26
N LEU G 51 20.75 -24.04 32.38
CA LEU G 51 19.85 -23.05 32.94
C LEU G 51 20.60 -21.79 33.32
N ALA G 52 21.75 -21.93 33.96
CA ALA G 52 22.51 -20.76 34.35
C ALA G 52 22.96 -19.95 33.16
N ALA G 53 23.26 -20.63 32.05
CA ALA G 53 23.57 -19.91 30.81
C ALA G 53 22.36 -19.12 30.34
N VAL G 54 21.19 -19.73 30.40
CA VAL G 54 19.98 -19.01 30.02
C VAL G 54 19.79 -17.78 30.90
N LEU G 55 19.99 -17.94 32.20
CA LEU G 55 19.88 -16.82 33.12
C LEU G 55 20.88 -15.74 32.75
N GLU G 56 22.12 -16.14 32.46
CA GLU G 56 23.14 -15.20 32.04
C GLU G 56 22.65 -14.40 30.84
N TYR G 57 22.09 -15.08 29.85
CA TYR G 57 21.63 -14.42 28.65
C TYR G 57 20.55 -13.39 28.96
N LEU G 58 19.46 -13.85 29.58
CA LEU G 58 18.33 -12.96 29.83
C LEU G 58 18.72 -11.79 30.72
N THR G 59 19.51 -12.07 31.75
CA THR G 59 20.01 -11.01 32.60
C THR G 59 20.82 -10.01 31.79
N ALA G 60 21.64 -10.51 30.87
CA ALA G 60 22.41 -9.62 30.01
C ALA G 60 21.49 -8.69 29.26
N GLU G 61 20.44 -9.22 28.63
CA GLU G 61 19.56 -8.38 27.84
C GLU G 61 18.89 -7.32 28.71
N ILE G 62 18.35 -7.74 29.84
CA ILE G 62 17.58 -6.81 30.65
C ILE G 62 18.49 -5.74 31.23
N LEU G 63 19.65 -6.12 31.75
CA LEU G 63 20.57 -5.13 32.26
C LEU G 63 21.08 -4.23 31.16
N GLU G 64 21.19 -4.76 29.94
CA GLU G 64 21.67 -3.95 28.83
C GLU G 64 20.67 -2.86 28.51
N LEU G 65 19.40 -3.23 28.39
CA LEU G 65 18.37 -2.23 28.17
C LEU G 65 18.30 -1.24 29.32
N ALA G 66 18.49 -1.74 30.55
CA ALA G 66 18.52 -0.87 31.72
C ALA G 66 19.61 0.18 31.58
N GLY G 67 20.82 -0.26 31.26
CA GLY G 67 21.91 0.67 31.07
C GLY G 67 21.68 1.60 29.90
N ASN G 68 20.98 1.12 28.86
CA ASN G 68 20.61 1.99 27.76
C ASN G 68 19.80 3.17 28.26
N ALA G 69 18.73 2.88 29.01
CA ALA G 69 17.95 3.96 29.60
C ALA G 69 18.80 4.82 30.53
N ALA G 70 19.72 4.18 31.27
CA ALA G 70 20.49 4.89 32.28
C ALA G 70 21.37 5.95 31.63
N ARG G 71 22.22 5.56 30.69
CA ARG G 71 23.05 6.55 30.02
C ARG G 71 22.22 7.41 29.07
N ASP G 72 21.03 6.95 28.69
CA ASP G 72 20.08 7.83 28.04
C ASP G 72 19.69 8.95 28.97
N ASN G 73 19.77 8.71 30.27
CA ASN G 73 19.51 9.72 31.29
C ASN G 73 20.78 10.17 31.97
N LYS G 74 21.93 9.94 31.35
CA LYS G 74 23.23 10.31 31.92
C LYS G 74 23.42 9.70 33.30
N LYS G 75 22.89 8.51 33.50
CA LYS G 75 22.92 7.86 34.81
C LYS G 75 23.87 6.69 34.75
N THR G 76 24.97 6.78 35.50
CA THR G 76 25.88 5.65 35.63
C THR G 76 25.22 4.51 36.38
N ARG G 77 24.87 4.74 37.64
CA ARG G 77 24.22 3.72 38.43
C ARG G 77 22.76 3.63 38.01
N ILE G 78 22.33 2.42 37.66
CA ILE G 78 21.00 2.22 37.10
C ILE G 78 19.96 2.29 38.21
N ILE G 79 18.83 2.93 37.90
CA ILE G 79 17.75 3.08 38.87
C ILE G 79 16.63 2.13 38.48
N PRO G 80 15.85 1.65 39.44
CA PRO G 80 14.71 0.78 39.10
C PRO G 80 13.77 1.37 38.08
N ARG G 81 13.70 2.70 37.97
CA ARG G 81 12.89 3.29 36.91
C ARG G 81 13.42 2.89 35.54
N HIS G 82 14.74 2.89 35.38
CA HIS G 82 15.32 2.36 34.15
C HIS G 82 14.84 0.95 33.90
N LEU G 83 14.78 0.14 34.96
CA LEU G 83 14.33 -1.24 34.82
C LEU G 83 12.90 -1.32 34.33
N GLN G 84 12.01 -0.53 34.93
CA GLN G 84 10.62 -0.51 34.49
C GLN G 84 10.52 -0.10 33.03
N LEU G 85 11.21 0.97 32.66
CA LEU G 85 11.15 1.41 31.28
C LEU G 85 11.63 0.33 30.34
N ALA G 86 12.75 -0.31 30.68
CA ALA G 86 13.29 -1.37 29.83
C ALA G 86 12.28 -2.50 29.69
N VAL G 87 11.73 -2.98 30.81
CA VAL G 87 10.84 -4.12 30.75
C VAL G 87 9.53 -3.76 30.08
N ARG G 88 9.18 -2.48 30.02
CA ARG G 88 7.96 -2.07 29.36
C ARG G 88 8.17 -1.80 27.87
N ASN G 89 9.40 -1.50 27.46
CA ASN G 89 9.65 -1.20 26.06
C ASN G 89 9.68 -2.48 25.22
N ASP G 90 10.50 -3.45 25.62
CA ASP G 90 10.62 -4.67 24.83
C ASP G 90 9.34 -5.48 24.90
N GLU G 91 8.86 -5.89 23.74
CA GLU G 91 7.65 -6.69 23.66
C GLU G 91 7.86 -8.05 24.31
N GLU G 92 8.94 -8.72 23.95
CA GLU G 92 9.18 -10.08 24.43
C GLU G 92 9.36 -10.09 25.95
N LEU G 93 10.20 -9.20 26.47
CA LEU G 93 10.41 -9.17 27.91
C LEU G 93 9.16 -8.71 28.66
N ASN G 94 8.44 -7.74 28.10
CA ASN G 94 7.20 -7.32 28.74
C ASN G 94 6.22 -8.47 28.81
N LYS G 95 6.03 -9.18 27.70
CA LYS G 95 5.22 -10.38 27.70
C LYS G 95 5.70 -11.37 28.73
N LEU G 96 7.02 -11.50 28.87
CA LEU G 96 7.59 -12.40 29.86
C LEU G 96 7.20 -11.97 31.27
N LEU G 97 7.14 -10.68 31.52
CA LEU G 97 6.92 -10.14 32.85
C LEU G 97 5.70 -9.23 32.88
N GLY G 98 4.64 -9.62 32.19
CA GLY G 98 3.45 -8.79 32.14
C GLY G 98 2.80 -8.63 33.49
N ARG G 99 2.46 -9.75 34.13
CA ARG G 99 1.78 -9.71 35.43
C ARG G 99 2.74 -9.55 36.58
N VAL G 100 3.98 -9.19 36.28
CA VAL G 100 5.00 -8.97 37.30
C VAL G 100 5.04 -7.49 37.62
N THR G 101 5.28 -7.17 38.89
CA THR G 101 5.42 -5.79 39.31
C THR G 101 6.85 -5.55 39.78
N ILE G 102 7.24 -4.28 39.73
CA ILE G 102 8.61 -3.86 40.03
C ILE G 102 8.56 -2.73 41.04
N ALA G 103 9.36 -2.87 42.11
CA ALA G 103 9.44 -1.82 43.12
C ALA G 103 10.06 -0.57 42.50
N GLN G 104 9.52 0.59 42.88
CA GLN G 104 9.98 1.87 42.34
C GLN G 104 9.95 1.84 40.82
N GLY G 105 8.93 1.20 40.27
CA GLY G 105 8.83 1.04 38.84
C GLY G 105 8.24 2.25 38.15
N GLY G 106 7.06 2.66 38.60
CA GLY G 106 6.36 3.72 37.90
C GLY G 106 5.76 3.19 36.61
N VAL G 107 5.26 4.12 35.80
CA VAL G 107 4.61 3.81 34.55
C VAL G 107 5.40 4.42 33.41
N LEU G 108 5.55 3.67 32.33
CA LEU G 108 6.17 4.21 31.14
C LEU G 108 5.35 5.38 30.61
N PRO G 109 5.99 6.31 29.90
CA PRO G 109 5.23 7.42 29.31
C PRO G 109 4.18 6.90 28.35
N ASN G 110 2.94 7.32 28.56
CA ASN G 110 1.82 6.90 27.72
C ASN G 110 0.70 7.91 27.88
N ILE G 111 0.40 8.62 26.80
CA ILE G 111 -0.74 9.54 26.74
C ILE G 111 -1.64 9.08 25.61
N GLN G 112 -2.93 8.99 25.87
CA GLN G 112 -3.84 8.52 24.84
C GLN G 112 -4.15 9.65 23.86
N SER G 113 -4.63 9.27 22.69
CA SER G 113 -4.84 10.23 21.61
C SER G 113 -5.78 11.34 22.04
N VAL G 114 -7.00 10.98 22.41
CA VAL G 114 -8.01 11.98 22.75
C VAL G 114 -7.63 12.79 23.98
N LEU G 115 -6.62 12.37 24.74
CA LEU G 115 -6.22 13.17 25.90
C LEU G 115 -5.68 14.52 25.48
N LEU G 116 -5.06 14.60 24.32
CA LEU G 116 -4.55 15.87 23.86
C LEU G 116 -5.70 16.79 23.48
N PRO G 117 -5.70 18.04 23.92
CA PRO G 117 -6.72 18.98 23.47
C PRO G 117 -6.49 19.37 22.03
N LYS G 118 -7.58 19.67 21.33
CA LYS G 118 -7.50 20.08 19.95
C LYS G 118 -7.73 21.59 19.83
N THR H 30 25.26 -14.85 60.11
CA THR H 30 24.56 -15.76 59.20
C THR H 30 24.83 -15.40 57.75
N ARG H 31 25.39 -16.37 57.01
CA ARG H 31 25.71 -16.16 55.61
C ARG H 31 24.45 -16.21 54.76
N LYS H 32 24.21 -15.16 53.98
CA LYS H 32 23.07 -15.08 53.08
C LYS H 32 23.60 -15.01 51.65
N GLU H 33 23.36 -16.08 50.89
CA GLU H 33 23.85 -16.13 49.52
C GLU H 33 23.07 -15.18 48.63
N SER H 34 23.70 -14.80 47.52
CA SER H 34 23.08 -13.95 46.51
C SER H 34 23.82 -14.13 45.20
N TYR H 35 23.56 -13.25 44.25
CA TYR H 35 24.21 -13.28 42.95
C TYR H 35 24.70 -11.90 42.53
N ALA H 36 24.70 -10.94 43.46
CA ALA H 36 25.18 -9.59 43.15
C ALA H 36 26.55 -9.63 42.51
N ILE H 37 27.39 -10.54 42.97
CA ILE H 37 28.69 -10.75 42.32
C ILE H 37 28.47 -11.11 40.87
N TYR H 38 27.58 -12.07 40.60
CA TYR H 38 27.40 -12.54 39.24
C TYR H 38 26.70 -11.51 38.38
N VAL H 39 25.70 -10.83 38.95
CA VAL H 39 25.01 -9.82 38.17
C VAL H 39 25.95 -8.66 37.86
N TYR H 40 26.84 -8.33 38.78
CA TYR H 40 27.82 -7.30 38.52
C TYR H 40 28.82 -7.75 37.47
N LYS H 41 29.22 -9.02 37.54
CA LYS H 41 30.11 -9.59 36.54
C LYS H 41 29.52 -9.44 35.15
N VAL H 42 28.28 -9.90 34.97
CA VAL H 42 27.68 -9.84 33.64
C VAL H 42 27.40 -8.40 33.24
N LEU H 43 27.10 -7.53 34.21
CA LEU H 43 26.99 -6.11 33.94
C LEU H 43 28.26 -5.59 33.28
N LYS H 44 29.40 -5.82 33.92
CA LYS H 44 30.66 -5.39 33.34
C LYS H 44 30.88 -6.05 31.99
N GLN H 45 30.55 -7.33 31.87
CA GLN H 45 30.74 -8.04 30.61
C GLN H 45 29.92 -7.41 29.49
N VAL H 46 28.81 -6.77 29.84
CA VAL H 46 28.00 -6.06 28.87
C VAL H 46 28.26 -4.56 28.93
N HIS H 47 28.37 -4.01 30.14
CA HIS H 47 28.57 -2.58 30.32
C HIS H 47 29.59 -2.39 31.43
N PRO H 48 30.87 -2.32 31.08
CA PRO H 48 31.89 -2.00 32.10
C PRO H 48 31.69 -0.61 32.66
N ASP H 49 31.08 0.29 31.90
CA ASP H 49 30.89 1.67 32.32
C ASP H 49 29.72 1.82 33.26
N THR H 50 28.58 1.20 32.91
CA THR H 50 27.33 1.45 33.61
C THR H 50 27.38 0.86 35.01
N GLY H 51 26.86 1.61 35.97
CA GLY H 51 26.86 1.20 37.37
C GLY H 51 25.63 0.39 37.72
N ILE H 52 25.31 0.37 39.01
CA ILE H 52 24.21 -0.44 39.50
C ILE H 52 23.80 0.07 40.86
N SER H 53 22.49 0.04 41.13
CA SER H 53 21.94 0.37 42.44
C SER H 53 21.60 -0.91 43.19
N SER H 54 21.76 -0.85 44.51
CA SER H 54 21.48 -2.03 45.35
C SER H 54 20.01 -2.40 45.30
N LYS H 55 19.13 -1.41 45.24
CA LYS H 55 17.70 -1.70 45.11
C LYS H 55 17.44 -2.53 43.86
N ALA H 56 17.83 -1.99 42.71
CA ALA H 56 17.68 -2.74 41.47
C ALA H 56 18.49 -4.03 41.49
N MET H 57 19.59 -4.06 42.25
CA MET H 57 20.36 -5.28 42.38
C MET H 57 19.51 -6.39 42.99
N SER H 58 18.95 -6.12 44.16
CA SER H 58 18.09 -7.10 44.81
C SER H 58 16.87 -7.39 43.95
N ILE H 59 16.43 -6.42 43.15
CA ILE H 59 15.35 -6.68 42.21
C ILE H 59 15.76 -7.77 41.23
N MET H 60 16.95 -7.61 40.63
CA MET H 60 17.49 -8.61 39.73
C MET H 60 17.57 -9.97 40.41
N ASN H 61 18.07 -9.97 41.64
CA ASN H 61 18.23 -11.24 42.35
C ASN H 61 16.88 -11.92 42.54
N SER H 62 15.91 -11.19 43.09
CA SER H 62 14.58 -11.75 43.26
C SER H 62 14.03 -12.26 41.94
N PHE H 63 14.20 -11.49 40.87
CA PHE H 63 13.65 -11.87 39.58
C PHE H 63 14.24 -13.18 39.10
N VAL H 64 15.56 -13.31 39.18
CA VAL H 64 16.17 -14.54 38.69
C VAL H 64 15.76 -15.70 39.57
N ASN H 65 15.58 -15.47 40.87
CA ASN H 65 15.07 -16.53 41.72
C ASN H 65 13.70 -16.97 41.25
N ASP H 66 12.84 -16.00 40.94
CA ASP H 66 11.49 -16.32 40.50
C ASP H 66 11.49 -17.11 39.21
N VAL H 67 12.28 -16.69 38.23
CA VAL H 67 12.26 -17.37 36.95
C VAL H 67 12.91 -18.73 37.08
N PHE H 68 13.90 -18.87 37.95
CA PHE H 68 14.50 -20.18 38.17
C PHE H 68 13.49 -21.12 38.81
N GLU H 69 12.70 -20.62 39.75
CA GLU H 69 11.65 -21.47 40.30
C GLU H 69 10.61 -21.79 39.24
N ARG H 70 10.31 -20.85 38.36
CA ARG H 70 9.41 -21.11 37.24
C ARG H 70 9.89 -22.32 36.46
N ILE H 71 11.12 -22.24 35.96
CA ILE H 71 11.65 -23.30 35.12
C ILE H 71 11.74 -24.60 35.91
N ALA H 72 12.11 -24.51 37.19
CA ALA H 72 12.23 -25.72 38.01
C ALA H 72 10.89 -26.42 38.13
N GLY H 73 9.86 -25.69 38.53
CA GLY H 73 8.55 -26.28 38.65
C GLY H 73 8.05 -26.85 37.33
N GLU H 74 8.25 -26.12 36.25
CA GLU H 74 7.76 -26.60 34.96
C GLU H 74 8.46 -27.88 34.54
N ALA H 75 9.79 -27.91 34.65
CA ALA H 75 10.53 -29.09 34.25
C ALA H 75 10.18 -30.28 35.14
N SER H 76 10.03 -30.04 36.44
CA SER H 76 9.64 -31.12 37.33
C SER H 76 8.26 -31.64 36.97
N ARG H 77 7.33 -30.74 36.65
CA ARG H 77 6.00 -31.15 36.25
C ARG H 77 6.05 -32.02 35.00
N LEU H 78 6.81 -31.57 34.01
CA LEU H 78 6.94 -32.33 32.77
C LEU H 78 7.53 -33.71 33.04
N ALA H 79 8.64 -33.76 33.77
CA ALA H 79 9.28 -35.04 34.05
C ALA H 79 8.34 -35.96 34.81
N HIS H 80 7.56 -35.40 35.73
CA HIS H 80 6.54 -36.18 36.40
C HIS H 80 5.52 -36.72 35.40
N TYR H 81 5.18 -35.91 34.39
CA TYR H 81 4.36 -36.41 33.31
C TYR H 81 5.08 -37.52 32.55
N ASN H 82 6.36 -37.32 32.25
CA ASN H 82 7.17 -38.42 31.75
C ASN H 82 7.43 -39.46 32.83
N LYS H 83 7.03 -39.18 34.07
CA LYS H 83 7.23 -40.10 35.18
C LYS H 83 8.70 -40.47 35.32
N ARG H 84 9.58 -39.57 34.93
CA ARG H 84 11.01 -39.79 34.95
C ARG H 84 11.60 -39.10 36.16
N SER H 85 12.14 -39.88 37.09
CA SER H 85 12.66 -39.32 38.33
C SER H 85 13.91 -38.48 38.12
N THR H 86 14.50 -38.52 36.94
CA THR H 86 15.68 -37.73 36.62
C THR H 86 15.30 -36.51 35.82
N ILE H 87 16.01 -35.40 36.07
CA ILE H 87 15.79 -34.14 35.37
C ILE H 87 17.04 -33.81 34.58
N THR H 88 16.91 -33.76 33.26
CA THR H 88 18.04 -33.56 32.37
C THR H 88 17.87 -32.26 31.59
N SER H 89 18.82 -32.01 30.70
CA SER H 89 18.85 -30.76 29.96
C SER H 89 17.75 -30.68 28.92
N ARG H 90 17.38 -31.81 28.30
CA ARG H 90 16.30 -31.80 27.33
C ARG H 90 15.03 -31.23 27.95
N GLU H 91 14.72 -31.67 29.16
CA GLU H 91 13.63 -31.09 29.91
C GLU H 91 13.77 -29.59 30.01
N ILE H 92 14.98 -29.12 30.29
CA ILE H 92 15.20 -27.70 30.47
C ILE H 92 14.90 -26.96 29.18
N GLN H 93 15.43 -27.46 28.07
CA GLN H 93 15.18 -26.84 26.78
C GLN H 93 13.69 -26.78 26.48
N THR H 94 13.02 -27.92 26.63
CA THR H 94 11.60 -27.98 26.34
C THR H 94 10.84 -26.97 27.18
N ALA H 95 11.14 -26.93 28.48
CA ALA H 95 10.34 -26.12 29.38
C ALA H 95 10.64 -24.64 29.21
N VAL H 96 11.88 -24.28 28.87
CA VAL H 96 12.14 -22.87 28.62
C VAL H 96 11.48 -22.45 27.32
N ARG H 97 11.47 -23.34 26.32
CA ARG H 97 10.71 -23.07 25.12
C ARG H 97 9.26 -22.82 25.47
N LEU H 98 8.72 -23.62 26.37
CA LEU H 98 7.40 -23.33 26.91
C LEU H 98 7.35 -21.96 27.54
N LEU H 99 8.43 -21.57 28.21
CA LEU H 99 8.44 -20.31 28.95
C LEU H 99 8.74 -19.11 28.08
N LEU H 100 9.58 -19.25 27.12
CA LEU H 100 9.97 -17.93 26.66
C LEU H 100 9.17 -17.53 25.43
N PRO H 101 8.88 -16.24 25.29
CA PRO H 101 8.15 -15.79 24.12
C PRO H 101 9.03 -15.83 22.88
N GLY H 102 8.81 -16.86 22.06
CA GLY H 102 9.45 -16.93 20.75
C GLY H 102 10.95 -16.80 20.80
N GLU H 103 11.44 -15.80 20.06
CA GLU H 103 12.84 -15.78 19.63
C GLU H 103 13.82 -15.85 20.80
N LEU H 104 13.46 -15.24 21.93
CA LEU H 104 14.27 -15.32 23.14
C LEU H 104 14.72 -16.76 23.35
N ALA H 105 13.73 -17.64 23.55
CA ALA H 105 14.01 -19.05 23.75
C ALA H 105 15.01 -19.55 22.73
N LYS H 106 14.72 -19.32 21.45
CA LYS H 106 15.64 -19.73 20.39
C LYS H 106 17.05 -19.27 20.72
N HIS H 107 17.24 -17.95 20.78
CA HIS H 107 18.53 -17.43 21.21
C HIS H 107 18.99 -18.16 22.45
N ALA H 108 18.17 -18.11 23.50
CA ALA H 108 18.47 -18.79 24.75
C ALA H 108 19.05 -20.17 24.50
N VAL H 109 18.28 -21.05 23.85
CA VAL H 109 18.67 -22.45 23.82
C VAL H 109 20.05 -22.58 23.21
N SER H 110 20.33 -21.76 22.19
CA SER H 110 21.62 -21.80 21.53
C SER H 110 22.75 -21.72 22.56
N GLU H 111 22.78 -20.62 23.30
CA GLU H 111 23.84 -20.47 24.29
C GLU H 111 23.82 -21.62 25.26
N GLY H 112 22.63 -22.02 25.71
CA GLY H 112 22.53 -23.18 26.57
C GLY H 112 23.23 -24.37 25.96
N THR H 113 22.86 -24.71 24.73
CA THR H 113 23.57 -25.77 24.02
C THR H 113 25.07 -25.51 24.05
N LYS H 114 25.47 -24.31 23.61
CA LYS H 114 26.87 -23.90 23.70
C LYS H 114 27.45 -24.33 25.03
N ALA H 115 26.81 -23.87 26.10
CA ALA H 115 27.26 -24.20 27.45
C ALA H 115 27.55 -25.68 27.58
N VAL H 116 26.52 -26.52 27.37
CA VAL H 116 26.71 -27.94 27.62
C VAL H 116 27.75 -28.49 26.67
N THR H 117 27.76 -28.01 25.43
CA THR H 117 28.83 -28.42 24.52
C THR H 117 30.17 -28.05 25.12
N LYS H 118 30.33 -26.78 25.49
CA LYS H 118 31.55 -26.36 26.17
C LYS H 118 31.79 -27.20 27.40
N TYR H 119 30.74 -27.64 28.08
CA TYR H 119 30.98 -28.49 29.23
C TYR H 119 31.12 -29.96 28.86
N THR H 120 30.46 -30.41 27.79
CA THR H 120 30.68 -31.79 27.39
C THR H 120 32.04 -31.96 26.76
N SER H 121 32.55 -30.92 26.13
CA SER H 121 33.89 -30.93 25.57
C SER H 121 34.97 -30.78 26.65
N ALA H 122 34.60 -30.79 27.92
CA ALA H 122 35.56 -30.70 29.00
C ALA H 122 36.36 -32.00 29.12
N LYS I 38 -5.42 41.86 35.36
CA LYS I 38 -6.48 40.86 35.42
C LYS I 38 -5.94 39.49 35.80
N PRO I 39 -6.65 38.79 36.68
CA PRO I 39 -6.18 37.47 37.11
C PRO I 39 -6.26 36.47 35.96
N HIS I 40 -5.27 35.59 35.91
CA HIS I 40 -5.22 34.54 34.90
C HIS I 40 -5.57 33.19 35.53
N ARG I 41 -6.33 32.39 34.79
CA ARG I 41 -6.64 31.02 35.19
C ARG I 41 -6.52 30.14 33.95
N TYR I 42 -5.68 29.12 34.05
CA TYR I 42 -5.54 28.18 32.95
C TYR I 42 -6.87 27.48 32.68
N ARG I 43 -7.05 27.06 31.44
CA ARG I 43 -8.27 26.36 31.07
C ARG I 43 -8.34 25.02 31.81
N PRO I 44 -9.53 24.46 31.97
CA PRO I 44 -9.66 23.23 32.77
C PRO I 44 -8.85 22.09 32.18
N GLY I 45 -8.46 21.17 33.06
CA GLY I 45 -7.69 20.02 32.64
C GLY I 45 -6.23 20.33 32.43
N THR I 46 -5.95 21.49 31.83
CA THR I 46 -4.58 21.87 31.49
C THR I 46 -3.64 21.68 32.66
N VAL I 47 -3.99 22.27 33.82
CA VAL I 47 -3.19 22.06 35.01
C VAL I 47 -3.18 20.59 35.40
N ALA I 48 -4.35 19.96 35.39
CA ALA I 48 -4.41 18.52 35.64
C ALA I 48 -3.65 17.75 34.58
N LEU I 49 -3.65 18.23 33.34
CA LEU I 49 -2.87 17.58 32.29
C LEU I 49 -1.40 17.58 32.64
N ARG I 50 -0.88 18.75 33.04
CA ARG I 50 0.51 18.83 33.45
C ARG I 50 0.77 17.97 34.67
N GLU I 51 -0.22 17.86 35.55
CA GLU I 51 -0.09 16.98 36.70
C GLU I 51 0.08 15.53 36.25
N ILE I 52 -0.74 15.11 35.29
CA ILE I 52 -0.59 13.78 34.70
C ILE I 52 0.81 13.62 34.15
N ARG I 53 1.28 14.62 33.42
CA ARG I 53 2.58 14.52 32.78
C ARG I 53 3.69 14.35 33.81
N ARG I 54 3.66 15.16 34.87
CA ARG I 54 4.70 15.06 35.88
C ARG I 54 4.56 13.81 36.72
N TYR I 55 3.35 13.26 36.83
CA TYR I 55 3.19 12.05 37.62
C TYR I 55 3.66 10.83 36.85
N GLN I 56 3.39 10.79 35.55
CA GLN I 56 4.06 9.81 34.71
C GLN I 56 5.57 10.08 34.70
N LYS I 57 5.97 11.33 34.92
CA LYS I 57 7.38 11.64 35.07
C LYS I 57 7.91 11.12 36.40
N SER I 58 7.23 11.45 37.49
CA SER I 58 7.67 10.97 38.80
C SER I 58 7.40 9.48 38.94
N THR I 59 7.98 8.90 39.99
CA THR I 59 7.83 7.46 40.28
C THR I 59 7.51 7.16 41.73
N GLU I 60 7.76 8.06 42.66
CA GLU I 60 7.56 7.84 44.08
C GLU I 60 6.07 7.67 44.39
N LEU I 61 5.78 7.40 45.65
CA LEU I 61 4.41 7.20 46.10
C LEU I 61 3.63 8.51 46.04
N LEU I 62 2.31 8.38 46.03
CA LEU I 62 1.43 9.55 46.07
C LEU I 62 0.46 9.46 47.24
N ILE I 63 0.75 8.61 48.22
CA ILE I 63 -0.09 8.44 49.40
C ILE I 63 0.73 8.75 50.64
N ARG I 64 0.15 9.50 51.56
CA ARG I 64 0.81 9.78 52.82
C ARG I 64 0.99 8.50 53.62
N LYS I 65 2.18 8.32 54.18
CA LYS I 65 2.55 7.04 54.77
C LYS I 65 1.67 6.70 55.96
N LEU I 66 1.67 7.57 56.97
CA LEU I 66 0.96 7.29 58.21
C LEU I 66 -0.51 6.97 58.01
N PRO I 67 -1.29 7.70 57.22
CA PRO I 67 -2.70 7.31 57.04
C PRO I 67 -2.84 5.92 56.49
N PHE I 68 -2.04 5.58 55.47
CA PHE I 68 -2.08 4.25 54.92
C PHE I 68 -1.76 3.21 55.98
N GLN I 69 -0.73 3.46 56.79
CA GLN I 69 -0.35 2.50 57.81
C GLN I 69 -1.46 2.30 58.83
N ARG I 70 -2.07 3.40 59.26
CA ARG I 70 -3.18 3.31 60.20
C ARG I 70 -4.31 2.49 59.61
N LEU I 71 -4.60 2.71 58.34
CA LEU I 71 -5.64 1.92 57.67
C LEU I 71 -5.27 0.45 57.68
N VAL I 72 -4.01 0.13 57.38
CA VAL I 72 -3.60 -1.26 57.34
C VAL I 72 -3.78 -1.91 58.71
N ARG I 73 -3.35 -1.22 59.76
CA ARG I 73 -3.46 -1.80 61.10
C ARG I 73 -4.93 -1.95 61.50
N GLU I 74 -5.76 -0.99 61.12
CA GLU I 74 -7.19 -1.11 61.34
C GLU I 74 -7.75 -2.35 60.67
N ILE I 75 -7.33 -2.60 59.43
CA ILE I 75 -7.79 -3.79 58.74
C ILE I 75 -7.27 -5.04 59.44
N ALA I 76 -6.05 -4.96 59.96
CA ALA I 76 -5.42 -6.12 60.58
C ALA I 76 -6.18 -6.55 61.83
N GLN I 77 -6.49 -5.59 62.71
CA GLN I 77 -7.17 -5.94 63.95
C GLN I 77 -8.49 -6.65 63.69
N ASP I 78 -9.06 -6.50 62.49
CA ASP I 78 -10.28 -7.22 62.16
C ASP I 78 -10.05 -8.71 62.17
N PHE I 79 -8.94 -9.16 61.62
CA PHE I 79 -8.64 -10.59 61.59
C PHE I 79 -7.90 -11.04 62.83
N LYS I 80 -6.97 -10.22 63.32
CA LYS I 80 -6.38 -10.47 64.63
C LYS I 80 -5.80 -9.17 65.15
N THR I 81 -6.01 -8.92 66.43
CA THR I 81 -5.60 -7.68 67.07
C THR I 81 -4.17 -7.77 67.57
N ASP I 82 -3.52 -6.59 67.65
CA ASP I 82 -2.17 -6.43 68.16
C ASP I 82 -1.18 -7.30 67.38
N LEU I 83 -1.03 -6.95 66.10
CA LEU I 83 -0.08 -7.59 65.22
C LEU I 83 0.90 -6.54 64.72
N ARG I 84 2.18 -6.87 64.71
CA ARG I 84 3.21 -5.92 64.33
C ARG I 84 3.58 -6.09 62.86
N PHE I 85 4.37 -5.16 62.35
CA PHE I 85 4.64 -5.13 60.92
C PHE I 85 6.04 -4.61 60.66
N GLN I 86 6.59 -4.99 59.51
CA GLN I 86 7.80 -4.36 59.02
C GLN I 86 7.47 -3.10 58.26
N SER I 87 8.26 -2.05 58.48
CA SER I 87 8.16 -0.88 57.64
C SER I 87 8.35 -1.25 56.18
N SER I 88 9.30 -2.15 55.91
CA SER I 88 9.44 -2.69 54.57
C SER I 88 8.15 -3.37 54.13
N ALA I 89 7.53 -4.15 55.02
CA ALA I 89 6.30 -4.85 54.68
C ALA I 89 5.22 -3.87 54.27
N VAL I 90 4.99 -2.85 55.10
CA VAL I 90 3.91 -1.92 54.81
C VAL I 90 4.24 -1.04 53.62
N MET I 91 5.52 -0.71 53.43
CA MET I 91 5.92 -0.03 52.20
C MET I 91 5.56 -0.87 50.98
N ALA I 92 5.80 -2.18 51.06
CA ALA I 92 5.40 -3.07 49.98
C ALA I 92 3.89 -3.05 49.79
N LEU I 93 3.15 -3.12 50.90
CA LEU I 93 1.70 -3.07 50.81
C LEU I 93 1.25 -1.84 50.04
N GLN I 94 1.72 -0.68 50.45
CA GLN I 94 1.26 0.56 49.85
C GLN I 94 1.70 0.67 48.40
N GLU I 95 2.93 0.27 48.10
CA GLU I 95 3.39 0.32 46.71
C GLU I 95 2.55 -0.57 45.83
N ALA I 96 2.38 -1.84 46.23
CA ALA I 96 1.60 -2.78 45.43
C ALA I 96 0.16 -2.33 45.28
N SER I 97 -0.43 -1.84 46.37
CA SER I 97 -1.77 -1.28 46.28
C SER I 97 -1.80 -0.20 45.21
N GLU I 98 -1.05 0.88 45.43
CA GLU I 98 -1.06 2.00 44.50
C GLU I 98 -0.82 1.55 43.07
N ALA I 99 -0.02 0.51 42.87
CA ALA I 99 0.17 -0.03 41.54
C ALA I 99 -1.14 -0.57 40.99
N TYR I 100 -1.78 -1.46 41.75
CA TYR I 100 -3.08 -1.97 41.34
C TYR I 100 -4.05 -0.83 41.10
N LEU I 101 -3.94 0.24 41.88
CA LEU I 101 -4.90 1.33 41.82
C LEU I 101 -4.70 2.15 40.57
N VAL I 102 -3.46 2.43 40.21
CA VAL I 102 -3.20 3.19 39.00
C VAL I 102 -3.51 2.34 37.79
N ALA I 103 -3.34 1.01 37.89
CA ALA I 103 -3.76 0.15 36.80
C ALA I 103 -5.27 0.22 36.61
N LEU I 104 -6.01 0.18 37.72
CA LEU I 104 -7.45 0.31 37.65
C LEU I 104 -7.85 1.65 37.08
N PHE I 105 -7.24 2.72 37.56
CA PHE I 105 -7.52 4.04 37.01
C PHE I 105 -7.19 4.09 35.52
N GLU I 106 -6.12 3.41 35.11
CA GLU I 106 -5.68 3.43 33.73
C GLU I 106 -6.72 2.79 32.84
N ASP I 107 -7.03 1.52 33.09
CA ASP I 107 -7.96 0.84 32.22
C ASP I 107 -9.38 1.38 32.37
N THR I 108 -9.71 1.99 33.50
CA THR I 108 -11.01 2.66 33.57
C THR I 108 -11.02 3.92 32.72
N ASN I 109 -9.90 4.65 32.69
CA ASN I 109 -9.73 5.72 31.73
C ASN I 109 -9.95 5.20 30.32
N LEU I 110 -9.33 4.07 29.99
CA LEU I 110 -9.48 3.49 28.67
C LEU I 110 -10.95 3.19 28.36
N CYS I 111 -11.62 2.53 29.31
CA CYS I 111 -13.02 2.23 29.15
C CYS I 111 -13.85 3.49 28.92
N ALA I 112 -13.56 4.54 29.70
CA ALA I 112 -14.26 5.80 29.52
C ALA I 112 -14.00 6.39 28.16
N ILE I 113 -12.80 6.15 27.61
CA ILE I 113 -12.57 6.47 26.20
C ILE I 113 -13.57 5.72 25.35
N HIS I 114 -13.70 4.42 25.57
CA HIS I 114 -14.75 3.67 24.90
C HIS I 114 -16.13 4.16 25.30
N ALA I 115 -16.25 4.82 26.45
CA ALA I 115 -17.48 5.49 26.82
C ALA I 115 -17.57 6.89 26.25
N LYS I 116 -16.55 7.32 25.50
CA LYS I 116 -16.55 8.59 24.76
C LYS I 116 -16.67 9.79 25.69
N ARG I 117 -16.33 9.61 26.95
CA ARG I 117 -16.38 10.69 27.93
C ARG I 117 -14.99 10.92 28.50
N VAL I 118 -14.74 12.15 28.94
CA VAL I 118 -13.52 12.45 29.69
C VAL I 118 -13.78 12.42 31.19
N THR I 119 -15.04 12.48 31.61
CA THR I 119 -15.41 12.28 33.01
C THR I 119 -15.52 10.80 33.29
N ILE I 120 -15.20 10.41 34.52
CA ILE I 120 -15.27 9.01 34.90
C ILE I 120 -16.61 8.72 35.57
N MET I 121 -17.06 7.48 35.45
CA MET I 121 -18.32 7.04 36.02
C MET I 121 -18.07 5.79 36.85
N PRO I 122 -18.73 5.67 38.01
CA PRO I 122 -18.48 4.50 38.86
C PRO I 122 -18.71 3.19 38.13
N LYS I 123 -19.73 3.14 37.29
CA LYS I 123 -20.01 1.94 36.51
C LYS I 123 -18.81 1.52 35.69
N ASP I 124 -18.02 2.48 35.21
CA ASP I 124 -16.80 2.13 34.50
C ASP I 124 -15.90 1.28 35.39
N ILE I 125 -15.68 1.72 36.63
CA ILE I 125 -14.82 0.97 37.53
C ILE I 125 -15.42 -0.39 37.82
N GLN I 126 -16.73 -0.42 38.09
CA GLN I 126 -17.37 -1.68 38.44
C GLN I 126 -17.22 -2.69 37.31
N LEU I 127 -17.59 -2.28 36.10
CA LEU I 127 -17.48 -3.19 34.95
C LEU I 127 -16.04 -3.52 34.63
N ALA I 128 -15.11 -2.61 34.93
CA ALA I 128 -13.71 -2.93 34.72
C ALA I 128 -13.30 -4.08 35.62
N ARG I 129 -13.63 -3.98 36.91
CA ARG I 129 -13.42 -5.11 37.82
C ARG I 129 -14.13 -6.35 37.30
N ARG I 130 -15.32 -6.16 36.74
CA ARG I 130 -16.07 -7.26 36.15
C ARG I 130 -15.24 -7.97 35.08
N ILE I 131 -14.65 -7.20 34.18
CA ILE I 131 -13.77 -7.79 33.18
C ILE I 131 -12.49 -8.26 33.83
N ARG I 132 -12.05 -7.58 34.87
CA ARG I 132 -10.92 -8.05 35.64
C ARG I 132 -11.25 -9.24 36.49
N GLY I 133 -12.42 -9.85 36.29
CA GLY I 133 -12.81 -10.99 37.08
C GLY I 133 -12.97 -10.71 38.54
N GLU I 134 -13.09 -9.45 38.92
CA GLU I 134 -13.18 -9.05 40.32
C GLU I 134 -14.61 -8.98 40.82
N ARG I 135 -15.53 -9.66 40.14
CA ARG I 135 -16.93 -9.67 40.56
C ARG I 135 -17.44 -11.10 40.74
N LYS J 21 -5.72 0.61 72.41
CA LYS J 21 -5.52 1.40 71.19
C LYS J 21 -6.29 0.78 70.03
N VAL J 22 -7.57 1.11 69.95
CA VAL J 22 -8.46 0.59 68.92
C VAL J 22 -8.58 1.62 67.81
N LEU J 23 -8.23 1.23 66.60
CA LEU J 23 -8.19 2.12 65.45
C LEU J 23 -9.52 2.10 64.69
N ARG J 24 -9.71 3.10 63.83
CA ARG J 24 -10.94 3.24 63.08
C ARG J 24 -10.78 4.33 62.03
N ASP J 25 -11.64 4.27 61.02
CA ASP J 25 -11.90 5.34 60.03
C ASP J 25 -10.63 5.93 59.43
N ASN J 26 -9.57 5.14 59.32
CA ASN J 26 -8.42 5.62 58.56
C ASN J 26 -8.62 5.50 57.07
N ILE J 27 -9.70 4.86 56.64
CA ILE J 27 -10.01 4.76 55.21
C ILE J 27 -10.21 6.14 54.62
N GLN J 28 -10.95 7.00 55.32
CA GLN J 28 -11.10 8.36 54.84
C GLN J 28 -9.82 9.17 55.05
N GLY J 29 -8.89 8.66 55.85
CA GLY J 29 -7.56 9.22 55.89
C GLY J 29 -6.91 9.30 54.52
N ILE J 30 -7.41 8.50 53.57
CA ILE J 30 -7.01 8.64 52.18
C ILE J 30 -7.61 9.94 51.65
N THR J 31 -6.76 10.90 51.32
CA THR J 31 -7.22 12.19 50.84
C THR J 31 -7.66 12.12 49.40
N LYS J 32 -8.75 12.82 49.08
CA LYS J 32 -9.12 13.00 47.69
C LYS J 32 -7.98 13.56 46.85
N PRO J 33 -7.18 14.52 47.33
CA PRO J 33 -5.98 14.88 46.55
C PRO J 33 -5.06 13.71 46.29
N ALA J 34 -4.91 12.80 47.25
CA ALA J 34 -4.09 11.63 46.99
C ALA J 34 -4.71 10.78 45.89
N ILE J 35 -6.02 10.58 45.95
CA ILE J 35 -6.70 9.76 44.95
C ILE J 35 -6.52 10.37 43.57
N ARG J 36 -6.72 11.68 43.46
CA ARG J 36 -6.58 12.31 42.16
C ARG J 36 -5.12 12.34 41.71
N ARG J 37 -4.18 12.36 42.65
CA ARG J 37 -2.77 12.23 42.28
C ARG J 37 -2.54 10.87 41.63
N LEU J 38 -3.04 9.82 42.27
CA LEU J 38 -2.90 8.48 41.68
C LEU J 38 -3.58 8.42 40.33
N ALA J 39 -4.72 9.08 40.20
CA ALA J 39 -5.45 9.06 38.93
C ALA J 39 -4.65 9.74 37.83
N ARG J 40 -4.11 10.92 38.14
CA ARG J 40 -3.25 11.61 37.18
C ARG J 40 -2.06 10.74 36.80
N ARG J 41 -1.49 10.03 37.77
CA ARG J 41 -0.45 9.08 37.44
C ARG J 41 -0.96 8.03 36.46
N GLY J 42 -2.18 7.56 36.68
CA GLY J 42 -2.84 6.68 35.73
C GLY J 42 -3.26 7.36 34.45
N GLY J 43 -3.06 8.66 34.35
CA GLY J 43 -3.37 9.36 33.13
C GLY J 43 -4.85 9.62 32.97
N VAL J 44 -5.46 10.25 33.96
CA VAL J 44 -6.88 10.54 33.97
C VAL J 44 -7.07 12.05 34.04
N LYS J 45 -7.99 12.57 33.24
CA LYS J 45 -8.23 14.01 33.20
C LYS J 45 -9.38 14.44 34.10
N ARG J 46 -10.59 13.96 33.82
CA ARG J 46 -11.77 14.38 34.57
C ARG J 46 -12.31 13.23 35.40
N ILE J 47 -12.65 13.53 36.64
CA ILE J 47 -13.05 12.55 37.63
C ILE J 47 -14.31 13.04 38.32
N SER J 48 -15.12 12.10 38.77
CA SER J 48 -16.30 12.44 39.55
C SER J 48 -16.04 12.20 41.03
N GLY J 49 -16.90 12.76 41.86
CA GLY J 49 -16.76 12.57 43.29
C GLY J 49 -17.08 11.16 43.72
N LEU J 50 -18.18 10.60 43.19
CA LEU J 50 -18.69 9.30 43.58
C LEU J 50 -17.62 8.22 43.57
N ILE J 51 -16.48 8.49 42.94
CA ILE J 51 -15.45 7.47 42.79
C ILE J 51 -14.74 7.25 44.10
N TYR J 52 -14.34 8.33 44.76
CA TYR J 52 -13.27 8.25 45.75
C TYR J 52 -13.58 7.22 46.83
N GLU J 53 -14.66 7.44 47.57
CA GLU J 53 -15.10 6.49 48.58
C GLU J 53 -15.25 5.11 47.97
N GLU J 54 -15.94 5.02 46.83
CA GLU J 54 -16.00 3.77 46.07
C GLU J 54 -14.60 3.21 45.90
N THR J 55 -13.72 4.02 45.32
CA THR J 55 -12.31 3.69 45.23
C THR J 55 -11.82 3.12 46.56
N ARG J 56 -11.95 3.93 47.62
CA ARG J 56 -11.53 3.52 48.95
C ARG J 56 -12.00 2.13 49.26
N GLY J 57 -13.30 1.88 49.09
CA GLY J 57 -13.87 0.58 49.35
C GLY J 57 -13.06 -0.51 48.70
N VAL J 58 -12.94 -0.42 47.37
CA VAL J 58 -12.14 -1.35 46.59
C VAL J 58 -10.79 -1.54 47.25
N LEU J 59 -10.11 -0.42 47.51
CA LEU J 59 -8.82 -0.42 48.18
C LEU J 59 -8.90 -1.34 49.38
N LYS J 60 -9.78 -0.99 50.32
CA LYS J 60 -10.04 -1.81 51.48
C LYS J 60 -10.21 -3.27 51.07
N VAL J 61 -11.23 -3.53 50.25
CA VAL J 61 -11.50 -4.89 49.80
C VAL J 61 -10.21 -5.55 49.34
N PHE J 62 -9.48 -4.85 48.46
CA PHE J 62 -8.22 -5.39 47.95
C PHE J 62 -7.34 -5.81 49.11
N LEU J 63 -6.93 -4.84 49.92
CA LEU J 63 -6.07 -5.16 51.05
C LEU J 63 -6.77 -6.09 52.02
N GLU J 64 -8.11 -6.00 52.09
CA GLU J 64 -8.90 -6.93 52.88
C GLU J 64 -8.36 -8.34 52.78
N ASN J 65 -7.99 -8.76 51.58
CA ASN J 65 -7.47 -10.11 51.46
C ASN J 65 -6.06 -10.18 52.04
N VAL J 66 -5.15 -9.42 51.45
CA VAL J 66 -3.73 -9.76 51.53
C VAL J 66 -3.26 -9.82 52.97
N ILE J 67 -3.54 -8.76 53.74
CA ILE J 67 -3.10 -8.71 55.13
C ILE J 67 -3.49 -9.98 55.85
N ARG J 68 -4.77 -10.33 55.78
CA ARG J 68 -5.25 -11.56 56.39
C ARG J 68 -4.41 -12.73 55.94
N ASP J 69 -4.37 -12.96 54.63
CA ASP J 69 -3.52 -14.02 54.11
C ASP J 69 -2.10 -13.84 54.61
N ALA J 70 -1.60 -12.61 54.56
CA ALA J 70 -0.27 -12.32 55.07
C ALA J 70 -0.14 -12.79 56.51
N VAL J 71 -1.05 -12.32 57.38
CA VAL J 71 -0.92 -12.72 58.77
C VAL J 71 -1.21 -14.20 58.90
N THR J 72 -1.98 -14.75 57.97
CA THR J 72 -2.13 -16.20 57.88
C THR J 72 -0.76 -16.85 57.81
N TYR J 73 0.08 -16.39 56.88
CA TYR J 73 1.48 -16.77 56.90
C TYR J 73 2.06 -16.59 58.29
N THR J 74 1.96 -15.36 58.80
CA THR J 74 2.41 -15.09 60.15
C THR J 74 1.71 -16.00 61.15
N GLU J 75 0.44 -16.32 60.88
CA GLU J 75 -0.23 -17.37 61.63
C GLU J 75 0.63 -18.61 61.71
N HIS J 76 0.95 -19.18 60.56
CA HIS J 76 1.79 -20.37 60.61
C HIS J 76 3.20 -20.02 61.05
N ALA J 77 3.62 -18.77 60.85
CA ALA J 77 4.93 -18.37 61.31
C ALA J 77 5.02 -18.30 62.83
N LYS J 78 3.89 -18.36 63.53
CA LYS J 78 3.85 -18.34 64.99
C LYS J 78 4.54 -17.10 65.56
N ARG J 79 4.40 -15.97 64.86
CA ARG J 79 5.08 -14.75 65.27
C ARG J 79 4.07 -13.62 65.45
N LYS J 80 4.49 -12.61 66.20
CA LYS J 80 3.63 -11.46 66.50
C LYS J 80 3.81 -10.32 65.51
N THR J 81 5.00 -10.15 64.95
CA THR J 81 5.20 -9.13 63.94
C THR J 81 4.95 -9.72 62.56
N VAL J 82 4.56 -8.85 61.64
CA VAL J 82 4.27 -9.26 60.26
C VAL J 82 5.38 -8.74 59.36
N THR J 83 5.81 -9.59 58.44
CA THR J 83 6.99 -9.31 57.61
C THR J 83 6.57 -9.10 56.16
N ALA J 84 7.52 -8.59 55.38
CA ALA J 84 7.27 -8.38 53.96
C ALA J 84 7.08 -9.70 53.24
N MET J 85 7.97 -10.66 53.49
CA MET J 85 7.89 -11.95 52.79
C MET J 85 6.50 -12.55 52.88
N ASP J 86 5.75 -12.23 53.94
CA ASP J 86 4.35 -12.59 54.01
C ASP J 86 3.59 -12.08 52.79
N VAL J 87 3.58 -10.77 52.59
CA VAL J 87 2.82 -10.21 51.48
C VAL J 87 3.44 -10.63 50.16
N VAL J 88 4.74 -10.86 50.15
CA VAL J 88 5.38 -11.40 48.96
C VAL J 88 4.70 -12.68 48.54
N TYR J 89 4.65 -13.65 49.45
CA TYR J 89 4.03 -14.93 49.13
C TYR J 89 2.53 -14.79 48.91
N ALA J 90 1.92 -13.77 49.51
CA ALA J 90 0.50 -13.53 49.27
C ALA J 90 0.26 -13.09 47.84
N LEU J 91 0.86 -11.98 47.45
CA LEU J 91 0.78 -11.47 46.08
C LEU J 91 1.18 -12.54 45.08
N LYS J 92 2.16 -13.36 45.44
CA LYS J 92 2.48 -14.54 44.65
C LYS J 92 1.26 -15.43 44.53
N ARG J 93 0.72 -15.87 45.66
CA ARG J 93 -0.52 -16.64 45.67
C ARG J 93 -1.67 -15.84 45.12
N GLN J 94 -1.62 -14.52 45.26
CA GLN J 94 -2.60 -13.66 44.62
C GLN J 94 -2.25 -13.35 43.19
N GLY J 95 -1.22 -13.99 42.64
CA GLY J 95 -0.84 -13.77 41.25
C GLY J 95 -0.49 -12.34 40.95
N ARG J 96 0.01 -11.60 41.93
CA ARG J 96 0.38 -10.20 41.74
C ARG J 96 1.76 -9.97 42.32
N THR J 97 2.68 -10.89 42.03
CA THR J 97 3.98 -10.92 42.69
C THR J 97 4.73 -9.61 42.52
N LEU J 98 5.62 -9.35 43.46
CA LEU J 98 6.39 -8.12 43.54
C LEU J 98 7.85 -8.46 43.78
N TYR J 99 8.74 -7.57 43.37
CA TYR J 99 10.16 -7.79 43.53
C TYR J 99 10.75 -6.79 44.51
N GLY J 100 11.98 -7.09 44.95
CA GLY J 100 12.75 -6.17 45.75
C GLY J 100 12.63 -6.34 47.24
N PHE J 101 12.22 -7.50 47.73
CA PHE J 101 12.08 -7.69 49.16
C PHE J 101 12.53 -9.06 49.60
N GLY J 102 13.52 -9.62 48.91
CA GLY J 102 14.01 -10.96 49.24
C GLY J 102 13.20 -12.02 48.52
N ALA K 12 -2.92 -60.66 63.59
CA ALA K 12 -3.18 -59.22 63.54
C ALA K 12 -3.98 -58.86 62.29
N LYS K 13 -5.29 -58.69 62.46
CA LYS K 13 -6.14 -58.31 61.35
C LYS K 13 -5.81 -56.90 60.88
N ALA K 14 -5.84 -56.69 59.57
CA ALA K 14 -5.50 -55.41 58.96
C ALA K 14 -6.77 -54.69 58.56
N LYS K 15 -7.07 -53.59 59.23
CA LYS K 15 -8.16 -52.70 58.86
C LYS K 15 -7.58 -51.43 58.24
N THR K 16 -8.34 -50.84 57.32
CA THR K 16 -7.88 -49.63 56.66
C THR K 16 -7.83 -48.46 57.64
N ARG K 17 -6.84 -47.60 57.45
CA ARG K 17 -6.70 -46.44 58.32
C ARG K 17 -7.88 -45.49 58.16
N SER K 18 -8.52 -45.49 56.99
CA SER K 18 -9.69 -44.66 56.81
C SER K 18 -10.86 -45.14 57.67
N SER K 19 -10.93 -46.43 57.94
CA SER K 19 -11.93 -46.95 58.87
C SER K 19 -11.74 -46.33 60.25
N ARG K 20 -10.52 -46.38 60.76
CA ARG K 20 -10.22 -45.72 62.03
C ARG K 20 -10.44 -44.22 61.93
N ALA K 21 -10.30 -43.67 60.73
CA ALA K 21 -10.74 -42.31 60.47
C ALA K 21 -12.23 -42.24 60.17
N GLY K 22 -12.87 -43.37 59.92
CA GLY K 22 -14.30 -43.37 59.64
C GLY K 22 -14.66 -42.63 58.38
N LEU K 23 -13.84 -42.74 57.34
CA LEU K 23 -14.05 -42.02 56.10
C LEU K 23 -14.15 -43.00 54.94
N GLN K 24 -14.43 -42.45 53.76
CA GLN K 24 -14.68 -43.26 52.58
C GLN K 24 -13.55 -43.22 51.57
N PHE K 25 -12.74 -42.17 51.59
CA PHE K 25 -11.74 -42.22 50.53
C PHE K 25 -10.49 -42.93 51.03
N PRO K 26 -9.82 -43.69 50.17
CA PRO K 26 -8.70 -44.51 50.64
C PRO K 26 -7.50 -43.68 51.02
N VAL K 27 -7.30 -43.49 52.33
CA VAL K 27 -6.19 -42.69 52.82
C VAL K 27 -4.86 -43.34 52.47
N GLY K 28 -4.84 -44.67 52.29
CA GLY K 28 -3.63 -45.31 51.84
C GLY K 28 -3.21 -44.83 50.46
N ARG K 29 -4.16 -44.86 49.51
CA ARG K 29 -3.89 -44.30 48.20
C ARG K 29 -3.51 -42.84 48.30
N VAL K 30 -4.16 -42.10 49.19
CA VAL K 30 -3.81 -40.70 49.43
C VAL K 30 -2.33 -40.57 49.74
N HIS K 31 -1.91 -41.19 50.84
CA HIS K 31 -0.53 -41.07 51.29
C HIS K 31 0.43 -41.59 50.23
N ARG K 32 -0.01 -42.57 49.43
CA ARG K 32 0.82 -43.05 48.34
C ARG K 32 1.08 -41.94 47.34
N LEU K 33 0.00 -41.31 46.85
CA LEU K 33 0.17 -40.17 45.95
C LEU K 33 0.99 -39.07 46.60
N LEU K 34 0.86 -38.92 47.92
CA LEU K 34 1.60 -37.88 48.63
C LEU K 34 3.10 -38.13 48.55
N ARG K 35 3.53 -39.32 48.98
CA ARG K 35 4.95 -39.66 48.91
C ARG K 35 5.43 -39.63 47.47
N LYS K 36 4.61 -40.13 46.54
CA LYS K 36 4.96 -40.10 45.13
C LYS K 36 4.80 -38.71 44.52
N GLY K 37 4.33 -37.73 45.29
CA GLY K 37 4.13 -36.41 44.73
C GLY K 37 5.28 -35.46 44.87
N ASN K 38 6.33 -35.83 45.61
CA ASN K 38 7.52 -35.00 45.75
C ASN K 38 7.17 -33.64 46.37
N TYR K 39 6.42 -33.68 47.46
CA TYR K 39 6.06 -32.46 48.16
C TYR K 39 6.90 -32.23 49.41
N ALA K 40 7.21 -33.28 50.16
CA ALA K 40 8.05 -33.17 51.34
C ALA K 40 8.87 -34.44 51.46
N GLU K 41 9.88 -34.38 52.34
CA GLU K 41 10.73 -35.54 52.55
C GLU K 41 9.99 -36.61 53.32
N ARG K 42 9.02 -36.23 54.13
CA ARG K 42 8.23 -37.18 54.89
C ARG K 42 6.91 -36.54 55.31
N VAL K 43 5.84 -37.21 54.96
CA VAL K 43 4.51 -36.69 55.16
C VAL K 43 4.08 -36.91 56.60
N GLY K 44 3.42 -35.93 57.20
CA GLY K 44 2.85 -36.14 58.51
C GLY K 44 1.84 -37.27 58.52
N ALA K 45 1.62 -37.83 59.71
CA ALA K 45 0.74 -38.99 59.81
C ALA K 45 -0.71 -38.61 59.50
N GLY K 46 -1.26 -37.66 60.25
CA GLY K 46 -2.64 -37.26 60.08
C GLY K 46 -2.91 -36.27 58.98
N ALA K 47 -1.87 -35.83 58.27
CA ALA K 47 -2.09 -34.88 57.18
C ALA K 47 -2.90 -35.49 56.05
N PRO K 48 -2.57 -36.68 55.53
CA PRO K 48 -3.47 -37.27 54.51
C PRO K 48 -4.87 -37.43 55.04
N VAL K 49 -5.00 -37.81 56.31
CA VAL K 49 -6.31 -37.95 56.93
C VAL K 49 -7.08 -36.65 56.82
N TYR K 50 -6.46 -35.55 57.26
CA TYR K 50 -7.14 -34.26 57.27
C TYR K 50 -7.54 -33.86 55.86
N LEU K 51 -6.61 -33.94 54.93
CA LEU K 51 -6.90 -33.46 53.58
C LEU K 51 -7.96 -34.34 52.91
N ALA K 52 -7.91 -35.65 53.17
CA ALA K 52 -8.94 -36.52 52.64
C ALA K 52 -10.29 -36.21 53.24
N ALA K 53 -10.32 -35.84 54.52
CA ALA K 53 -11.58 -35.43 55.12
C ALA K 53 -12.13 -34.19 54.45
N VAL K 54 -11.27 -33.21 54.23
CA VAL K 54 -11.68 -32.02 53.48
C VAL K 54 -12.23 -32.42 52.12
N LEU K 55 -11.54 -33.35 51.45
CA LEU K 55 -11.96 -33.77 50.13
C LEU K 55 -13.34 -34.41 50.18
N GLU K 56 -13.55 -35.30 51.15
CA GLU K 56 -14.84 -35.95 51.29
C GLU K 56 -15.93 -34.93 51.54
N TYR K 57 -15.65 -33.93 52.38
CA TYR K 57 -16.65 -32.93 52.71
C TYR K 57 -17.05 -32.12 51.48
N LEU K 58 -16.05 -31.64 50.74
CA LEU K 58 -16.36 -30.83 49.57
C LEU K 58 -17.05 -31.66 48.49
N THR K 59 -16.67 -32.93 48.36
CA THR K 59 -17.36 -33.80 47.43
C THR K 59 -18.81 -33.97 47.85
N ALA K 60 -19.04 -34.13 49.15
CA ALA K 60 -20.40 -34.19 49.65
C ALA K 60 -21.18 -32.95 49.23
N GLU K 61 -20.58 -31.78 49.42
CA GLU K 61 -21.25 -30.53 49.08
C GLU K 61 -21.62 -30.51 47.60
N ILE K 62 -20.66 -30.82 46.74
CA ILE K 62 -20.89 -30.69 45.31
C ILE K 62 -21.90 -31.72 44.83
N LEU K 63 -21.79 -32.95 45.33
CA LEU K 63 -22.74 -33.99 44.94
C LEU K 63 -24.13 -33.67 45.43
N GLU K 64 -24.24 -33.09 46.62
CA GLU K 64 -25.54 -32.70 47.12
C GLU K 64 -26.17 -31.64 46.23
N LEU K 65 -25.40 -30.61 45.88
CA LEU K 65 -25.90 -29.60 44.97
C LEU K 65 -26.34 -30.22 43.66
N ALA K 66 -25.55 -31.17 43.16
CA ALA K 66 -25.88 -31.83 41.89
C ALA K 66 -27.19 -32.59 42.01
N GLY K 67 -27.38 -33.31 43.11
CA GLY K 67 -28.63 -34.04 43.29
C GLY K 67 -29.81 -33.11 43.40
N ASN K 68 -29.62 -31.98 44.09
CA ASN K 68 -30.66 -30.96 44.13
C ASN K 68 -31.07 -30.57 42.73
N ALA K 69 -30.09 -30.18 41.91
CA ALA K 69 -30.38 -29.73 40.56
C ALA K 69 -31.09 -30.82 39.76
N ALA K 70 -30.57 -32.05 39.82
CA ALA K 70 -31.12 -33.12 39.00
C ALA K 70 -32.57 -33.42 39.39
N ARG K 71 -32.84 -33.50 40.69
CA ARG K 71 -34.21 -33.75 41.12
C ARG K 71 -35.11 -32.58 40.78
N ASP K 72 -34.57 -31.35 40.81
CA ASP K 72 -35.33 -30.21 40.33
C ASP K 72 -35.71 -30.40 38.87
N ASN K 73 -34.78 -30.92 38.07
CA ASN K 73 -35.04 -31.22 36.68
C ASN K 73 -35.71 -32.56 36.49
N LYS K 74 -36.20 -33.16 37.59
CA LYS K 74 -36.85 -34.46 37.55
C LYS K 74 -35.94 -35.50 36.87
N LYS K 75 -34.72 -35.58 37.38
CA LYS K 75 -33.71 -36.45 36.78
C LYS K 75 -33.00 -37.22 37.86
N THR K 76 -32.89 -38.54 37.66
CA THR K 76 -32.14 -39.39 38.58
C THR K 76 -30.67 -39.42 38.20
N ARG K 77 -30.38 -39.82 36.96
CA ARG K 77 -29.03 -39.75 36.45
C ARG K 77 -28.63 -38.29 36.30
N ILE K 78 -27.50 -37.93 36.90
CA ILE K 78 -27.08 -36.54 36.99
C ILE K 78 -26.08 -36.26 35.88
N ILE K 79 -26.45 -35.36 34.97
CA ILE K 79 -25.61 -35.06 33.82
C ILE K 79 -24.73 -33.87 34.16
N PRO K 80 -23.61 -33.69 33.47
CA PRO K 80 -22.72 -32.56 33.77
C PRO K 80 -23.41 -31.22 33.80
N ARG K 81 -24.53 -31.07 33.07
CA ARG K 81 -25.22 -29.79 33.05
C ARG K 81 -25.70 -29.40 34.44
N HIS K 82 -26.28 -30.36 35.17
CA HIS K 82 -26.67 -30.09 36.55
C HIS K 82 -25.49 -29.56 37.34
N LEU K 83 -24.33 -30.20 37.18
CA LEU K 83 -23.20 -29.83 38.01
C LEU K 83 -22.70 -28.45 37.66
N GLN K 84 -22.65 -28.14 36.37
CA GLN K 84 -22.27 -26.80 35.95
C GLN K 84 -23.22 -25.76 36.52
N LEU K 85 -24.52 -26.05 36.48
CA LEU K 85 -25.50 -25.11 37.01
C LEU K 85 -25.26 -24.87 38.49
N ALA K 86 -25.09 -25.96 39.25
CA ALA K 86 -24.81 -25.81 40.67
C ALA K 86 -23.52 -25.03 40.90
N VAL K 87 -22.52 -25.27 40.07
CA VAL K 87 -21.26 -24.55 40.18
C VAL K 87 -21.50 -23.06 40.06
N ARG K 88 -22.16 -22.66 38.98
CA ARG K 88 -22.49 -21.26 38.78
C ARG K 88 -23.63 -20.81 39.69
N ASN K 89 -24.09 -21.66 40.58
CA ASN K 89 -25.07 -21.27 41.57
C ASN K 89 -24.50 -21.07 42.96
N ASP K 90 -23.35 -21.68 43.27
CA ASP K 90 -22.66 -21.46 44.53
C ASP K 90 -21.58 -20.42 44.33
N GLU K 91 -21.68 -19.31 45.06
CA GLU K 91 -20.78 -18.18 44.84
C GLU K 91 -19.36 -18.51 45.29
N GLU K 92 -19.21 -19.10 46.49
CA GLU K 92 -17.87 -19.43 46.96
C GLU K 92 -17.28 -20.56 46.14
N LEU K 93 -18.07 -21.58 45.84
CA LEU K 93 -17.59 -22.64 44.97
C LEU K 93 -17.24 -22.10 43.60
N ASN K 94 -18.08 -21.21 43.07
CA ASN K 94 -17.78 -20.58 41.79
C ASN K 94 -16.44 -19.85 41.85
N LYS K 95 -16.26 -19.02 42.87
CA LYS K 95 -14.98 -18.34 43.08
C LYS K 95 -13.83 -19.33 43.08
N LEU K 96 -14.03 -20.48 43.72
CA LEU K 96 -13.00 -21.51 43.70
C LEU K 96 -12.80 -22.07 42.31
N LEU K 97 -13.84 -22.10 41.49
CA LEU K 97 -13.83 -22.81 40.22
C LEU K 97 -14.14 -21.92 39.03
N GLY K 98 -14.25 -20.61 39.23
CA GLY K 98 -14.49 -19.73 38.09
C GLY K 98 -13.36 -19.77 37.07
N ARG K 99 -12.15 -20.06 37.53
CA ARG K 99 -11.01 -20.22 36.64
C ARG K 99 -11.00 -21.60 35.98
N VAL K 100 -11.96 -22.46 36.32
CA VAL K 100 -12.01 -23.82 35.82
C VAL K 100 -13.07 -23.91 34.73
N THR K 101 -12.78 -24.69 33.70
CA THR K 101 -13.73 -24.95 32.64
C THR K 101 -14.38 -26.32 32.84
N ILE K 102 -15.58 -26.46 32.30
CA ILE K 102 -16.45 -27.59 32.61
C ILE K 102 -16.94 -28.19 31.31
N ALA K 103 -16.58 -29.46 31.08
CA ALA K 103 -17.05 -30.16 29.88
C ALA K 103 -18.55 -30.40 29.97
N GLN K 104 -19.23 -30.24 28.83
CA GLN K 104 -20.68 -30.33 28.77
C GLN K 104 -21.32 -29.44 29.84
N GLY K 105 -20.71 -28.28 30.05
CA GLY K 105 -21.20 -27.37 31.05
C GLY K 105 -22.24 -26.43 30.48
N GLY K 106 -21.99 -25.92 29.28
CA GLY K 106 -22.86 -24.89 28.78
C GLY K 106 -22.74 -23.64 29.62
N VAL K 107 -23.79 -22.84 29.63
CA VAL K 107 -23.84 -21.61 30.40
C VAL K 107 -25.10 -21.61 31.25
N LEU K 108 -24.94 -21.26 32.52
CA LEU K 108 -26.10 -21.10 33.37
C LEU K 108 -26.98 -19.98 32.83
N PRO K 109 -28.29 -20.16 32.80
CA PRO K 109 -29.18 -19.13 32.23
C PRO K 109 -28.97 -17.76 32.86
N ASN K 110 -28.46 -16.84 32.06
CA ASN K 110 -28.23 -15.47 32.50
C ASN K 110 -28.82 -14.53 31.45
N ILE K 111 -29.79 -13.72 31.85
CA ILE K 111 -30.51 -12.84 30.95
C ILE K 111 -30.21 -11.41 31.36
N GLN K 112 -29.85 -10.58 30.39
CA GLN K 112 -29.53 -9.19 30.68
C GLN K 112 -30.78 -8.32 30.55
N SER K 113 -30.75 -7.19 31.27
CA SER K 113 -31.93 -6.35 31.40
C SER K 113 -32.33 -5.75 30.05
N VAL K 114 -31.46 -4.94 29.46
CA VAL K 114 -31.75 -4.28 28.19
C VAL K 114 -32.04 -5.28 27.09
N LEU K 115 -31.71 -6.55 27.31
CA LEU K 115 -32.03 -7.60 26.34
C LEU K 115 -33.52 -7.86 26.24
N LEU K 116 -34.29 -7.52 27.27
CA LEU K 116 -35.70 -7.85 27.28
C LEU K 116 -36.47 -6.99 26.27
N PRO K 117 -37.54 -7.54 25.68
CA PRO K 117 -38.39 -6.75 24.79
C PRO K 117 -39.33 -5.84 25.57
N LYS K 118 -40.22 -5.17 24.86
CA LYS K 118 -41.20 -4.29 25.50
C LYS K 118 -42.49 -4.23 24.69
N THR L 30 -3.61 -52.23 32.00
CA THR L 30 -2.85 -51.37 32.90
C THR L 30 -3.69 -50.96 34.11
N ARG L 31 -3.19 -51.24 35.30
CA ARG L 31 -3.90 -50.92 36.53
C ARG L 31 -3.92 -49.40 36.69
N LYS L 32 -5.08 -48.80 36.47
CA LYS L 32 -5.27 -47.37 36.67
C LYS L 32 -6.12 -47.14 37.91
N GLU L 33 -5.73 -46.14 38.70
CA GLU L 33 -6.38 -45.84 39.96
C GLU L 33 -7.25 -44.59 39.84
N SER L 34 -8.37 -44.61 40.54
CA SER L 34 -9.33 -43.50 40.51
C SER L 34 -10.03 -43.45 41.86
N TYR L 35 -11.19 -42.79 41.90
CA TYR L 35 -11.92 -42.62 43.13
C TYR L 35 -13.43 -42.75 42.94
N ALA L 36 -13.88 -43.05 41.72
CA ALA L 36 -15.30 -43.06 41.42
C ALA L 36 -16.07 -44.00 42.34
N ILE L 37 -15.42 -45.05 42.83
CA ILE L 37 -16.08 -45.93 43.79
C ILE L 37 -16.40 -45.16 45.06
N TYR L 38 -15.43 -44.39 45.57
CA TYR L 38 -15.69 -43.59 46.75
C TYR L 38 -16.64 -42.46 46.43
N VAL L 39 -16.66 -42.01 45.18
CA VAL L 39 -17.68 -41.05 44.75
C VAL L 39 -19.07 -41.63 44.92
N TYR L 40 -19.27 -42.83 44.38
CA TYR L 40 -20.55 -43.52 44.54
C TYR L 40 -20.87 -43.73 46.01
N LYS L 41 -19.86 -44.07 46.80
CA LYS L 41 -20.05 -44.29 48.23
C LYS L 41 -20.60 -43.04 48.90
N VAL L 42 -19.87 -41.94 48.80
CA VAL L 42 -20.28 -40.71 49.46
C VAL L 42 -21.58 -40.18 48.86
N LEU L 43 -21.82 -40.46 47.57
CA LEU L 43 -23.10 -40.12 46.98
C LEU L 43 -24.23 -40.81 47.73
N LYS L 44 -24.18 -42.14 47.80
CA LYS L 44 -25.17 -42.87 48.57
C LYS L 44 -25.24 -42.34 50.00
N GLN L 45 -24.10 -41.89 50.53
CA GLN L 45 -24.06 -41.30 51.86
C GLN L 45 -24.87 -40.01 51.90
N VAL L 46 -24.97 -39.29 50.79
CA VAL L 46 -25.70 -38.04 50.74
C VAL L 46 -26.98 -38.17 49.91
N HIS L 47 -26.94 -38.97 48.84
CA HIS L 47 -28.10 -39.16 47.98
C HIS L 47 -28.12 -40.62 47.56
N PRO L 48 -28.92 -41.45 48.22
CA PRO L 48 -28.93 -42.88 47.90
C PRO L 48 -29.67 -43.20 46.61
N ASP L 49 -30.57 -42.34 46.17
CA ASP L 49 -31.47 -42.61 45.07
C ASP L 49 -31.06 -41.86 43.80
N THR L 50 -29.76 -41.74 43.57
CA THR L 50 -29.27 -40.90 42.48
C THR L 50 -28.22 -41.66 41.66
N GLY L 51 -28.22 -41.38 40.36
CA GLY L 51 -27.24 -41.91 39.45
C GLY L 51 -26.33 -40.80 38.94
N ILE L 52 -25.26 -41.21 38.29
CA ILE L 52 -24.28 -40.27 37.77
C ILE L 52 -23.90 -40.68 36.35
N SER L 53 -23.53 -39.70 35.54
CA SER L 53 -22.89 -39.97 34.26
C SER L 53 -21.43 -40.28 34.52
N SER L 54 -20.92 -41.36 33.91
CA SER L 54 -19.51 -41.66 34.02
C SER L 54 -18.66 -40.47 33.61
N LYS L 55 -19.14 -39.72 32.64
CA LYS L 55 -18.53 -38.44 32.29
C LYS L 55 -18.40 -37.57 33.54
N ALA L 56 -19.51 -37.36 34.25
CA ALA L 56 -19.48 -36.53 35.44
C ALA L 56 -18.55 -37.11 36.50
N MET L 57 -18.51 -38.43 36.62
CA MET L 57 -17.60 -39.04 37.57
C MET L 57 -16.16 -38.68 37.24
N SER L 58 -15.80 -38.80 35.96
CA SER L 58 -14.45 -38.44 35.55
C SER L 58 -14.18 -36.98 35.80
N ILE L 59 -15.18 -36.13 35.59
CA ILE L 59 -15.01 -34.70 35.86
C ILE L 59 -14.72 -34.48 37.34
N MET L 60 -15.52 -35.11 38.19
CA MET L 60 -15.33 -34.97 39.62
C MET L 60 -13.98 -35.50 40.05
N ASN L 61 -13.54 -36.61 39.46
CA ASN L 61 -12.25 -37.16 39.84
C ASN L 61 -11.13 -36.22 39.44
N SER L 62 -11.22 -35.66 38.23
CA SER L 62 -10.26 -34.63 37.82
C SER L 62 -10.27 -33.47 38.80
N PHE L 63 -11.45 -33.11 39.30
CA PHE L 63 -11.53 -32.05 40.29
C PHE L 63 -10.83 -32.43 41.58
N VAL L 64 -11.04 -33.67 42.02
CA VAL L 64 -10.33 -34.21 43.17
C VAL L 64 -8.84 -34.05 42.98
N ASN L 65 -8.34 -34.49 41.84
CA ASN L 65 -6.92 -34.40 41.57
C ASN L 65 -6.46 -32.94 41.61
N ASP L 66 -7.27 -32.05 41.06
CA ASP L 66 -6.89 -30.63 41.03
C ASP L 66 -6.73 -30.10 42.44
N VAL L 67 -7.75 -30.30 43.27
CA VAL L 67 -7.67 -29.76 44.64
C VAL L 67 -6.53 -30.42 45.40
N PHE L 68 -6.27 -31.70 45.13
CA PHE L 68 -5.20 -32.38 45.83
C PHE L 68 -3.85 -31.77 45.48
N GLU L 69 -3.58 -31.62 44.18
CA GLU L 69 -2.31 -31.02 43.79
C GLU L 69 -2.20 -29.60 44.31
N ARG L 70 -3.31 -28.86 44.28
CA ARG L 70 -3.29 -27.50 44.80
C ARG L 70 -2.82 -27.48 46.24
N ILE L 71 -3.54 -28.22 47.09
CA ILE L 71 -3.23 -28.18 48.51
C ILE L 71 -1.83 -28.70 48.78
N ALA L 72 -1.41 -29.72 48.03
CA ALA L 72 -0.09 -30.30 48.25
C ALA L 72 1.00 -29.31 47.89
N GLY L 73 0.88 -28.67 46.73
CA GLY L 73 1.87 -27.69 46.33
C GLY L 73 1.94 -26.53 47.32
N GLU L 74 0.78 -26.02 47.73
CA GLU L 74 0.78 -24.91 48.67
C GLU L 74 1.43 -25.31 49.98
N ALA L 75 1.14 -26.52 50.46
CA ALA L 75 1.73 -26.99 51.70
C ALA L 75 3.23 -27.11 51.58
N SER L 76 3.71 -27.71 50.49
CA SER L 76 5.14 -27.84 50.30
C SER L 76 5.79 -26.46 50.22
N ARG L 77 5.13 -25.51 49.58
CA ARG L 77 5.70 -24.17 49.44
C ARG L 77 5.81 -23.49 50.78
N LEU L 78 4.75 -23.56 51.59
CA LEU L 78 4.81 -22.92 52.89
C LEU L 78 5.85 -23.58 53.79
N ALA L 79 5.92 -24.92 53.76
CA ALA L 79 6.95 -25.61 54.51
C ALA L 79 8.33 -25.16 54.06
N HIS L 80 8.50 -24.93 52.76
CA HIS L 80 9.75 -24.37 52.27
C HIS L 80 9.99 -23.00 52.86
N TYR L 81 8.95 -22.18 52.93
CA TYR L 81 9.07 -20.89 53.60
C TYR L 81 9.42 -21.09 55.05
N ASN L 82 8.81 -22.07 55.69
CA ASN L 82 9.18 -22.46 57.03
C ASN L 82 10.39 -23.37 57.06
N LYS L 83 11.00 -23.63 55.90
CA LYS L 83 12.16 -24.49 55.79
C LYS L 83 11.89 -25.87 56.38
N ARG L 84 10.61 -26.25 56.44
CA ARG L 84 10.23 -27.53 57.02
C ARG L 84 10.27 -28.62 55.95
N SER L 85 10.80 -29.77 56.32
CA SER L 85 10.80 -30.94 55.47
C SER L 85 9.71 -31.92 55.86
N THR L 86 8.86 -31.53 56.81
CA THR L 86 7.80 -32.39 57.34
C THR L 86 6.48 -31.66 57.17
N ILE L 87 5.60 -32.24 56.34
CA ILE L 87 4.30 -31.66 56.09
C ILE L 87 3.29 -32.36 57.01
N THR L 88 2.76 -31.63 57.98
CA THR L 88 1.87 -32.18 58.99
C THR L 88 0.50 -31.51 58.90
N SER L 89 -0.39 -31.93 59.80
CA SER L 89 -1.78 -31.48 59.74
C SER L 89 -1.91 -29.99 59.98
N ARG L 90 -1.02 -29.40 60.76
CA ARG L 90 -1.05 -27.94 60.89
C ARG L 90 -0.87 -27.28 59.54
N GLU L 91 0.12 -27.75 58.78
CA GLU L 91 0.29 -27.29 57.41
C GLU L 91 -0.99 -27.50 56.61
N ILE L 92 -1.61 -28.67 56.77
CA ILE L 92 -2.83 -28.98 56.05
C ILE L 92 -3.87 -27.90 56.31
N GLN L 93 -4.19 -27.70 57.59
CA GLN L 93 -5.23 -26.76 57.97
C GLN L 93 -4.89 -25.36 57.48
N THR L 94 -3.65 -24.92 57.69
CA THR L 94 -3.27 -23.58 57.28
C THR L 94 -3.43 -23.40 55.78
N ALA L 95 -3.03 -24.40 55.00
CA ALA L 95 -3.10 -24.27 53.55
C ALA L 95 -4.54 -24.30 53.08
N VAL L 96 -5.38 -25.11 53.71
CA VAL L 96 -6.80 -25.10 53.37
C VAL L 96 -7.39 -23.72 53.65
N ARG L 97 -7.09 -23.16 54.82
CA ARG L 97 -7.56 -21.82 55.13
C ARG L 97 -7.09 -20.82 54.08
N LEU L 98 -5.84 -20.94 53.66
CA LEU L 98 -5.35 -20.11 52.57
C LEU L 98 -6.19 -20.32 51.31
N LEU L 99 -6.64 -21.54 51.09
CA LEU L 99 -7.37 -21.83 49.86
C LEU L 99 -8.87 -21.71 50.05
N LEU L 100 -9.40 -22.30 51.06
CA LEU L 100 -10.84 -22.22 50.96
C LEU L 100 -11.36 -20.96 51.62
N PRO L 101 -12.48 -20.43 51.10
CA PRO L 101 -13.04 -19.19 51.65
C PRO L 101 -14.07 -19.45 52.73
N GLY L 102 -14.00 -18.61 53.76
CA GLY L 102 -15.06 -18.52 54.75
C GLY L 102 -15.51 -19.86 55.29
N GLU L 103 -16.83 -20.05 55.31
CA GLU L 103 -17.39 -21.22 55.96
C GLU L 103 -16.95 -22.50 55.30
N LEU L 104 -16.67 -22.47 54.00
CA LEU L 104 -16.06 -23.63 53.37
C LEU L 104 -14.81 -24.04 54.12
N ALA L 105 -13.87 -23.10 54.29
CA ALA L 105 -12.65 -23.38 55.02
C ALA L 105 -12.94 -23.79 56.46
N LYS L 106 -13.88 -23.11 57.12
CA LYS L 106 -14.14 -23.40 58.52
C LYS L 106 -14.64 -24.83 58.69
N HIS L 107 -15.64 -25.20 57.90
CA HIS L 107 -16.18 -26.55 57.98
C HIS L 107 -15.12 -27.57 57.62
N ALA L 108 -14.31 -27.30 56.60
CA ALA L 108 -13.28 -28.25 56.22
C ALA L 108 -12.26 -28.43 57.33
N VAL L 109 -11.86 -27.34 57.98
CA VAL L 109 -10.93 -27.41 59.08
C VAL L 109 -11.51 -28.25 60.21
N SER L 110 -12.76 -27.96 60.57
CA SER L 110 -13.41 -28.72 61.64
C SER L 110 -13.48 -30.20 61.28
N GLU L 111 -13.79 -30.51 60.03
CA GLU L 111 -13.93 -31.91 59.63
C GLU L 111 -12.60 -32.63 59.68
N GLY L 112 -11.57 -32.03 59.10
CA GLY L 112 -10.25 -32.65 59.19
C GLY L 112 -9.79 -32.81 60.62
N THR L 113 -10.12 -31.83 61.47
CA THR L 113 -9.74 -31.91 62.87
C THR L 113 -10.43 -33.08 63.55
N LYS L 114 -11.74 -33.20 63.35
CA LYS L 114 -12.48 -34.32 63.92
C LYS L 114 -11.94 -35.64 63.43
N ALA L 115 -11.60 -35.73 62.14
CA ALA L 115 -11.14 -36.99 61.58
C ALA L 115 -9.78 -37.39 62.13
N VAL L 116 -8.85 -36.44 62.19
CA VAL L 116 -7.54 -36.77 62.73
C VAL L 116 -7.67 -37.08 64.22
N THR L 117 -8.60 -36.44 64.91
CA THR L 117 -8.85 -36.79 66.31
C THR L 117 -9.32 -38.24 66.41
N LYS L 118 -10.25 -38.62 65.54
CA LYS L 118 -10.76 -39.99 65.55
C LYS L 118 -9.63 -40.98 65.27
N TYR L 119 -8.81 -40.70 64.27
CA TYR L 119 -7.73 -41.62 63.95
C TYR L 119 -6.72 -41.70 65.08
N THR L 120 -6.39 -40.56 65.69
CA THR L 120 -5.44 -40.54 66.79
C THR L 120 -6.02 -41.17 68.05
N SER L 121 -7.34 -41.29 68.14
CA SER L 121 -7.96 -41.91 69.31
C SER L 121 -7.65 -43.39 69.42
N ALA L 122 -7.11 -44.00 68.37
CA ALA L 122 -6.74 -45.41 68.41
C ALA L 122 -5.47 -45.65 67.61
#